data_2WLU
# 
_entry.id   2WLU 
# 
_audit_conform.dict_name       mmcif_pdbx.dic 
_audit_conform.dict_version    5.391 
_audit_conform.dict_location   http://mmcif.pdb.org/dictionaries/ascii/mmcif_pdbx.dic 
# 
loop_
_database_2.database_id 
_database_2.database_code 
_database_2.pdbx_database_accession 
_database_2.pdbx_DOI 
PDB   2WLU         pdb_00002wlu 10.2210/pdb2wlu/pdb 
PDBE  EBI-40216    ?            ?                   
WWPDB D_1290040216 ?            ?                   
# 
loop_
_pdbx_audit_revision_history.ordinal 
_pdbx_audit_revision_history.data_content_type 
_pdbx_audit_revision_history.major_revision 
_pdbx_audit_revision_history.minor_revision 
_pdbx_audit_revision_history.revision_date 
1 'Structure model' 1 0 2009-09-15 
2 'Structure model' 1 1 2011-05-08 
3 'Structure model' 1 2 2011-07-13 
4 'Structure model' 1 3 2019-07-24 
5 'Structure model' 1 4 2024-05-08 
# 
_pdbx_audit_revision_details.ordinal             1 
_pdbx_audit_revision_details.revision_ordinal    1 
_pdbx_audit_revision_details.data_content_type   'Structure model' 
_pdbx_audit_revision_details.provider            repository 
_pdbx_audit_revision_details.type                'Initial release' 
_pdbx_audit_revision_details.description         ? 
_pdbx_audit_revision_details.details             ? 
# 
loop_
_pdbx_audit_revision_group.ordinal 
_pdbx_audit_revision_group.revision_ordinal 
_pdbx_audit_revision_group.data_content_type 
_pdbx_audit_revision_group.group 
1 2 'Structure model' 'Version format compliance' 
2 3 'Structure model' 'Version format compliance' 
3 4 'Structure model' 'Data collection'           
4 5 'Structure model' 'Data collection'           
5 5 'Structure model' 'Database references'       
6 5 'Structure model' 'Derived calculations'      
7 5 'Structure model' Other                       
# 
loop_
_pdbx_audit_revision_category.ordinal 
_pdbx_audit_revision_category.revision_ordinal 
_pdbx_audit_revision_category.data_content_type 
_pdbx_audit_revision_category.category 
1 4 'Structure model' diffrn_source          
2 5 'Structure model' chem_comp_atom         
3 5 'Structure model' chem_comp_bond         
4 5 'Structure model' database_2             
5 5 'Structure model' pdbx_database_status   
6 5 'Structure model' pdbx_struct_conn_angle 
7 5 'Structure model' struct_conn            
8 5 'Structure model' struct_site            
# 
loop_
_pdbx_audit_revision_item.ordinal 
_pdbx_audit_revision_item.revision_ordinal 
_pdbx_audit_revision_item.data_content_type 
_pdbx_audit_revision_item.item 
1  4 'Structure model' '_diffrn_source.pdbx_synchrotron_site'        
2  5 'Structure model' '_database_2.pdbx_DOI'                        
3  5 'Structure model' '_database_2.pdbx_database_accession'         
4  5 'Structure model' '_pdbx_database_status.status_code_sf'        
5  5 'Structure model' '_pdbx_struct_conn_angle.ptnr1_auth_comp_id'  
6  5 'Structure model' '_pdbx_struct_conn_angle.ptnr1_auth_seq_id'   
7  5 'Structure model' '_pdbx_struct_conn_angle.ptnr1_label_asym_id' 
8  5 'Structure model' '_pdbx_struct_conn_angle.ptnr1_label_atom_id' 
9  5 'Structure model' '_pdbx_struct_conn_angle.ptnr1_label_comp_id' 
10 5 'Structure model' '_pdbx_struct_conn_angle.ptnr1_label_seq_id'  
11 5 'Structure model' '_pdbx_struct_conn_angle.ptnr1_symmetry'      
12 5 'Structure model' '_pdbx_struct_conn_angle.ptnr2_auth_comp_id'  
13 5 'Structure model' '_pdbx_struct_conn_angle.ptnr2_auth_seq_id'   
14 5 'Structure model' '_pdbx_struct_conn_angle.ptnr2_label_asym_id' 
15 5 'Structure model' '_pdbx_struct_conn_angle.ptnr2_label_atom_id' 
16 5 'Structure model' '_pdbx_struct_conn_angle.ptnr2_label_comp_id' 
17 5 'Structure model' '_pdbx_struct_conn_angle.ptnr3_auth_comp_id'  
18 5 'Structure model' '_pdbx_struct_conn_angle.ptnr3_auth_seq_id'   
19 5 'Structure model' '_pdbx_struct_conn_angle.ptnr3_label_asym_id' 
20 5 'Structure model' '_pdbx_struct_conn_angle.ptnr3_label_atom_id' 
21 5 'Structure model' '_pdbx_struct_conn_angle.ptnr3_label_comp_id' 
22 5 'Structure model' '_pdbx_struct_conn_angle.ptnr3_label_seq_id'  
23 5 'Structure model' '_pdbx_struct_conn_angle.ptnr3_symmetry'      
24 5 'Structure model' '_pdbx_struct_conn_angle.value'               
25 5 'Structure model' '_struct_conn.pdbx_dist_value'                
26 5 'Structure model' '_struct_conn.ptnr1_auth_comp_id'             
27 5 'Structure model' '_struct_conn.ptnr1_auth_seq_id'              
28 5 'Structure model' '_struct_conn.ptnr1_label_asym_id'            
29 5 'Structure model' '_struct_conn.ptnr1_label_atom_id'            
30 5 'Structure model' '_struct_conn.ptnr1_label_comp_id'            
31 5 'Structure model' '_struct_conn.ptnr1_label_seq_id'             
32 5 'Structure model' '_struct_conn.ptnr1_symmetry'                 
33 5 'Structure model' '_struct_conn.ptnr2_auth_comp_id'             
34 5 'Structure model' '_struct_conn.ptnr2_auth_seq_id'              
35 5 'Structure model' '_struct_conn.ptnr2_label_asym_id'            
36 5 'Structure model' '_struct_conn.ptnr2_label_atom_id'            
37 5 'Structure model' '_struct_conn.ptnr2_label_comp_id'            
38 5 'Structure model' '_struct_conn.ptnr2_label_seq_id'             
39 5 'Structure model' '_struct_conn.ptnr2_symmetry'                 
40 5 'Structure model' '_struct_site.pdbx_auth_asym_id'              
41 5 'Structure model' '_struct_site.pdbx_auth_comp_id'              
42 5 'Structure model' '_struct_site.pdbx_auth_seq_id'               
# 
_pdbx_database_status.status_code                     REL 
_pdbx_database_status.entry_id                        2WLU 
_pdbx_database_status.deposit_site                    PDBE 
_pdbx_database_status.process_site                    PDBE 
_pdbx_database_status.SG_entry                        . 
_pdbx_database_status.recvd_initial_deposition_date   2009-06-26 
_pdbx_database_status.pdb_format_compatible           Y 
_pdbx_database_status.status_code_sf                  REL 
_pdbx_database_status.status_code_mr                  ? 
_pdbx_database_status.status_code_cs                  ? 
_pdbx_database_status.methods_development_category    ? 
_pdbx_database_status.status_code_nmr_data            ? 
# 
loop_
_audit_author.name 
_audit_author.pdbx_ordinal 
'Haikarainen, T.'    1 
'Tsou, C.-C.'        2 
'Wu, J.-J.'          3 
'Papageorgiou, A.C.' 4 
# 
loop_
_citation.id 
_citation.title 
_citation.journal_abbrev 
_citation.journal_volume 
_citation.page_first 
_citation.page_last 
_citation.year 
_citation.journal_id_ASTM 
_citation.country 
_citation.journal_id_ISSN 
_citation.journal_id_CSD 
_citation.book_publisher 
_citation.pdbx_database_id_PubMed 
_citation.pdbx_database_id_DOI 
primary 'Crystal Structures of Streptococcus Pyogenes Dpr Reveal a Dodecameric Iron-Binding Protein with a Ferroxidase Site.' 
J.Biol.Inorg.Chem. 15 183  ? 2010 JJBCFA GW 0949-8257 2154 ? 19727858 10.1007/S00775-009-0582-9 
1       
'An Iron-Binding Protein, Dpr, Decreases Hydrogen Peroxide Stress and Protects Streptococcus Pyogenes Against Multiple Stresses.' 
Infect.Immun.      76 4038 ? 2008 ?      US 0019-9567 999  ? 18541662 10.1128/IAI.00477-08      
# 
loop_
_citation_author.citation_id 
_citation_author.name 
_citation_author.ordinal 
_citation_author.identifier_ORCID 
primary 'Haikarainen, T.'    1  ? 
primary 'Tsou, C.-C.'        2  ? 
primary 'Wu, J.-J.'          3  ? 
primary 'Papageorgiou, A.C.' 4  ? 
1       'Tsou, C.'           5  ? 
1       'Chiang-Ni, C.'      6  ? 
1       'Lin, Y.'            7  ? 
1       'Chuang, W.'         8  ? 
1       'Lin, M.'            9  ? 
1       'Liu, C.'            10 ? 
1       'Wu, J.'             11 ? 
# 
loop_
_entity.id 
_entity.type 
_entity.src_method 
_entity.pdbx_description 
_entity.formula_weight 
_entity.pdbx_number_of_molecules 
_entity.pdbx_ec 
_entity.pdbx_mutation 
_entity.pdbx_fragment 
_entity.details 
1 polymer     man 'DPS-LIKE PEROXIDE RESISTANCE PROTEIN' 19336.750 1   1.16.3.1 ? ? ? 
2 non-polymer syn 'SODIUM ION'                           22.990    1   ?        ? ? ? 
3 non-polymer syn 'FE (III) ION'                         55.845    1   ?        ? ? ? 
4 non-polymer syn GLYCEROL                               92.094    3   ?        ? ? ? 
5 water       nat water                                  18.015    223 ?        ? ? ? 
# 
_entity_name_com.entity_id   1 
_entity_name_com.name        'NON-SPECIFIC DNA-BINDING PROTEIN' 
# 
_entity_poly.entity_id                      1 
_entity_poly.type                           'polypeptide(L)' 
_entity_poly.nstd_linkage                   no 
_entity_poly.nstd_monomer                   no 
_entity_poly.pdbx_seq_one_letter_code       
;MTNTLVENIYASVTHNISKKEASKNEKTKAVLNQAVADLSVAASIVHQVHWYMRGPGFLYLHPKMDELLDSLNANLDEVS
ERLITIGGAPYSTLAEFSKHSKLDEAKGTYDKTVAQHLARLVEVYLYLSSLYQVGLDITDEEGDAGTNDLFTAAKTEAEK
TIWMLQAERGQGPAL
;
_entity_poly.pdbx_seq_one_letter_code_can   
;MTNTLVENIYASVTHNISKKEASKNEKTKAVLNQAVADLSVAASIVHQVHWYMRGPGFLYLHPKMDELLDSLNANLDEVS
ERLITIGGAPYSTLAEFSKHSKLDEAKGTYDKTVAQHLARLVEVYLYLSSLYQVGLDITDEEGDAGTNDLFTAAKTEAEK
TIWMLQAERGQGPAL
;
_entity_poly.pdbx_strand_id                 A 
_entity_poly.pdbx_target_identifier         ? 
# 
loop_
_pdbx_entity_nonpoly.entity_id 
_pdbx_entity_nonpoly.name 
_pdbx_entity_nonpoly.comp_id 
2 'SODIUM ION'   NA  
3 'FE (III) ION' FE  
4 GLYCEROL       GOL 
5 water          HOH 
# 
loop_
_entity_poly_seq.entity_id 
_entity_poly_seq.num 
_entity_poly_seq.mon_id 
_entity_poly_seq.hetero 
1 1   MET n 
1 2   THR n 
1 3   ASN n 
1 4   THR n 
1 5   LEU n 
1 6   VAL n 
1 7   GLU n 
1 8   ASN n 
1 9   ILE n 
1 10  TYR n 
1 11  ALA n 
1 12  SER n 
1 13  VAL n 
1 14  THR n 
1 15  HIS n 
1 16  ASN n 
1 17  ILE n 
1 18  SER n 
1 19  LYS n 
1 20  LYS n 
1 21  GLU n 
1 22  ALA n 
1 23  SER n 
1 24  LYS n 
1 25  ASN n 
1 26  GLU n 
1 27  LYS n 
1 28  THR n 
1 29  LYS n 
1 30  ALA n 
1 31  VAL n 
1 32  LEU n 
1 33  ASN n 
1 34  GLN n 
1 35  ALA n 
1 36  VAL n 
1 37  ALA n 
1 38  ASP n 
1 39  LEU n 
1 40  SER n 
1 41  VAL n 
1 42  ALA n 
1 43  ALA n 
1 44  SER n 
1 45  ILE n 
1 46  VAL n 
1 47  HIS n 
1 48  GLN n 
1 49  VAL n 
1 50  HIS n 
1 51  TRP n 
1 52  TYR n 
1 53  MET n 
1 54  ARG n 
1 55  GLY n 
1 56  PRO n 
1 57  GLY n 
1 58  PHE n 
1 59  LEU n 
1 60  TYR n 
1 61  LEU n 
1 62  HIS n 
1 63  PRO n 
1 64  LYS n 
1 65  MET n 
1 66  ASP n 
1 67  GLU n 
1 68  LEU n 
1 69  LEU n 
1 70  ASP n 
1 71  SER n 
1 72  LEU n 
1 73  ASN n 
1 74  ALA n 
1 75  ASN n 
1 76  LEU n 
1 77  ASP n 
1 78  GLU n 
1 79  VAL n 
1 80  SER n 
1 81  GLU n 
1 82  ARG n 
1 83  LEU n 
1 84  ILE n 
1 85  THR n 
1 86  ILE n 
1 87  GLY n 
1 88  GLY n 
1 89  ALA n 
1 90  PRO n 
1 91  TYR n 
1 92  SER n 
1 93  THR n 
1 94  LEU n 
1 95  ALA n 
1 96  GLU n 
1 97  PHE n 
1 98  SER n 
1 99  LYS n 
1 100 HIS n 
1 101 SER n 
1 102 LYS n 
1 103 LEU n 
1 104 ASP n 
1 105 GLU n 
1 106 ALA n 
1 107 LYS n 
1 108 GLY n 
1 109 THR n 
1 110 TYR n 
1 111 ASP n 
1 112 LYS n 
1 113 THR n 
1 114 VAL n 
1 115 ALA n 
1 116 GLN n 
1 117 HIS n 
1 118 LEU n 
1 119 ALA n 
1 120 ARG n 
1 121 LEU n 
1 122 VAL n 
1 123 GLU n 
1 124 VAL n 
1 125 TYR n 
1 126 LEU n 
1 127 TYR n 
1 128 LEU n 
1 129 SER n 
1 130 SER n 
1 131 LEU n 
1 132 TYR n 
1 133 GLN n 
1 134 VAL n 
1 135 GLY n 
1 136 LEU n 
1 137 ASP n 
1 138 ILE n 
1 139 THR n 
1 140 ASP n 
1 141 GLU n 
1 142 GLU n 
1 143 GLY n 
1 144 ASP n 
1 145 ALA n 
1 146 GLY n 
1 147 THR n 
1 148 ASN n 
1 149 ASP n 
1 150 LEU n 
1 151 PHE n 
1 152 THR n 
1 153 ALA n 
1 154 ALA n 
1 155 LYS n 
1 156 THR n 
1 157 GLU n 
1 158 ALA n 
1 159 GLU n 
1 160 LYS n 
1 161 THR n 
1 162 ILE n 
1 163 TRP n 
1 164 MET n 
1 165 LEU n 
1 166 GLN n 
1 167 ALA n 
1 168 GLU n 
1 169 ARG n 
1 170 GLY n 
1 171 GLN n 
1 172 GLY n 
1 173 PRO n 
1 174 ALA n 
1 175 LEU n 
# 
_entity_src_gen.entity_id                          1 
_entity_src_gen.pdbx_src_id                        1 
_entity_src_gen.pdbx_alt_source_flag               sample 
_entity_src_gen.pdbx_seq_type                      ? 
_entity_src_gen.pdbx_beg_seq_num                   ? 
_entity_src_gen.pdbx_end_seq_num                   ? 
_entity_src_gen.gene_src_common_name               ? 
_entity_src_gen.gene_src_genus                     ? 
_entity_src_gen.pdbx_gene_src_gene                 ? 
_entity_src_gen.gene_src_species                   ? 
_entity_src_gen.gene_src_strain                    ? 
_entity_src_gen.gene_src_tissue                    ? 
_entity_src_gen.gene_src_tissue_fraction           ? 
_entity_src_gen.gene_src_details                   ? 
_entity_src_gen.pdbx_gene_src_fragment             ? 
_entity_src_gen.pdbx_gene_src_scientific_name      'STREPTOCOCCUS PYOGENES' 
_entity_src_gen.pdbx_gene_src_ncbi_taxonomy_id     1314 
_entity_src_gen.pdbx_gene_src_variant              ? 
_entity_src_gen.pdbx_gene_src_cell_line            ? 
_entity_src_gen.pdbx_gene_src_atcc                 ? 
_entity_src_gen.pdbx_gene_src_organ                ? 
_entity_src_gen.pdbx_gene_src_organelle            ? 
_entity_src_gen.pdbx_gene_src_cell                 ? 
_entity_src_gen.pdbx_gene_src_cellular_location    ? 
_entity_src_gen.host_org_common_name               ? 
_entity_src_gen.pdbx_host_org_scientific_name      'ESCHERICHIA COLI' 
_entity_src_gen.pdbx_host_org_ncbi_taxonomy_id     562 
_entity_src_gen.host_org_genus                     ? 
_entity_src_gen.pdbx_host_org_gene                 ? 
_entity_src_gen.pdbx_host_org_organ                ? 
_entity_src_gen.host_org_species                   ? 
_entity_src_gen.pdbx_host_org_tissue               ? 
_entity_src_gen.pdbx_host_org_tissue_fraction      ? 
_entity_src_gen.pdbx_host_org_strain               ? 
_entity_src_gen.pdbx_host_org_variant              ? 
_entity_src_gen.pdbx_host_org_cell_line            ? 
_entity_src_gen.pdbx_host_org_atcc                 ? 
_entity_src_gen.pdbx_host_org_culture_collection   ? 
_entity_src_gen.pdbx_host_org_cell                 ? 
_entity_src_gen.pdbx_host_org_organelle            ? 
_entity_src_gen.pdbx_host_org_cellular_location    ? 
_entity_src_gen.pdbx_host_org_vector_type          ? 
_entity_src_gen.pdbx_host_org_vector               ? 
_entity_src_gen.host_org_details                   ? 
_entity_src_gen.expression_system_id               ? 
_entity_src_gen.plasmid_name                       ? 
_entity_src_gen.plasmid_details                    ? 
_entity_src_gen.pdbx_description                   ? 
# 
loop_
_chem_comp.id 
_chem_comp.type 
_chem_comp.mon_nstd_flag 
_chem_comp.name 
_chem_comp.pdbx_synonyms 
_chem_comp.formula 
_chem_comp.formula_weight 
ALA 'L-peptide linking' y ALANINE         ?                               'C3 H7 N O2'     89.093  
ARG 'L-peptide linking' y ARGININE        ?                               'C6 H15 N4 O2 1' 175.209 
ASN 'L-peptide linking' y ASPARAGINE      ?                               'C4 H8 N2 O3'    132.118 
ASP 'L-peptide linking' y 'ASPARTIC ACID' ?                               'C4 H7 N O4'     133.103 
FE  non-polymer         . 'FE (III) ION'  ?                               'Fe 3'           55.845  
GLN 'L-peptide linking' y GLUTAMINE       ?                               'C5 H10 N2 O3'   146.144 
GLU 'L-peptide linking' y 'GLUTAMIC ACID' ?                               'C5 H9 N O4'     147.129 
GLY 'peptide linking'   y GLYCINE         ?                               'C2 H5 N O2'     75.067  
GOL non-polymer         . GLYCEROL        'GLYCERIN; PROPANE-1,2,3-TRIOL' 'C3 H8 O3'       92.094  
HIS 'L-peptide linking' y HISTIDINE       ?                               'C6 H10 N3 O2 1' 156.162 
HOH non-polymer         . WATER           ?                               'H2 O'           18.015  
ILE 'L-peptide linking' y ISOLEUCINE      ?                               'C6 H13 N O2'    131.173 
LEU 'L-peptide linking' y LEUCINE         ?                               'C6 H13 N O2'    131.173 
LYS 'L-peptide linking' y LYSINE          ?                               'C6 H15 N2 O2 1' 147.195 
MET 'L-peptide linking' y METHIONINE      ?                               'C5 H11 N O2 S'  149.211 
NA  non-polymer         . 'SODIUM ION'    ?                               'Na 1'           22.990  
PHE 'L-peptide linking' y PHENYLALANINE   ?                               'C9 H11 N O2'    165.189 
PRO 'L-peptide linking' y PROLINE         ?                               'C5 H9 N O2'     115.130 
SER 'L-peptide linking' y SERINE          ?                               'C3 H7 N O3'     105.093 
THR 'L-peptide linking' y THREONINE       ?                               'C4 H9 N O3'     119.119 
TRP 'L-peptide linking' y TRYPTOPHAN      ?                               'C11 H12 N2 O2'  204.225 
TYR 'L-peptide linking' y TYROSINE        ?                               'C9 H11 N O3'    181.189 
VAL 'L-peptide linking' y VALINE          ?                               'C5 H11 N O2'    117.146 
# 
loop_
_pdbx_poly_seq_scheme.asym_id 
_pdbx_poly_seq_scheme.entity_id 
_pdbx_poly_seq_scheme.seq_id 
_pdbx_poly_seq_scheme.mon_id 
_pdbx_poly_seq_scheme.ndb_seq_num 
_pdbx_poly_seq_scheme.pdb_seq_num 
_pdbx_poly_seq_scheme.auth_seq_num 
_pdbx_poly_seq_scheme.pdb_mon_id 
_pdbx_poly_seq_scheme.auth_mon_id 
_pdbx_poly_seq_scheme.pdb_strand_id 
_pdbx_poly_seq_scheme.pdb_ins_code 
_pdbx_poly_seq_scheme.hetero 
A 1 1   MET 1   1   ?   ?   ?   A . n 
A 1 2   THR 2   2   ?   ?   ?   A . n 
A 1 3   ASN 3   3   ?   ?   ?   A . n 
A 1 4   THR 4   4   4   THR THR A . n 
A 1 5   LEU 5   5   5   LEU LEU A . n 
A 1 6   VAL 6   6   6   VAL VAL A . n 
A 1 7   GLU 7   7   7   GLU GLU A . n 
A 1 8   ASN 8   8   8   ASN ASN A . n 
A 1 9   ILE 9   9   9   ILE ILE A . n 
A 1 10  TYR 10  10  10  TYR TYR A . n 
A 1 11  ALA 11  11  11  ALA ALA A . n 
A 1 12  SER 12  12  12  SER SER A . n 
A 1 13  VAL 13  13  13  VAL VAL A . n 
A 1 14  THR 14  14  14  THR THR A . n 
A 1 15  HIS 15  15  15  HIS HIS A . n 
A 1 16  ASN 16  16  16  ASN ASN A . n 
A 1 17  ILE 17  17  ?   ?   ?   A . n 
A 1 18  SER 18  18  ?   ?   ?   A . n 
A 1 19  LYS 19  19  ?   ?   ?   A . n 
A 1 20  LYS 20  20  ?   ?   ?   A . n 
A 1 21  GLU 21  21  ?   ?   ?   A . n 
A 1 22  ALA 22  22  ?   ?   ?   A . n 
A 1 23  SER 23  23  23  SER SER A . n 
A 1 24  LYS 24  24  24  LYS LYS A . n 
A 1 25  ASN 25  25  25  ASN ASN A . n 
A 1 26  GLU 26  26  26  GLU GLU A . n 
A 1 27  LYS 27  27  27  LYS LYS A . n 
A 1 28  THR 28  28  28  THR THR A . n 
A 1 29  LYS 29  29  29  LYS LYS A . n 
A 1 30  ALA 30  30  30  ALA ALA A . n 
A 1 31  VAL 31  31  31  VAL VAL A . n 
A 1 32  LEU 32  32  32  LEU LEU A . n 
A 1 33  ASN 33  33  33  ASN ASN A . n 
A 1 34  GLN 34  34  34  GLN GLN A . n 
A 1 35  ALA 35  35  35  ALA ALA A . n 
A 1 36  VAL 36  36  36  VAL VAL A . n 
A 1 37  ALA 37  37  37  ALA ALA A . n 
A 1 38  ASP 38  38  38  ASP ASP A . n 
A 1 39  LEU 39  39  39  LEU LEU A . n 
A 1 40  SER 40  40  40  SER SER A . n 
A 1 41  VAL 41  41  41  VAL VAL A . n 
A 1 42  ALA 42  42  42  ALA ALA A . n 
A 1 43  ALA 43  43  43  ALA ALA A . n 
A 1 44  SER 44  44  44  SER SER A . n 
A 1 45  ILE 45  45  45  ILE ILE A . n 
A 1 46  VAL 46  46  46  VAL VAL A . n 
A 1 47  HIS 47  47  47  HIS HIS A . n 
A 1 48  GLN 48  48  48  GLN GLN A . n 
A 1 49  VAL 49  49  49  VAL VAL A . n 
A 1 50  HIS 50  50  50  HIS HIS A . n 
A 1 51  TRP 51  51  51  TRP TRP A . n 
A 1 52  TYR 52  52  52  TYR TYR A . n 
A 1 53  MET 53  53  53  MET MET A . n 
A 1 54  ARG 54  54  54  ARG ARG A . n 
A 1 55  GLY 55  55  55  GLY GLY A . n 
A 1 56  PRO 56  56  56  PRO PRO A . n 
A 1 57  GLY 57  57  57  GLY GLY A . n 
A 1 58  PHE 58  58  58  PHE PHE A . n 
A 1 59  LEU 59  59  59  LEU LEU A . n 
A 1 60  TYR 60  60  60  TYR TYR A . n 
A 1 61  LEU 61  61  61  LEU LEU A . n 
A 1 62  HIS 62  62  62  HIS HIS A . n 
A 1 63  PRO 63  63  63  PRO PRO A . n 
A 1 64  LYS 64  64  64  LYS LYS A . n 
A 1 65  MET 65  65  65  MET MET A . n 
A 1 66  ASP 66  66  66  ASP ASP A . n 
A 1 67  GLU 67  67  67  GLU GLU A . n 
A 1 68  LEU 68  68  68  LEU LEU A . n 
A 1 69  LEU 69  69  69  LEU LEU A . n 
A 1 70  ASP 70  70  70  ASP ASP A . n 
A 1 71  SER 71  71  71  SER SER A . n 
A 1 72  LEU 72  72  72  LEU LEU A . n 
A 1 73  ASN 73  73  73  ASN ASN A . n 
A 1 74  ALA 74  74  74  ALA ALA A . n 
A 1 75  ASN 75  75  75  ASN ASN A . n 
A 1 76  LEU 76  76  76  LEU LEU A . n 
A 1 77  ASP 77  77  77  ASP ASP A . n 
A 1 78  GLU 78  78  78  GLU GLU A . n 
A 1 79  VAL 79  79  79  VAL VAL A . n 
A 1 80  SER 80  80  80  SER SER A . n 
A 1 81  GLU 81  81  81  GLU GLU A . n 
A 1 82  ARG 82  82  82  ARG ARG A . n 
A 1 83  LEU 83  83  83  LEU LEU A . n 
A 1 84  ILE 84  84  84  ILE ILE A . n 
A 1 85  THR 85  85  85  THR THR A . n 
A 1 86  ILE 86  86  86  ILE ILE A . n 
A 1 87  GLY 87  87  87  GLY GLY A . n 
A 1 88  GLY 88  88  88  GLY GLY A . n 
A 1 89  ALA 89  89  89  ALA ALA A . n 
A 1 90  PRO 90  90  90  PRO PRO A . n 
A 1 91  TYR 91  91  91  TYR TYR A . n 
A 1 92  SER 92  92  92  SER SER A . n 
A 1 93  THR 93  93  93  THR THR A . n 
A 1 94  LEU 94  94  94  LEU LEU A . n 
A 1 95  ALA 95  95  95  ALA ALA A . n 
A 1 96  GLU 96  96  96  GLU GLU A . n 
A 1 97  PHE 97  97  97  PHE PHE A . n 
A 1 98  SER 98  98  98  SER SER A . n 
A 1 99  LYS 99  99  99  LYS LYS A . n 
A 1 100 HIS 100 100 100 HIS HIS A . n 
A 1 101 SER 101 101 101 SER SER A . n 
A 1 102 LYS 102 102 102 LYS LYS A . n 
A 1 103 LEU 103 103 103 LEU LEU A . n 
A 1 104 ASP 104 104 104 ASP ASP A . n 
A 1 105 GLU 105 105 105 GLU GLU A . n 
A 1 106 ALA 106 106 106 ALA ALA A . n 
A 1 107 LYS 107 107 107 LYS LYS A . n 
A 1 108 GLY 108 108 108 GLY GLY A . n 
A 1 109 THR 109 109 109 THR THR A . n 
A 1 110 TYR 110 110 110 TYR TYR A . n 
A 1 111 ASP 111 111 111 ASP ASP A . n 
A 1 112 LYS 112 112 112 LYS LYS A . n 
A 1 113 THR 113 113 113 THR THR A . n 
A 1 114 VAL 114 114 114 VAL VAL A . n 
A 1 115 ALA 115 115 115 ALA ALA A . n 
A 1 116 GLN 116 116 116 GLN GLN A . n 
A 1 117 HIS 117 117 117 HIS HIS A . n 
A 1 118 LEU 118 118 118 LEU LEU A . n 
A 1 119 ALA 119 119 119 ALA ALA A . n 
A 1 120 ARG 120 120 120 ARG ARG A . n 
A 1 121 LEU 121 121 121 LEU LEU A . n 
A 1 122 VAL 122 122 122 VAL VAL A . n 
A 1 123 GLU 123 123 123 GLU GLU A . n 
A 1 124 VAL 124 124 124 VAL VAL A . n 
A 1 125 TYR 125 125 125 TYR TYR A . n 
A 1 126 LEU 126 126 126 LEU LEU A . n 
A 1 127 TYR 127 127 127 TYR TYR A . n 
A 1 128 LEU 128 128 128 LEU LEU A . n 
A 1 129 SER 129 129 129 SER SER A . n 
A 1 130 SER 130 130 130 SER SER A . n 
A 1 131 LEU 131 131 131 LEU LEU A . n 
A 1 132 TYR 132 132 132 TYR TYR A . n 
A 1 133 GLN 133 133 133 GLN GLN A . n 
A 1 134 VAL 134 134 134 VAL VAL A . n 
A 1 135 GLY 135 135 135 GLY GLY A . n 
A 1 136 LEU 136 136 136 LEU LEU A . n 
A 1 137 ASP 137 137 137 ASP ASP A . n 
A 1 138 ILE 138 138 138 ILE ILE A . n 
A 1 139 THR 139 139 139 THR THR A . n 
A 1 140 ASP 140 140 140 ASP ASP A . n 
A 1 141 GLU 141 141 141 GLU GLU A . n 
A 1 142 GLU 142 142 142 GLU GLU A . n 
A 1 143 GLY 143 143 143 GLY GLY A . n 
A 1 144 ASP 144 144 144 ASP ASP A . n 
A 1 145 ALA 145 145 145 ALA ALA A . n 
A 1 146 GLY 146 146 146 GLY GLY A . n 
A 1 147 THR 147 147 147 THR THR A . n 
A 1 148 ASN 148 148 148 ASN ASN A . n 
A 1 149 ASP 149 149 149 ASP ASP A . n 
A 1 150 LEU 150 150 150 LEU LEU A . n 
A 1 151 PHE 151 151 151 PHE PHE A . n 
A 1 152 THR 152 152 152 THR THR A . n 
A 1 153 ALA 153 153 153 ALA ALA A . n 
A 1 154 ALA 154 154 154 ALA ALA A . n 
A 1 155 LYS 155 155 155 LYS LYS A . n 
A 1 156 THR 156 156 156 THR THR A . n 
A 1 157 GLU 157 157 157 GLU GLU A . n 
A 1 158 ALA 158 158 158 ALA ALA A . n 
A 1 159 GLU 159 159 159 GLU GLU A . n 
A 1 160 LYS 160 160 160 LYS LYS A . n 
A 1 161 THR 161 161 161 THR THR A . n 
A 1 162 ILE 162 162 162 ILE ILE A . n 
A 1 163 TRP 163 163 163 TRP TRP A . n 
A 1 164 MET 164 164 164 MET MET A . n 
A 1 165 LEU 165 165 165 LEU LEU A . n 
A 1 166 GLN 166 166 166 GLN GLN A . n 
A 1 167 ALA 167 167 167 ALA ALA A . n 
A 1 168 GLU 168 168 168 GLU GLU A . n 
A 1 169 ARG 169 169 169 ARG ARG A . n 
A 1 170 GLY 170 170 170 GLY GLY A . n 
A 1 171 GLN 171 171 171 GLN GLN A . n 
A 1 172 GLY 172 172 172 GLY GLY A . n 
A 1 173 PRO 173 173 173 PRO PRO A . n 
A 1 174 ALA 174 174 174 ALA ALA A . n 
A 1 175 LEU 175 175 175 LEU LEU A . n 
# 
loop_
_pdbx_nonpoly_scheme.asym_id 
_pdbx_nonpoly_scheme.entity_id 
_pdbx_nonpoly_scheme.mon_id 
_pdbx_nonpoly_scheme.ndb_seq_num 
_pdbx_nonpoly_scheme.pdb_seq_num 
_pdbx_nonpoly_scheme.auth_seq_num 
_pdbx_nonpoly_scheme.pdb_mon_id 
_pdbx_nonpoly_scheme.auth_mon_id 
_pdbx_nonpoly_scheme.pdb_strand_id 
_pdbx_nonpoly_scheme.pdb_ins_code 
B 2 NA  1   1175 1175 NA  NA  A . 
C 3 FE  1   1176 1176 FE  FE  A . 
D 4 GOL 1   1177 1177 GOL GOL A . 
E 4 GOL 1   1178 1178 GOL GOL A . 
F 4 GOL 1   1179 1179 GOL GOL A . 
G 5 HOH 1   2001 2001 HOH HOH A . 
G 5 HOH 2   2002 2002 HOH HOH A . 
G 5 HOH 3   2003 2003 HOH HOH A . 
G 5 HOH 4   2004 2004 HOH HOH A . 
G 5 HOH 5   2005 2005 HOH HOH A . 
G 5 HOH 6   2006 2006 HOH HOH A . 
G 5 HOH 7   2007 2007 HOH HOH A . 
G 5 HOH 8   2008 2008 HOH HOH A . 
G 5 HOH 9   2009 2009 HOH HOH A . 
G 5 HOH 10  2010 2010 HOH HOH A . 
G 5 HOH 11  2011 2011 HOH HOH A . 
G 5 HOH 12  2012 2012 HOH HOH A . 
G 5 HOH 13  2013 2013 HOH HOH A . 
G 5 HOH 14  2014 2014 HOH HOH A . 
G 5 HOH 15  2015 2015 HOH HOH A . 
G 5 HOH 16  2016 2016 HOH HOH A . 
G 5 HOH 17  2017 2017 HOH HOH A . 
G 5 HOH 18  2018 2018 HOH HOH A . 
G 5 HOH 19  2019 2019 HOH HOH A . 
G 5 HOH 20  2020 2020 HOH HOH A . 
G 5 HOH 21  2021 2021 HOH HOH A . 
G 5 HOH 22  2022 2022 HOH HOH A . 
G 5 HOH 23  2023 2023 HOH HOH A . 
G 5 HOH 24  2024 2024 HOH HOH A . 
G 5 HOH 25  2025 2025 HOH HOH A . 
G 5 HOH 26  2026 2026 HOH HOH A . 
G 5 HOH 27  2027 2027 HOH HOH A . 
G 5 HOH 28  2028 2028 HOH HOH A . 
G 5 HOH 29  2029 2029 HOH HOH A . 
G 5 HOH 30  2030 2030 HOH HOH A . 
G 5 HOH 31  2031 2031 HOH HOH A . 
G 5 HOH 32  2032 2032 HOH HOH A . 
G 5 HOH 33  2033 2033 HOH HOH A . 
G 5 HOH 34  2034 2034 HOH HOH A . 
G 5 HOH 35  2035 2035 HOH HOH A . 
G 5 HOH 36  2036 2036 HOH HOH A . 
G 5 HOH 37  2037 2037 HOH HOH A . 
G 5 HOH 38  2038 2038 HOH HOH A . 
G 5 HOH 39  2039 2039 HOH HOH A . 
G 5 HOH 40  2040 2040 HOH HOH A . 
G 5 HOH 41  2041 2041 HOH HOH A . 
G 5 HOH 42  2042 2042 HOH HOH A . 
G 5 HOH 43  2043 2043 HOH HOH A . 
G 5 HOH 44  2044 2044 HOH HOH A . 
G 5 HOH 45  2045 2045 HOH HOH A . 
G 5 HOH 46  2046 2046 HOH HOH A . 
G 5 HOH 47  2047 2047 HOH HOH A . 
G 5 HOH 48  2048 2048 HOH HOH A . 
G 5 HOH 49  2049 2049 HOH HOH A . 
G 5 HOH 50  2050 2050 HOH HOH A . 
G 5 HOH 51  2051 2051 HOH HOH A . 
G 5 HOH 52  2052 2052 HOH HOH A . 
G 5 HOH 53  2053 2053 HOH HOH A . 
G 5 HOH 54  2054 2054 HOH HOH A . 
G 5 HOH 55  2055 2055 HOH HOH A . 
G 5 HOH 56  2056 2056 HOH HOH A . 
G 5 HOH 57  2057 2057 HOH HOH A . 
G 5 HOH 58  2058 2058 HOH HOH A . 
G 5 HOH 59  2059 2059 HOH HOH A . 
G 5 HOH 60  2060 2060 HOH HOH A . 
G 5 HOH 61  2061 2061 HOH HOH A . 
G 5 HOH 62  2062 2062 HOH HOH A . 
G 5 HOH 63  2063 2063 HOH HOH A . 
G 5 HOH 64  2064 2064 HOH HOH A . 
G 5 HOH 65  2065 2065 HOH HOH A . 
G 5 HOH 66  2066 2066 HOH HOH A . 
G 5 HOH 67  2067 2067 HOH HOH A . 
G 5 HOH 68  2068 2068 HOH HOH A . 
G 5 HOH 69  2069 2069 HOH HOH A . 
G 5 HOH 70  2070 2070 HOH HOH A . 
G 5 HOH 71  2071 2071 HOH HOH A . 
G 5 HOH 72  2072 2072 HOH HOH A . 
G 5 HOH 73  2073 2073 HOH HOH A . 
G 5 HOH 74  2074 2074 HOH HOH A . 
G 5 HOH 75  2075 2075 HOH HOH A . 
G 5 HOH 76  2076 2076 HOH HOH A . 
G 5 HOH 77  2077 2077 HOH HOH A . 
G 5 HOH 78  2078 2078 HOH HOH A . 
G 5 HOH 79  2079 2079 HOH HOH A . 
G 5 HOH 80  2080 2080 HOH HOH A . 
G 5 HOH 81  2081 2081 HOH HOH A . 
G 5 HOH 82  2082 2082 HOH HOH A . 
G 5 HOH 83  2083 2083 HOH HOH A . 
G 5 HOH 84  2084 2084 HOH HOH A . 
G 5 HOH 85  2085 2085 HOH HOH A . 
G 5 HOH 86  2086 2086 HOH HOH A . 
G 5 HOH 87  2087 2087 HOH HOH A . 
G 5 HOH 88  2088 2088 HOH HOH A . 
G 5 HOH 89  2089 2089 HOH HOH A . 
G 5 HOH 90  2090 2090 HOH HOH A . 
G 5 HOH 91  2091 2091 HOH HOH A . 
G 5 HOH 92  2092 2092 HOH HOH A . 
G 5 HOH 93  2093 2093 HOH HOH A . 
G 5 HOH 94  2094 2094 HOH HOH A . 
G 5 HOH 95  2095 2095 HOH HOH A . 
G 5 HOH 96  2096 2096 HOH HOH A . 
G 5 HOH 97  2097 2097 HOH HOH A . 
G 5 HOH 98  2098 2098 HOH HOH A . 
G 5 HOH 99  2099 2099 HOH HOH A . 
G 5 HOH 100 2100 2100 HOH HOH A . 
G 5 HOH 101 2101 2101 HOH HOH A . 
G 5 HOH 102 2102 2102 HOH HOH A . 
G 5 HOH 103 2103 2103 HOH HOH A . 
G 5 HOH 104 2104 2104 HOH HOH A . 
G 5 HOH 105 2105 2105 HOH HOH A . 
G 5 HOH 106 2106 2106 HOH HOH A . 
G 5 HOH 107 2107 2107 HOH HOH A . 
G 5 HOH 108 2108 2108 HOH HOH A . 
G 5 HOH 109 2109 2109 HOH HOH A . 
G 5 HOH 110 2110 2110 HOH HOH A . 
G 5 HOH 111 2111 2111 HOH HOH A . 
G 5 HOH 112 2112 2112 HOH HOH A . 
G 5 HOH 113 2113 2113 HOH HOH A . 
G 5 HOH 114 2114 2114 HOH HOH A . 
G 5 HOH 115 2115 2115 HOH HOH A . 
G 5 HOH 116 2116 2116 HOH HOH A . 
G 5 HOH 117 2117 2117 HOH HOH A . 
G 5 HOH 118 2118 2118 HOH HOH A . 
G 5 HOH 119 2119 2119 HOH HOH A . 
G 5 HOH 120 2120 2120 HOH HOH A . 
G 5 HOH 121 2121 2121 HOH HOH A . 
G 5 HOH 122 2122 2122 HOH HOH A . 
G 5 HOH 123 2123 2123 HOH HOH A . 
G 5 HOH 124 2124 2124 HOH HOH A . 
G 5 HOH 125 2125 2125 HOH HOH A . 
G 5 HOH 126 2126 2126 HOH HOH A . 
G 5 HOH 127 2127 2127 HOH HOH A . 
G 5 HOH 128 2128 2128 HOH HOH A . 
G 5 HOH 129 2129 2129 HOH HOH A . 
G 5 HOH 130 2130 2130 HOH HOH A . 
G 5 HOH 131 2131 2131 HOH HOH A . 
G 5 HOH 132 2132 2132 HOH HOH A . 
G 5 HOH 133 2133 2133 HOH HOH A . 
G 5 HOH 134 2134 2134 HOH HOH A . 
G 5 HOH 135 2135 2135 HOH HOH A . 
G 5 HOH 136 2136 2136 HOH HOH A . 
G 5 HOH 137 2137 2137 HOH HOH A . 
G 5 HOH 138 2138 2138 HOH HOH A . 
G 5 HOH 139 2139 2139 HOH HOH A . 
G 5 HOH 140 2140 2140 HOH HOH A . 
G 5 HOH 141 2141 2141 HOH HOH A . 
G 5 HOH 142 2142 2142 HOH HOH A . 
G 5 HOH 143 2143 2143 HOH HOH A . 
G 5 HOH 144 2144 2144 HOH HOH A . 
G 5 HOH 145 2145 2145 HOH HOH A . 
G 5 HOH 146 2146 2146 HOH HOH A . 
G 5 HOH 147 2147 2147 HOH HOH A . 
G 5 HOH 148 2148 2148 HOH HOH A . 
G 5 HOH 149 2149 2149 HOH HOH A . 
G 5 HOH 150 2150 2150 HOH HOH A . 
G 5 HOH 151 2151 2151 HOH HOH A . 
G 5 HOH 152 2152 2152 HOH HOH A . 
G 5 HOH 153 2153 2153 HOH HOH A . 
G 5 HOH 154 2154 2154 HOH HOH A . 
G 5 HOH 155 2155 2155 HOH HOH A . 
G 5 HOH 156 2156 2156 HOH HOH A . 
G 5 HOH 157 2157 2157 HOH HOH A . 
G 5 HOH 158 2158 2158 HOH HOH A . 
G 5 HOH 159 2159 2159 HOH HOH A . 
G 5 HOH 160 2160 2160 HOH HOH A . 
G 5 HOH 161 2161 2161 HOH HOH A . 
G 5 HOH 162 2162 2162 HOH HOH A . 
G 5 HOH 163 2163 2163 HOH HOH A . 
G 5 HOH 164 2164 2164 HOH HOH A . 
G 5 HOH 165 2165 2165 HOH HOH A . 
G 5 HOH 166 2166 2166 HOH HOH A . 
G 5 HOH 167 2167 2167 HOH HOH A . 
G 5 HOH 168 2168 2168 HOH HOH A . 
G 5 HOH 169 2169 2169 HOH HOH A . 
G 5 HOH 170 2170 2170 HOH HOH A . 
G 5 HOH 171 2171 2171 HOH HOH A . 
G 5 HOH 172 2172 2172 HOH HOH A . 
G 5 HOH 173 2173 2173 HOH HOH A . 
G 5 HOH 174 2174 2174 HOH HOH A . 
G 5 HOH 175 2175 2175 HOH HOH A . 
G 5 HOH 176 2176 2176 HOH HOH A . 
G 5 HOH 177 2177 2177 HOH HOH A . 
G 5 HOH 178 2178 2178 HOH HOH A . 
G 5 HOH 179 2179 2179 HOH HOH A . 
G 5 HOH 180 2180 2180 HOH HOH A . 
G 5 HOH 181 2181 2181 HOH HOH A . 
G 5 HOH 182 2182 2182 HOH HOH A . 
G 5 HOH 183 2183 2183 HOH HOH A . 
G 5 HOH 184 2184 2184 HOH HOH A . 
G 5 HOH 185 2185 2185 HOH HOH A . 
G 5 HOH 186 2186 2186 HOH HOH A . 
G 5 HOH 187 2187 2187 HOH HOH A . 
G 5 HOH 188 2188 2188 HOH HOH A . 
G 5 HOH 189 2189 2189 HOH HOH A . 
G 5 HOH 190 2190 2190 HOH HOH A . 
G 5 HOH 191 2191 2191 HOH HOH A . 
G 5 HOH 192 2192 2192 HOH HOH A . 
G 5 HOH 193 2193 2193 HOH HOH A . 
G 5 HOH 194 2194 2194 HOH HOH A . 
G 5 HOH 195 2195 2195 HOH HOH A . 
G 5 HOH 196 2196 2196 HOH HOH A . 
G 5 HOH 197 2197 2197 HOH HOH A . 
G 5 HOH 198 2198 2198 HOH HOH A . 
G 5 HOH 199 2199 2199 HOH HOH A . 
G 5 HOH 200 2200 2200 HOH HOH A . 
G 5 HOH 201 2201 2201 HOH HOH A . 
G 5 HOH 202 2202 2202 HOH HOH A . 
G 5 HOH 203 2203 2203 HOH HOH A . 
G 5 HOH 204 2204 2204 HOH HOH A . 
G 5 HOH 205 2205 2205 HOH HOH A . 
G 5 HOH 206 2206 2206 HOH HOH A . 
G 5 HOH 207 2207 2207 HOH HOH A . 
G 5 HOH 208 2208 2208 HOH HOH A . 
G 5 HOH 209 2209 2209 HOH HOH A . 
G 5 HOH 210 2210 2210 HOH HOH A . 
G 5 HOH 211 2211 2211 HOH HOH A . 
G 5 HOH 212 2212 2212 HOH HOH A . 
G 5 HOH 213 2213 2213 HOH HOH A . 
G 5 HOH 214 2214 2214 HOH HOH A . 
G 5 HOH 215 2215 2215 HOH HOH A . 
G 5 HOH 216 2216 2216 HOH HOH A . 
G 5 HOH 217 2217 2217 HOH HOH A . 
G 5 HOH 218 2218 2218 HOH HOH A . 
G 5 HOH 219 2219 2219 HOH HOH A . 
G 5 HOH 220 2220 2220 HOH HOH A . 
G 5 HOH 221 2221 2221 HOH HOH A . 
G 5 HOH 222 2222 2222 HOH HOH A . 
G 5 HOH 223 2223 2223 HOH HOH A . 
# 
loop_
_pdbx_unobs_or_zero_occ_atoms.id 
_pdbx_unobs_or_zero_occ_atoms.PDB_model_num 
_pdbx_unobs_or_zero_occ_atoms.polymer_flag 
_pdbx_unobs_or_zero_occ_atoms.occupancy_flag 
_pdbx_unobs_or_zero_occ_atoms.auth_asym_id 
_pdbx_unobs_or_zero_occ_atoms.auth_comp_id 
_pdbx_unobs_or_zero_occ_atoms.auth_seq_id 
_pdbx_unobs_or_zero_occ_atoms.PDB_ins_code 
_pdbx_unobs_or_zero_occ_atoms.auth_atom_id 
_pdbx_unobs_or_zero_occ_atoms.label_alt_id 
_pdbx_unobs_or_zero_occ_atoms.label_asym_id 
_pdbx_unobs_or_zero_occ_atoms.label_comp_id 
_pdbx_unobs_or_zero_occ_atoms.label_seq_id 
_pdbx_unobs_or_zero_occ_atoms.label_atom_id 
1 1 Y 1 A ASN 16 ? CG  ? A ASN 16 CG  
2 1 Y 1 A ASN 16 ? OD1 ? A ASN 16 OD1 
3 1 Y 1 A ASN 16 ? ND2 ? A ASN 16 ND2 
4 1 Y 1 A LYS 24 ? CG  ? A LYS 24 CG  
5 1 Y 1 A LYS 24 ? CD  ? A LYS 24 CD  
6 1 Y 1 A LYS 24 ? CE  ? A LYS 24 CE  
7 1 Y 1 A LYS 24 ? NZ  ? A LYS 24 NZ  
# 
loop_
_software.name 
_software.classification 
_software.version 
_software.citation_id 
_software.pdbx_ordinal 
REFMAC refinement       5.4.0078 ? 1 
MOSFLM 'data reduction' .        ? 2 
SCALA  'data scaling'   .        ? 3 
# 
_cell.entry_id           2WLU 
_cell.length_a           188.268 
_cell.length_b           188.268 
_cell.length_c           188.268 
_cell.angle_alpha        90.00 
_cell.angle_beta         90.00 
_cell.angle_gamma        90.00 
_cell.Z_PDB              96 
_cell.pdbx_unique_axis   ? 
# 
_symmetry.entry_id                         2WLU 
_symmetry.space_group_name_H-M             'F 41 3 2' 
_symmetry.pdbx_full_space_group_name_H-M   ? 
_symmetry.cell_setting                     ? 
_symmetry.Int_Tables_number                210 
# 
_exptl.entry_id          2WLU 
_exptl.method            'X-RAY DIFFRACTION' 
_exptl.crystals_number   1 
# 
_exptl_crystal.id                    1 
_exptl_crystal.density_meas          ? 
_exptl_crystal.density_Matthews      3.2 
_exptl_crystal.density_percent_sol   61 
_exptl_crystal.description           NONE 
# 
_exptl_crystal_grow.crystal_id      1 
_exptl_crystal_grow.method          ? 
_exptl_crystal_grow.temp            ? 
_exptl_crystal_grow.temp_details    ? 
_exptl_crystal_grow.pH              7 
_exptl_crystal_grow.pdbx_pH_range   ? 
_exptl_crystal_grow.pdbx_details    '0.1M HEPES PH 7.0, 1M SUCCINIC ACID PH 7.0, 1% W/V PEG 2000 MME, 5% 2-PROPANOL' 
# 
_diffrn.id                     1 
_diffrn.ambient_temp           100 
_diffrn.ambient_temp_details   ? 
_diffrn.crystal_id             1 
# 
_diffrn_detector.diffrn_id              1 
_diffrn_detector.detector               CCD 
_diffrn_detector.type                   'MARRESEARCH SX-165' 
_diffrn_detector.pdbx_collection_date   2009-02-13 
_diffrn_detector.details                'BENT, VERTICALLY FOCUSSING' 
# 
_diffrn_radiation.diffrn_id                        1 
_diffrn_radiation.wavelength_id                    1 
_diffrn_radiation.pdbx_monochromatic_or_laue_m_l   M 
_diffrn_radiation.monochromator                    'SI (111), HORIZONTALLY FOCUSSING' 
_diffrn_radiation.pdbx_diffrn_protocol             'SINGLE WAVELENGTH' 
_diffrn_radiation.pdbx_scattering_type             x-ray 
# 
_diffrn_radiation_wavelength.id           1 
_diffrn_radiation_wavelength.wavelength   0.8132 
_diffrn_radiation_wavelength.wt           1.0 
# 
_diffrn_source.diffrn_id                   1 
_diffrn_source.source                      SYNCHROTRON 
_diffrn_source.type                        'EMBL/DESY, HAMBURG BEAMLINE X13' 
_diffrn_source.pdbx_synchrotron_site       'EMBL/DESY, HAMBURG' 
_diffrn_source.pdbx_synchrotron_beamline   X13 
_diffrn_source.pdbx_wavelength             0.8132 
_diffrn_source.pdbx_wavelength_list        ? 
# 
_reflns.pdbx_diffrn_id               1 
_reflns.pdbx_ordinal                 1 
_reflns.entry_id                     2WLU 
_reflns.observed_criterion_sigma_I   2.0 
_reflns.observed_criterion_sigma_F   ? 
_reflns.d_resolution_low             43.00 
_reflns.d_resolution_high            1.93 
_reflns.number_obs                   20355 
_reflns.number_all                   ? 
_reflns.percent_possible_obs         92.7 
_reflns.pdbx_Rmerge_I_obs            0.09 
_reflns.pdbx_Rsym_value              ? 
_reflns.pdbx_netI_over_sigmaI        16.00 
_reflns.B_iso_Wilson_estimate        ? 
_reflns.pdbx_redundancy              7.3 
# 
_reflns_shell.pdbx_diffrn_id         1 
_reflns_shell.pdbx_ordinal           1 
_reflns_shell.d_res_high             1.93 
_reflns_shell.d_res_low              2.03 
_reflns_shell.percent_possible_all   79.1 
_reflns_shell.Rmerge_I_obs           0.33 
_reflns_shell.pdbx_Rsym_value        ? 
_reflns_shell.meanI_over_sigI_obs    4.90 
_reflns_shell.pdbx_redundancy        6.4 
# 
_refine.pdbx_refine_id                           'X-RAY DIFFRACTION' 
_refine.entry_id                                 2WLU 
_refine.pdbx_diffrn_id                           1 
_refine.pdbx_TLS_residual_ADP_flag               ? 
_refine.ls_number_reflns_obs                     19295 
_refine.ls_number_reflns_all                     ? 
_refine.pdbx_ls_sigma_I                          ? 
_refine.pdbx_ls_sigma_F                          . 
_refine.pdbx_data_cutoff_high_absF               ? 
_refine.pdbx_data_cutoff_low_absF                ? 
_refine.pdbx_data_cutoff_high_rms_absF           ? 
_refine.ls_d_res_low                             43 
_refine.ls_d_res_high                            1.94 
_refine.ls_percent_reflns_obs                    93.91 
_refine.ls_R_factor_obs                          0.14663 
_refine.ls_R_factor_all                          ? 
_refine.ls_R_factor_R_work                       0.14565 
_refine.ls_R_factor_R_free                       0.16394 
_refine.ls_R_factor_R_free_error                 ? 
_refine.ls_R_factor_R_free_error_details         ? 
_refine.ls_percent_reflns_R_free                 5.2 
_refine.ls_number_reflns_R_free                  1058 
_refine.ls_number_parameters                     ? 
_refine.ls_number_restraints                     ? 
_refine.occupancy_min                            ? 
_refine.occupancy_max                            ? 
_refine.correlation_coeff_Fo_to_Fc               0.963 
_refine.correlation_coeff_Fo_to_Fc_free          0.957 
_refine.B_iso_mean                               16.381 
_refine.aniso_B[1][1]                            ? 
_refine.aniso_B[2][2]                            ? 
_refine.aniso_B[3][3]                            ? 
_refine.aniso_B[1][2]                            ? 
_refine.aniso_B[1][3]                            ? 
_refine.aniso_B[2][3]                            ? 
_refine.solvent_model_details                    MASK 
_refine.solvent_model_param_ksol                 ? 
_refine.solvent_model_param_bsol                 ? 
_refine.pdbx_solvent_vdw_probe_radii             1.20 
_refine.pdbx_solvent_ion_probe_radii             0.80 
_refine.pdbx_solvent_shrinkage_radii             0.80 
_refine.pdbx_ls_cross_valid_method               THROUGHOUT 
_refine.details                                  'HYDROGENS HAVE BEEN ADDED IN THE RIDING POSITIONS.' 
_refine.pdbx_starting_model                      NONE 
_refine.pdbx_method_to_determine_struct          OTHER 
_refine.pdbx_isotropic_thermal_model             ? 
_refine.pdbx_stereochemistry_target_values       'MAXIMUM LIKELIHOOD' 
_refine.pdbx_stereochem_target_val_spec_case     ? 
_refine.pdbx_R_Free_selection_details            RANDOM 
_refine.pdbx_overall_ESU_R                       0.102 
_refine.pdbx_overall_ESU_R_Free                  0.094 
_refine.overall_SU_ML                            0.052 
_refine.pdbx_overall_phase_error                 ? 
_refine.overall_SU_B                             1.754 
_refine.overall_SU_R_Cruickshank_DPI             ? 
_refine.pdbx_overall_SU_R_free_Cruickshank_DPI   ? 
_refine.pdbx_overall_SU_R_Blow_DPI               ? 
_refine.pdbx_overall_SU_R_free_Blow_DPI          ? 
# 
_refine_hist.pdbx_refine_id                   'X-RAY DIFFRACTION' 
_refine_hist.cycle_id                         LAST 
_refine_hist.pdbx_number_atoms_protein        1283 
_refine_hist.pdbx_number_atoms_nucleic_acid   0 
_refine_hist.pdbx_number_atoms_ligand         20 
_refine_hist.number_atoms_solvent             223 
_refine_hist.number_atoms_total               1526 
_refine_hist.d_res_high                       1.94 
_refine_hist.d_res_low                        43 
# 
loop_
_refine_ls_restr.type 
_refine_ls_restr.dev_ideal 
_refine_ls_restr.dev_ideal_target 
_refine_ls_restr.weight 
_refine_ls_restr.number 
_refine_ls_restr.pdbx_refine_id 
_refine_ls_restr.pdbx_restraint_function 
r_bond_refined_d             0.010  0.022  ? 1374 'X-RAY DIFFRACTION' ? 
r_bond_other_d               ?      ?      ? ?    'X-RAY DIFFRACTION' ? 
r_angle_refined_deg          0.964  1.971  ? 1874 'X-RAY DIFFRACTION' ? 
r_angle_other_deg            ?      ?      ? ?    'X-RAY DIFFRACTION' ? 
r_dihedral_angle_1_deg       4.386  5.000  ? 184  'X-RAY DIFFRACTION' ? 
r_dihedral_angle_2_deg       40.362 25.424 ? 59   'X-RAY DIFFRACTION' ? 
r_dihedral_angle_3_deg       11.064 15.000 ? 239  'X-RAY DIFFRACTION' ? 
r_dihedral_angle_4_deg       20.451 15.000 ? 4    'X-RAY DIFFRACTION' ? 
r_chiral_restr               0.071  0.200  ? 218  'X-RAY DIFFRACTION' ? 
r_gen_planes_refined         0.004  0.020  ? 1017 'X-RAY DIFFRACTION' ? 
r_gen_planes_other           ?      ?      ? ?    'X-RAY DIFFRACTION' ? 
r_nbd_refined                ?      ?      ? ?    'X-RAY DIFFRACTION' ? 
r_nbd_other                  ?      ?      ? ?    'X-RAY DIFFRACTION' ? 
r_nbtor_refined              ?      ?      ? ?    'X-RAY DIFFRACTION' ? 
r_nbtor_other                ?      ?      ? ?    'X-RAY DIFFRACTION' ? 
r_xyhbond_nbd_refined        ?      ?      ? ?    'X-RAY DIFFRACTION' ? 
r_xyhbond_nbd_other          ?      ?      ? ?    'X-RAY DIFFRACTION' ? 
r_metal_ion_refined          ?      ?      ? ?    'X-RAY DIFFRACTION' ? 
r_metal_ion_other            ?      ?      ? ?    'X-RAY DIFFRACTION' ? 
r_symmetry_vdw_refined       ?      ?      ? ?    'X-RAY DIFFRACTION' ? 
r_symmetry_vdw_other         ?      ?      ? ?    'X-RAY DIFFRACTION' ? 
r_symmetry_hbond_refined     ?      ?      ? ?    'X-RAY DIFFRACTION' ? 
r_symmetry_hbond_other       ?      ?      ? ?    'X-RAY DIFFRACTION' ? 
r_symmetry_metal_ion_refined ?      ?      ? ?    'X-RAY DIFFRACTION' ? 
r_symmetry_metal_ion_other   ?      ?      ? ?    'X-RAY DIFFRACTION' ? 
r_mcbond_it                  0.471  1.500  ? 852  'X-RAY DIFFRACTION' ? 
r_mcbond_other               ?      ?      ? ?    'X-RAY DIFFRACTION' ? 
r_mcangle_it                 0.907  2.000  ? 1375 'X-RAY DIFFRACTION' ? 
r_mcangle_other              ?      ?      ? ?    'X-RAY DIFFRACTION' ? 
r_scbond_it                  1.562  3.000  ? 522  'X-RAY DIFFRACTION' ? 
r_scbond_other               ?      ?      ? ?    'X-RAY DIFFRACTION' ? 
r_scangle_it                 2.656  4.500  ? 489  'X-RAY DIFFRACTION' ? 
r_scangle_other              ?      ?      ? ?    'X-RAY DIFFRACTION' ? 
r_long_range_B_refined       ?      ?      ? ?    'X-RAY DIFFRACTION' ? 
r_long_range_B_other         ?      ?      ? ?    'X-RAY DIFFRACTION' ? 
r_rigid_bond_restr           ?      ?      ? ?    'X-RAY DIFFRACTION' ? 
r_sphericity_free            ?      ?      ? ?    'X-RAY DIFFRACTION' ? 
r_sphericity_bonded          ?      ?      ? ?    'X-RAY DIFFRACTION' ? 
# 
_refine_ls_shell.pdbx_refine_id                   'X-RAY DIFFRACTION' 
_refine_ls_shell.pdbx_total_number_of_bins_used   20 
_refine_ls_shell.d_res_high                       1.942 
_refine_ls_shell.d_res_low                        1.993 
_refine_ls_shell.number_reflns_R_work             1342 
_refine_ls_shell.R_factor_R_work                  0.206 
_refine_ls_shell.percent_reflns_obs               90.96 
_refine_ls_shell.R_factor_R_free                  0.259 
_refine_ls_shell.R_factor_R_free_error            ? 
_refine_ls_shell.percent_reflns_R_free            ? 
_refine_ls_shell.number_reflns_R_free             96 
_refine_ls_shell.number_reflns_all                ? 
_refine_ls_shell.R_factor_all                     ? 
# 
_struct.entry_id                  2WLU 
_struct.title                     'Iron-bound crystal structure of Streptococcus pyogenes Dpr' 
_struct.pdbx_model_details        ? 
_struct.pdbx_CASP_flag            ? 
_struct.pdbx_model_type_details   ? 
# 
_struct_keywords.entry_id        2WLU 
_struct_keywords.pdbx_keywords   OXIDOREDUCTASE 
_struct_keywords.text            'DNA-BINDING, OXIDOREDUCTASE' 
# 
loop_
_struct_asym.id 
_struct_asym.pdbx_blank_PDB_chainid_flag 
_struct_asym.pdbx_modified 
_struct_asym.entity_id 
_struct_asym.details 
A N N 1 ? 
B N N 2 ? 
C N N 3 ? 
D N N 4 ? 
E N N 4 ? 
F N N 4 ? 
G N N 5 ? 
# 
_struct_ref.id                         1 
_struct_ref.db_name                    UNP 
_struct_ref.db_code                    Q5XAZ8_STRP6 
_struct_ref.entity_id                  1 
_struct_ref.pdbx_seq_one_letter_code   ? 
_struct_ref.pdbx_align_begin           ? 
_struct_ref.pdbx_db_accession          Q5XAZ8 
_struct_ref.pdbx_db_isoform            ? 
# 
_struct_ref_seq.align_id                      1 
_struct_ref_seq.ref_id                        1 
_struct_ref_seq.pdbx_PDB_id_code              2WLU 
_struct_ref_seq.pdbx_strand_id                A 
_struct_ref_seq.seq_align_beg                 1 
_struct_ref_seq.pdbx_seq_align_beg_ins_code   ? 
_struct_ref_seq.seq_align_end                 175 
_struct_ref_seq.pdbx_seq_align_end_ins_code   ? 
_struct_ref_seq.pdbx_db_accession             Q5XAZ8 
_struct_ref_seq.db_align_beg                  1 
_struct_ref_seq.pdbx_db_align_beg_ins_code    ? 
_struct_ref_seq.db_align_end                  175 
_struct_ref_seq.pdbx_db_align_end_ins_code    ? 
_struct_ref_seq.pdbx_auth_seq_align_beg       1 
_struct_ref_seq.pdbx_auth_seq_align_end       175 
# 
_struct_ref_seq_dif.align_id                     1 
_struct_ref_seq_dif.pdbx_pdb_id_code             2WLU 
_struct_ref_seq_dif.mon_id                       VAL 
_struct_ref_seq_dif.pdbx_pdb_strand_id           A 
_struct_ref_seq_dif.seq_num                      79 
_struct_ref_seq_dif.pdbx_pdb_ins_code            ? 
_struct_ref_seq_dif.pdbx_seq_db_name             UNP 
_struct_ref_seq_dif.pdbx_seq_db_accession_code   Q5XAZ8 
_struct_ref_seq_dif.db_mon_id                    MET 
_struct_ref_seq_dif.pdbx_seq_db_seq_num          79 
_struct_ref_seq_dif.details                      conflict 
_struct_ref_seq_dif.pdbx_auth_seq_num            79 
_struct_ref_seq_dif.pdbx_ordinal                 1 
# 
_pdbx_struct_assembly.id                   1 
_pdbx_struct_assembly.details              author_and_software_defined_assembly 
_pdbx_struct_assembly.method_details       PISA 
_pdbx_struct_assembly.oligomeric_details   dodecameric 
_pdbx_struct_assembly.oligomeric_count     12 
# 
loop_
_pdbx_struct_assembly_prop.biol_id 
_pdbx_struct_assembly_prop.type 
_pdbx_struct_assembly_prop.value 
_pdbx_struct_assembly_prop.details 
1 'ABSA (A^2)' 42220  ? 
1 MORE         -357.9 ? 
1 'SSA (A^2)'  68840  ? 
# 
_pdbx_struct_assembly_gen.assembly_id       1 
_pdbx_struct_assembly_gen.oper_expression   1,2,3,4,5,6,7,8,9,10,11,12 
_pdbx_struct_assembly_gen.asym_id_list      A,B,C,D,E,F,G 
# 
loop_
_pdbx_struct_oper_list.id 
_pdbx_struct_oper_list.type 
_pdbx_struct_oper_list.name 
_pdbx_struct_oper_list.symmetry_operation 
_pdbx_struct_oper_list.matrix[1][1] 
_pdbx_struct_oper_list.matrix[1][2] 
_pdbx_struct_oper_list.matrix[1][3] 
_pdbx_struct_oper_list.vector[1] 
_pdbx_struct_oper_list.matrix[2][1] 
_pdbx_struct_oper_list.matrix[2][2] 
_pdbx_struct_oper_list.matrix[2][3] 
_pdbx_struct_oper_list.vector[2] 
_pdbx_struct_oper_list.matrix[3][1] 
_pdbx_struct_oper_list.matrix[3][2] 
_pdbx_struct_oper_list.matrix[3][3] 
_pdbx_struct_oper_list.vector[3] 
1  'identity operation'         1_555  x,y,z             1.0000000000  0.0000000000  0.0000000000  0.0000000000  0.0000000000  1.0000000000  0.0000000000  0.0000000000  0.0000000000  0.0000000000  1.0000000000  0.0000000000   
2  'crystal symmetry operation' 82_656 -y+1,z,-x+1       -0.4859120558 0.3008596877  0.8205930309  28.1067098371 -0.0164354576 0.9355739512  -0.3527481503 0.8112811045  -0.8738531626 -0.1848914009 -0.4496618954 19.2015957962  
3  'crystal symmetry operation' 31_665 -z+1,-x+1,y       -0.4859120558 -0.0164354576 -0.8738531626 30.4500981489 0.3008596877  0.9355739512  -0.1848914009 -5.6649794657 0.8205930309  -0.3527481503 -0.4496618954 -14.1437663440 
4  'crystal symmetry operation' 12_665 -y+1,-z+3/2,x+1/2 0.3975503593  -0.3609188121 -0.8436179958 19.6025236170 0.7060980152  -0.4668128142 0.5324578758  22.8645741287 -0.5859857547 -0.8073558123 0.0692624549  30.1348395964  
5  'crystal symmetry operation' 6_466  z-1/2,-x+1,-y+3/2 0.3975503593  0.7060980152  -0.5859857547 -6.2790339938 -0.3609188121 -0.4668128142 -0.8073558123 42.0779336316 -0.8436179958 0.5324578758  0.0692624549  2.2754061493   
6  'crystal symmetry operation' 27_556 -x+1/2,y,-z+3/2   0.3072859486  0.8885575141  0.3406477506  -5.7842190257 0.8885575141  -0.3960506830 0.2315370396  16.0524569191 0.3406477506  0.2315370396  -0.9112352656 -19.6739973974 
7  'crystal symmetry operation' 56_656 -z+1,x+1/2,-y+3/2 0.5499556071  -0.0620816491 0.8328833646  14.2847378371 -0.8007192546 -0.3227483633 0.5046604495  52.5559906518 0.2374815898  -0.9444465908 -0.2272072438 14.3396651665  
8  'crystal symmetry operation' 57_455 y-1/2,z,x+1/2     -0.4615939106 0.8607783790  -0.2144566248 10.1144283053 -0.6275809085 -0.1460127738 0.7647368653  45.1514573517 0.6269555527  0.4875867637  0.6076066844  -27.4088395344 
9  'crystal symmetry operation' 76_566 x,-y+3/2,-z+3/2   -0.9940274816 -0.0466154736 0.0986730130  45.6845045532 -0.0466154736 -0.6361664838 -0.7701423261 39.4788532181 0.0986730130  -0.7701423261 0.6301939654  15.8855379714  
10 'crystal symmetry operation' 77_455 z-1/2,x+1/2,y     -0.4615939106 -0.6275809085 0.6269555527  50.1890752773 0.8607783790  -0.1460127738 0.4875867637  11.2505956914 -0.2144566248 0.7647368653  0.6076066844  -15.7060836922 
11 'crystal symmetry operation' 35_466 y-1/2,-z+3/2,-x+1 0.5499556071  -0.8007192546 0.2374815898  30.8212155100 -0.0620816491 -0.3227483633 -0.9444465908 31.3922279240 0.8328833646  0.5046604495  -0.2272072438 -35.1623745786 
12 'crystal symmetry operation' 50_565 -x+1/2,-y+3/2,z   -0.3132584670 -0.8419420405 -0.4393207636 48.7445917419 -0.8419420405 0.0322171668  0.5386052865  44.6882303717 -0.4393207636 0.5386052865  -0.7189586998 -9.4463192945   
# 
_struct_biol.id   1 
# 
loop_
_struct_conf.conf_type_id 
_struct_conf.id 
_struct_conf.pdbx_PDB_helix_id 
_struct_conf.beg_label_comp_id 
_struct_conf.beg_label_asym_id 
_struct_conf.beg_label_seq_id 
_struct_conf.pdbx_beg_PDB_ins_code 
_struct_conf.end_label_comp_id 
_struct_conf.end_label_asym_id 
_struct_conf.end_label_seq_id 
_struct_conf.pdbx_end_PDB_ins_code 
_struct_conf.beg_auth_comp_id 
_struct_conf.beg_auth_asym_id 
_struct_conf.beg_auth_seq_id 
_struct_conf.end_auth_comp_id 
_struct_conf.end_auth_asym_id 
_struct_conf.end_auth_seq_id 
_struct_conf.pdbx_PDB_helix_class 
_struct_conf.details 
_struct_conf.pdbx_PDB_helix_length 
HELX_P HELX_P1 1 THR A 4   ? THR A 14  ? THR A 4   THR A 14  1 ? 11 
HELX_P HELX_P2 2 ASN A 25  ? MET A 53  ? ASN A 25  MET A 53  1 ? 29 
HELX_P HELX_P3 3 GLY A 57  ? ILE A 86  ? GLY A 57  ILE A 86  1 ? 30 
HELX_P HELX_P4 4 THR A 93  ? SER A 101 ? THR A 93  SER A 101 1 ? 9  
HELX_P HELX_P5 5 THR A 113 ? GLY A 143 ? THR A 113 GLY A 143 1 ? 31 
HELX_P HELX_P6 6 ASP A 144 ? ARG A 169 ? ASP A 144 ARG A 169 1 ? 26 
# 
_struct_conf_type.id          HELX_P 
_struct_conf_type.criteria    ? 
_struct_conf_type.reference   ? 
# 
loop_
_struct_conn.id 
_struct_conn.conn_type_id 
_struct_conn.pdbx_leaving_atom_flag 
_struct_conn.pdbx_PDB_id 
_struct_conn.ptnr1_label_asym_id 
_struct_conn.ptnr1_label_comp_id 
_struct_conn.ptnr1_label_seq_id 
_struct_conn.ptnr1_label_atom_id 
_struct_conn.pdbx_ptnr1_label_alt_id 
_struct_conn.pdbx_ptnr1_PDB_ins_code 
_struct_conn.pdbx_ptnr1_standard_comp_id 
_struct_conn.ptnr1_symmetry 
_struct_conn.ptnr2_label_asym_id 
_struct_conn.ptnr2_label_comp_id 
_struct_conn.ptnr2_label_seq_id 
_struct_conn.ptnr2_label_atom_id 
_struct_conn.pdbx_ptnr2_label_alt_id 
_struct_conn.pdbx_ptnr2_PDB_ins_code 
_struct_conn.ptnr1_auth_asym_id 
_struct_conn.ptnr1_auth_comp_id 
_struct_conn.ptnr1_auth_seq_id 
_struct_conn.ptnr2_auth_asym_id 
_struct_conn.ptnr2_auth_comp_id 
_struct_conn.ptnr2_auth_seq_id 
_struct_conn.ptnr2_symmetry 
_struct_conn.pdbx_ptnr3_label_atom_id 
_struct_conn.pdbx_ptnr3_label_seq_id 
_struct_conn.pdbx_ptnr3_label_comp_id 
_struct_conn.pdbx_ptnr3_label_asym_id 
_struct_conn.pdbx_ptnr3_label_alt_id 
_struct_conn.pdbx_ptnr3_PDB_ins_code 
_struct_conn.details 
_struct_conn.pdbx_dist_value 
_struct_conn.pdbx_value_order 
_struct_conn.pdbx_role 
metalc1  metalc ? ? A HIS 50 NE2 ? ? ? 27_556 C FE  . FE ? ? A HIS 50   A FE  1176 1_555  ? ? ? ? ? ? ? 2.205 ? ? 
metalc2  metalc ? ? A ASP 77 OD1 ? ? ? 1_555  C FE  . FE ? ? A ASP 77   A FE  1176 1_555  ? ? ? ? ? ? ? 2.331 ? ? 
metalc3  metalc ? ? A ASP 77 OD2 ? ? ? 1_555  C FE  . FE ? ? A ASP 77   A FE  1176 1_555  ? ? ? ? ? ? ? 2.284 ? ? 
metalc4  metalc ? ? A GLU 81 OE2 ? ? ? 1_555  C FE  . FE ? ? A GLU 81   A FE  1176 1_555  ? ? ? ? ? ? ? 2.030 ? ? 
metalc5  metalc ? ? B NA  .  NA  ? ? ? 1_555  G HOH . O  ? ? A NA  1175 A HOH 2178 1_555  ? ? ? ? ? ? ? 2.195 ? ? 
metalc6  metalc ? ? B NA  .  NA  ? ? ? 1_555  G HOH . O  ? ? A NA  1175 A HOH 2178 31_665 ? ? ? ? ? ? ? 2.197 ? ? 
metalc7  metalc ? ? B NA  .  NA  ? ? ? 1_555  G HOH . O  ? ? A NA  1175 A HOH 2178 82_656 ? ? ? ? ? ? ? 2.212 ? ? 
metalc8  metalc ? ? B NA  .  NA  ? ? ? 1_555  G HOH . O  ? ? A NA  1175 A HOH 2182 1_555  ? ? ? ? ? ? ? 1.613 ? ? 
metalc9  metalc ? ? B NA  .  NA  ? ? ? 1_555  G HOH . O  ? ? A NA  1175 A HOH 2182 31_665 ? ? ? ? ? ? ? 1.613 ? ? 
metalc10 metalc ? ? B NA  .  NA  ? ? ? 1_555  G HOH . O  ? ? A NA  1175 A HOH 2182 82_656 ? ? ? ? ? ? ? 1.613 ? ? 
metalc11 metalc ? ? C FE  .  FE  ? ? ? 1_555  D GOL . O3 ? ? A FE  1176 A GOL 1177 1_555  ? ? ? ? ? ? ? 2.086 ? ? 
metalc12 metalc ? ? C FE  .  FE  ? ? ? 1_555  G HOH . O  ? ? A FE  1176 A HOH 2065 27_556 ? ? ? ? ? ? ? 2.153 ? ? 
# 
_struct_conn_type.id          metalc 
_struct_conn_type.criteria    ? 
_struct_conn_type.reference   ? 
# 
loop_
_pdbx_struct_conn_angle.id 
_pdbx_struct_conn_angle.ptnr1_label_atom_id 
_pdbx_struct_conn_angle.ptnr1_label_alt_id 
_pdbx_struct_conn_angle.ptnr1_label_asym_id 
_pdbx_struct_conn_angle.ptnr1_label_comp_id 
_pdbx_struct_conn_angle.ptnr1_label_seq_id 
_pdbx_struct_conn_angle.ptnr1_auth_atom_id 
_pdbx_struct_conn_angle.ptnr1_auth_asym_id 
_pdbx_struct_conn_angle.ptnr1_auth_comp_id 
_pdbx_struct_conn_angle.ptnr1_auth_seq_id 
_pdbx_struct_conn_angle.ptnr1_PDB_ins_code 
_pdbx_struct_conn_angle.ptnr1_symmetry 
_pdbx_struct_conn_angle.ptnr2_label_atom_id 
_pdbx_struct_conn_angle.ptnr2_label_alt_id 
_pdbx_struct_conn_angle.ptnr2_label_asym_id 
_pdbx_struct_conn_angle.ptnr2_label_comp_id 
_pdbx_struct_conn_angle.ptnr2_label_seq_id 
_pdbx_struct_conn_angle.ptnr2_auth_atom_id 
_pdbx_struct_conn_angle.ptnr2_auth_asym_id 
_pdbx_struct_conn_angle.ptnr2_auth_comp_id 
_pdbx_struct_conn_angle.ptnr2_auth_seq_id 
_pdbx_struct_conn_angle.ptnr2_PDB_ins_code 
_pdbx_struct_conn_angle.ptnr2_symmetry 
_pdbx_struct_conn_angle.ptnr3_label_atom_id 
_pdbx_struct_conn_angle.ptnr3_label_alt_id 
_pdbx_struct_conn_angle.ptnr3_label_asym_id 
_pdbx_struct_conn_angle.ptnr3_label_comp_id 
_pdbx_struct_conn_angle.ptnr3_label_seq_id 
_pdbx_struct_conn_angle.ptnr3_auth_atom_id 
_pdbx_struct_conn_angle.ptnr3_auth_asym_id 
_pdbx_struct_conn_angle.ptnr3_auth_comp_id 
_pdbx_struct_conn_angle.ptnr3_auth_seq_id 
_pdbx_struct_conn_angle.ptnr3_PDB_ins_code 
_pdbx_struct_conn_angle.ptnr3_symmetry 
_pdbx_struct_conn_angle.value 
_pdbx_struct_conn_angle.value_esd 
1  NE2 ? A HIS 50 ? A HIS 50   ? 27_556 FE ? C FE . ? A FE 1176 ? 1_555 OD1 ? A ASP 77 ? A ASP 77   ? 1_555  97.7  ? 
2  NE2 ? A HIS 50 ? A HIS 50   ? 27_556 FE ? C FE . ? A FE 1176 ? 1_555 OD2 ? A ASP 77 ? A ASP 77   ? 1_555  152.9 ? 
3  OD1 ? A ASP 77 ? A ASP 77   ? 1_555  FE ? C FE . ? A FE 1176 ? 1_555 OD2 ? A ASP 77 ? A ASP 77   ? 1_555  56.7  ? 
4  NE2 ? A HIS 50 ? A HIS 50   ? 27_556 FE ? C FE . ? A FE 1176 ? 1_555 OE2 ? A GLU 81 ? A GLU 81   ? 1_555  95.0  ? 
5  OD1 ? A ASP 77 ? A ASP 77   ? 1_555  FE ? C FE . ? A FE 1176 ? 1_555 OE2 ? A GLU 81 ? A GLU 81   ? 1_555  89.1  ? 
6  OD2 ? A ASP 77 ? A ASP 77   ? 1_555  FE ? C FE . ? A FE 1176 ? 1_555 OE2 ? A GLU 81 ? A GLU 81   ? 1_555  93.6  ? 
7  NE2 ? A HIS 50 ? A HIS 50   ? 27_556 FE ? C FE . ? A FE 1176 ? 1_555 O3  ? D GOL .  ? A GOL 1177 ? 1_555  89.1  ? 
8  OD1 ? A ASP 77 ? A ASP 77   ? 1_555  FE ? C FE . ? A FE 1176 ? 1_555 O3  ? D GOL .  ? A GOL 1177 ? 1_555  172.6 ? 
9  OD2 ? A ASP 77 ? A ASP 77   ? 1_555  FE ? C FE . ? A FE 1176 ? 1_555 O3  ? D GOL .  ? A GOL 1177 ? 1_555  117.0 ? 
10 OE2 ? A GLU 81 ? A GLU 81   ? 1_555  FE ? C FE . ? A FE 1176 ? 1_555 O3  ? D GOL .  ? A GOL 1177 ? 1_555  87.5  ? 
11 NE2 ? A HIS 50 ? A HIS 50   ? 27_556 FE ? C FE . ? A FE 1176 ? 1_555 O   ? G HOH .  ? A HOH 2065 ? 27_556 91.4  ? 
12 OD1 ? A ASP 77 ? A ASP 77   ? 1_555  FE ? C FE . ? A FE 1176 ? 1_555 O   ? G HOH .  ? A HOH 2065 ? 27_556 91.8  ? 
13 OD2 ? A ASP 77 ? A ASP 77   ? 1_555  FE ? C FE . ? A FE 1176 ? 1_555 O   ? G HOH .  ? A HOH 2065 ? 27_556 81.4  ? 
14 OE2 ? A GLU 81 ? A GLU 81   ? 1_555  FE ? C FE . ? A FE 1176 ? 1_555 O   ? G HOH .  ? A HOH 2065 ? 27_556 173.3 ? 
15 O3  ? D GOL .  ? A GOL 1177 ? 1_555  FE ? C FE . ? A FE 1176 ? 1_555 O   ? G HOH .  ? A HOH 2065 ? 27_556 90.8  ? 
16 O   ? G HOH .  ? A HOH 2178 ? 1_555  NA ? B NA . ? A NA 1175 ? 1_555 O   ? G HOH .  ? A HOH 2178 ? 31_665 101.3 ? 
17 O   ? G HOH .  ? A HOH 2178 ? 1_555  NA ? B NA . ? A NA 1175 ? 1_555 O   ? G HOH .  ? A HOH 2178 ? 82_656 100.8 ? 
18 O   ? G HOH .  ? A HOH 2178 ? 31_665 NA ? B NA . ? A NA 1175 ? 1_555 O   ? G HOH .  ? A HOH 2178 ? 82_656 100.7 ? 
19 O   ? G HOH .  ? A HOH 2178 ? 1_555  NA ? B NA . ? A NA 1175 ? 1_555 O   ? G HOH .  ? A HOH 2182 ? 1_555  117.1 ? 
20 O   ? G HOH .  ? A HOH 2178 ? 31_665 NA ? B NA . ? A NA 1175 ? 1_555 O   ? G HOH .  ? A HOH 2182 ? 1_555  117.1 ? 
21 O   ? G HOH .  ? A HOH 2178 ? 82_656 NA ? B NA . ? A NA 1175 ? 1_555 O   ? G HOH .  ? A HOH 2182 ? 1_555  116.9 ? 
22 O   ? G HOH .  ? A HOH 2178 ? 1_555  NA ? B NA . ? A NA 1175 ? 1_555 O   ? G HOH .  ? A HOH 2182 ? 31_665 117.8 ? 
23 O   ? G HOH .  ? A HOH 2178 ? 31_665 NA ? B NA . ? A NA 1175 ? 1_555 O   ? G HOH .  ? A HOH 2182 ? 31_665 117.1 ? 
24 O   ? G HOH .  ? A HOH 2178 ? 82_656 NA ? B NA . ? A NA 1175 ? 1_555 O   ? G HOH .  ? A HOH 2182 ? 31_665 116.3 ? 
25 O   ? G HOH .  ? A HOH 2182 ? 1_555  NA ? B NA . ? A NA 1175 ? 1_555 O   ? G HOH .  ? A HOH 2182 ? 31_665 0.8   ? 
26 O   ? G HOH .  ? A HOH 2178 ? 1_555  NA ? B NA . ? A NA 1175 ? 1_555 O   ? G HOH .  ? A HOH 2182 ? 82_656 117.2 ? 
27 O   ? G HOH .  ? A HOH 2178 ? 31_665 NA ? B NA . ? A NA 1175 ? 1_555 O   ? G HOH .  ? A HOH 2182 ? 82_656 117.7 ? 
28 O   ? G HOH .  ? A HOH 2178 ? 82_656 NA ? B NA . ? A NA 1175 ? 1_555 O   ? G HOH .  ? A HOH 2182 ? 82_656 116.2 ? 
29 O   ? G HOH .  ? A HOH 2182 ? 1_555  NA ? B NA . ? A NA 1175 ? 1_555 O   ? G HOH .  ? A HOH 2182 ? 82_656 0.8   ? 
30 O   ? G HOH .  ? A HOH 2182 ? 31_665 NA ? B NA . ? A NA 1175 ? 1_555 O   ? G HOH .  ? A HOH 2182 ? 82_656 0.8   ? 
# 
loop_
_struct_site.id 
_struct_site.pdbx_evidence_code 
_struct_site.pdbx_auth_asym_id 
_struct_site.pdbx_auth_comp_id 
_struct_site.pdbx_auth_seq_id 
_struct_site.pdbx_auth_ins_code 
_struct_site.pdbx_num_residues 
_struct_site.details 
AC1 Software A NA  1175 ? 9  'BINDING SITE FOR RESIDUE NA A 1175'  
AC2 Software A FE  1176 ? 5  'BINDING SITE FOR RESIDUE FE A 1176'  
AC3 Software A GOL 1177 ? 10 'BINDING SITE FOR RESIDUE GOL A 1177' 
AC4 Software A GOL 1178 ? 6  'BINDING SITE FOR RESIDUE GOL A 1178' 
AC5 Software A GOL 1179 ? 10 'BINDING SITE FOR RESIDUE GOL A 1179' 
# 
loop_
_struct_site_gen.id 
_struct_site_gen.site_id 
_struct_site_gen.pdbx_num_res 
_struct_site_gen.label_comp_id 
_struct_site_gen.label_asym_id 
_struct_site_gen.label_seq_id 
_struct_site_gen.pdbx_auth_ins_code 
_struct_site_gen.auth_comp_id 
_struct_site_gen.auth_asym_id 
_struct_site_gen.auth_seq_id 
_struct_site_gen.label_atom_id 
_struct_site_gen.label_alt_id 
_struct_site_gen.symmetry 
_struct_site_gen.details 
1  AC1 9  HOH G .   ? HOH A 2177 . ? 1_555  ? 
2  AC1 9  HOH G .   ? HOH A 2177 . ? 31_665 ? 
3  AC1 9  HOH G .   ? HOH A 2177 . ? 82_656 ? 
4  AC1 9  HOH G .   ? HOH A 2178 . ? 82_656 ? 
5  AC1 9  HOH G .   ? HOH A 2178 . ? 1_555  ? 
6  AC1 9  HOH G .   ? HOH A 2178 . ? 31_665 ? 
7  AC1 9  HOH G .   ? HOH A 2182 . ? 31_665 ? 
8  AC1 9  HOH G .   ? HOH A 2182 . ? 82_656 ? 
9  AC1 9  HOH G .   ? HOH A 2182 . ? 1_555  ? 
10 AC2 5  HIS A 50  ? HIS A 50   . ? 27_556 ? 
11 AC2 5  ASP A 77  ? ASP A 77   . ? 1_555  ? 
12 AC2 5  GLU A 81  ? GLU A 81   . ? 1_555  ? 
13 AC2 5  GOL D .   ? GOL A 1177 . ? 1_555  ? 
14 AC2 5  HOH G .   ? HOH A 2065 . ? 27_556 ? 
15 AC3 10 HIS A 50  ? HIS A 50   . ? 27_556 ? 
16 AC3 10 HIS A 62  ? HIS A 62   . ? 27_556 ? 
17 AC3 10 ASP A 77  ? ASP A 77   . ? 1_555  ? 
18 AC3 10 GLU A 81  ? GLU A 81   . ? 1_555  ? 
19 AC3 10 LYS A 160 ? LYS A 160  . ? 31_665 ? 
20 AC3 10 FE  C .   ? FE  A 1176 . ? 1_555  ? 
21 AC3 10 HOH G .   ? HOH A 2065 . ? 27_556 ? 
22 AC3 10 HOH G .   ? HOH A 2216 . ? 1_555  ? 
23 AC3 10 HOH G .   ? HOH A 2217 . ? 1_555  ? 
24 AC3 10 HOH G .   ? HOH A 2218 . ? 1_555  ? 
25 AC4 6  ARG A 82  ? ARG A 82   . ? 82_656 ? 
26 AC4 6  ILE A 86  ? ILE A 86   . ? 82_656 ? 
27 AC4 6  LYS A 155 ? LYS A 155  . ? 1_555  ? 
28 AC4 6  GLU A 159 ? GLU A 159  . ? 1_555  ? 
29 AC4 6  HOH G .   ? HOH A 2219 . ? 1_555  ? 
30 AC4 6  HOH G .   ? HOH A 2220 . ? 1_555  ? 
31 AC5 10 ALA A 115 ? ALA A 115  . ? 18_545 ? 
32 AC5 10 GLN A 116 ? GLN A 116  . ? 18_545 ? 
33 AC5 10 ALA A 119 ? ALA A 119  . ? 18_545 ? 
34 AC5 10 ARG A 169 ? ARG A 169  . ? 1_555  ? 
35 AC5 10 GLN A 171 ? GLN A 171  . ? 1_555  ? 
36 AC5 10 HOH G .   ? HOH A 2203 . ? 1_555  ? 
37 AC5 10 HOH G .   ? HOH A 2205 . ? 1_555  ? 
38 AC5 10 HOH G .   ? HOH A 2221 . ? 1_555  ? 
39 AC5 10 HOH G .   ? HOH A 2222 . ? 1_555  ? 
40 AC5 10 HOH G .   ? HOH A 2223 . ? 1_555  ? 
# 
_pdbx_validate_torsion.id              1 
_pdbx_validate_torsion.PDB_model_num   1 
_pdbx_validate_torsion.auth_comp_id    SER 
_pdbx_validate_torsion.auth_asym_id    A 
_pdbx_validate_torsion.auth_seq_id     92 
_pdbx_validate_torsion.PDB_ins_code    ? 
_pdbx_validate_torsion.label_alt_id    ? 
_pdbx_validate_torsion.phi             -156.22 
_pdbx_validate_torsion.psi             27.16 
# 
loop_
_pdbx_struct_special_symmetry.id 
_pdbx_struct_special_symmetry.PDB_model_num 
_pdbx_struct_special_symmetry.auth_asym_id 
_pdbx_struct_special_symmetry.auth_comp_id 
_pdbx_struct_special_symmetry.auth_seq_id 
_pdbx_struct_special_symmetry.PDB_ins_code 
_pdbx_struct_special_symmetry.label_asym_id 
_pdbx_struct_special_symmetry.label_comp_id 
_pdbx_struct_special_symmetry.label_seq_id 
1 1 A NA  1175 ? B NA  . 
2 1 A HOH 2061 ? G HOH . 
3 1 A HOH 2117 ? G HOH . 
4 1 A HOH 2182 ? G HOH . 
5 1 A HOH 2183 ? G HOH . 
# 
loop_
_pdbx_distant_solvent_atoms.id 
_pdbx_distant_solvent_atoms.PDB_model_num 
_pdbx_distant_solvent_atoms.auth_atom_id 
_pdbx_distant_solvent_atoms.label_alt_id 
_pdbx_distant_solvent_atoms.auth_asym_id 
_pdbx_distant_solvent_atoms.auth_comp_id 
_pdbx_distant_solvent_atoms.auth_seq_id 
_pdbx_distant_solvent_atoms.PDB_ins_code 
_pdbx_distant_solvent_atoms.neighbor_macromolecule_distance 
_pdbx_distant_solvent_atoms.neighbor_ligand_distance 
1 1 O ? A HOH 2005 ? 6.04 . 
2 1 O ? A HOH 2006 ? 5.82 . 
3 1 O ? A HOH 2007 ? 5.89 . 
4 1 O ? A HOH 2080 ? 6.64 . 
# 
loop_
_pdbx_unobs_or_zero_occ_residues.id 
_pdbx_unobs_or_zero_occ_residues.PDB_model_num 
_pdbx_unobs_or_zero_occ_residues.polymer_flag 
_pdbx_unobs_or_zero_occ_residues.occupancy_flag 
_pdbx_unobs_or_zero_occ_residues.auth_asym_id 
_pdbx_unobs_or_zero_occ_residues.auth_comp_id 
_pdbx_unobs_or_zero_occ_residues.auth_seq_id 
_pdbx_unobs_or_zero_occ_residues.PDB_ins_code 
_pdbx_unobs_or_zero_occ_residues.label_asym_id 
_pdbx_unobs_or_zero_occ_residues.label_comp_id 
_pdbx_unobs_or_zero_occ_residues.label_seq_id 
1 1 Y 1 A MET 1  ? A MET 1  
2 1 Y 1 A THR 2  ? A THR 2  
3 1 Y 1 A ASN 3  ? A ASN 3  
4 1 Y 1 A ILE 17 ? A ILE 17 
5 1 Y 1 A SER 18 ? A SER 18 
6 1 Y 1 A LYS 19 ? A LYS 19 
7 1 Y 1 A LYS 20 ? A LYS 20 
8 1 Y 1 A GLU 21 ? A GLU 21 
9 1 Y 1 A ALA 22 ? A ALA 22 
# 
loop_
_chem_comp_atom.comp_id 
_chem_comp_atom.atom_id 
_chem_comp_atom.type_symbol 
_chem_comp_atom.pdbx_aromatic_flag 
_chem_comp_atom.pdbx_stereo_config 
_chem_comp_atom.pdbx_ordinal 
ALA N    N  N N 1   
ALA CA   C  N S 2   
ALA C    C  N N 3   
ALA O    O  N N 4   
ALA CB   C  N N 5   
ALA OXT  O  N N 6   
ALA H    H  N N 7   
ALA H2   H  N N 8   
ALA HA   H  N N 9   
ALA HB1  H  N N 10  
ALA HB2  H  N N 11  
ALA HB3  H  N N 12  
ALA HXT  H  N N 13  
ARG N    N  N N 14  
ARG CA   C  N S 15  
ARG C    C  N N 16  
ARG O    O  N N 17  
ARG CB   C  N N 18  
ARG CG   C  N N 19  
ARG CD   C  N N 20  
ARG NE   N  N N 21  
ARG CZ   C  N N 22  
ARG NH1  N  N N 23  
ARG NH2  N  N N 24  
ARG OXT  O  N N 25  
ARG H    H  N N 26  
ARG H2   H  N N 27  
ARG HA   H  N N 28  
ARG HB2  H  N N 29  
ARG HB3  H  N N 30  
ARG HG2  H  N N 31  
ARG HG3  H  N N 32  
ARG HD2  H  N N 33  
ARG HD3  H  N N 34  
ARG HE   H  N N 35  
ARG HH11 H  N N 36  
ARG HH12 H  N N 37  
ARG HH21 H  N N 38  
ARG HH22 H  N N 39  
ARG HXT  H  N N 40  
ASN N    N  N N 41  
ASN CA   C  N S 42  
ASN C    C  N N 43  
ASN O    O  N N 44  
ASN CB   C  N N 45  
ASN CG   C  N N 46  
ASN OD1  O  N N 47  
ASN ND2  N  N N 48  
ASN OXT  O  N N 49  
ASN H    H  N N 50  
ASN H2   H  N N 51  
ASN HA   H  N N 52  
ASN HB2  H  N N 53  
ASN HB3  H  N N 54  
ASN HD21 H  N N 55  
ASN HD22 H  N N 56  
ASN HXT  H  N N 57  
ASP N    N  N N 58  
ASP CA   C  N S 59  
ASP C    C  N N 60  
ASP O    O  N N 61  
ASP CB   C  N N 62  
ASP CG   C  N N 63  
ASP OD1  O  N N 64  
ASP OD2  O  N N 65  
ASP OXT  O  N N 66  
ASP H    H  N N 67  
ASP H2   H  N N 68  
ASP HA   H  N N 69  
ASP HB2  H  N N 70  
ASP HB3  H  N N 71  
ASP HD2  H  N N 72  
ASP HXT  H  N N 73  
FE  FE   FE N N 74  
GLN N    N  N N 75  
GLN CA   C  N S 76  
GLN C    C  N N 77  
GLN O    O  N N 78  
GLN CB   C  N N 79  
GLN CG   C  N N 80  
GLN CD   C  N N 81  
GLN OE1  O  N N 82  
GLN NE2  N  N N 83  
GLN OXT  O  N N 84  
GLN H    H  N N 85  
GLN H2   H  N N 86  
GLN HA   H  N N 87  
GLN HB2  H  N N 88  
GLN HB3  H  N N 89  
GLN HG2  H  N N 90  
GLN HG3  H  N N 91  
GLN HE21 H  N N 92  
GLN HE22 H  N N 93  
GLN HXT  H  N N 94  
GLU N    N  N N 95  
GLU CA   C  N S 96  
GLU C    C  N N 97  
GLU O    O  N N 98  
GLU CB   C  N N 99  
GLU CG   C  N N 100 
GLU CD   C  N N 101 
GLU OE1  O  N N 102 
GLU OE2  O  N N 103 
GLU OXT  O  N N 104 
GLU H    H  N N 105 
GLU H2   H  N N 106 
GLU HA   H  N N 107 
GLU HB2  H  N N 108 
GLU HB3  H  N N 109 
GLU HG2  H  N N 110 
GLU HG3  H  N N 111 
GLU HE2  H  N N 112 
GLU HXT  H  N N 113 
GLY N    N  N N 114 
GLY CA   C  N N 115 
GLY C    C  N N 116 
GLY O    O  N N 117 
GLY OXT  O  N N 118 
GLY H    H  N N 119 
GLY H2   H  N N 120 
GLY HA2  H  N N 121 
GLY HA3  H  N N 122 
GLY HXT  H  N N 123 
GOL C1   C  N N 124 
GOL O1   O  N N 125 
GOL C2   C  N N 126 
GOL O2   O  N N 127 
GOL C3   C  N N 128 
GOL O3   O  N N 129 
GOL H11  H  N N 130 
GOL H12  H  N N 131 
GOL HO1  H  N N 132 
GOL H2   H  N N 133 
GOL HO2  H  N N 134 
GOL H31  H  N N 135 
GOL H32  H  N N 136 
GOL HO3  H  N N 137 
HIS N    N  N N 138 
HIS CA   C  N S 139 
HIS C    C  N N 140 
HIS O    O  N N 141 
HIS CB   C  N N 142 
HIS CG   C  Y N 143 
HIS ND1  N  Y N 144 
HIS CD2  C  Y N 145 
HIS CE1  C  Y N 146 
HIS NE2  N  Y N 147 
HIS OXT  O  N N 148 
HIS H    H  N N 149 
HIS H2   H  N N 150 
HIS HA   H  N N 151 
HIS HB2  H  N N 152 
HIS HB3  H  N N 153 
HIS HD1  H  N N 154 
HIS HD2  H  N N 155 
HIS HE1  H  N N 156 
HIS HE2  H  N N 157 
HIS HXT  H  N N 158 
HOH O    O  N N 159 
HOH H1   H  N N 160 
HOH H2   H  N N 161 
ILE N    N  N N 162 
ILE CA   C  N S 163 
ILE C    C  N N 164 
ILE O    O  N N 165 
ILE CB   C  N S 166 
ILE CG1  C  N N 167 
ILE CG2  C  N N 168 
ILE CD1  C  N N 169 
ILE OXT  O  N N 170 
ILE H    H  N N 171 
ILE H2   H  N N 172 
ILE HA   H  N N 173 
ILE HB   H  N N 174 
ILE HG12 H  N N 175 
ILE HG13 H  N N 176 
ILE HG21 H  N N 177 
ILE HG22 H  N N 178 
ILE HG23 H  N N 179 
ILE HD11 H  N N 180 
ILE HD12 H  N N 181 
ILE HD13 H  N N 182 
ILE HXT  H  N N 183 
LEU N    N  N N 184 
LEU CA   C  N S 185 
LEU C    C  N N 186 
LEU O    O  N N 187 
LEU CB   C  N N 188 
LEU CG   C  N N 189 
LEU CD1  C  N N 190 
LEU CD2  C  N N 191 
LEU OXT  O  N N 192 
LEU H    H  N N 193 
LEU H2   H  N N 194 
LEU HA   H  N N 195 
LEU HB2  H  N N 196 
LEU HB3  H  N N 197 
LEU HG   H  N N 198 
LEU HD11 H  N N 199 
LEU HD12 H  N N 200 
LEU HD13 H  N N 201 
LEU HD21 H  N N 202 
LEU HD22 H  N N 203 
LEU HD23 H  N N 204 
LEU HXT  H  N N 205 
LYS N    N  N N 206 
LYS CA   C  N S 207 
LYS C    C  N N 208 
LYS O    O  N N 209 
LYS CB   C  N N 210 
LYS CG   C  N N 211 
LYS CD   C  N N 212 
LYS CE   C  N N 213 
LYS NZ   N  N N 214 
LYS OXT  O  N N 215 
LYS H    H  N N 216 
LYS H2   H  N N 217 
LYS HA   H  N N 218 
LYS HB2  H  N N 219 
LYS HB3  H  N N 220 
LYS HG2  H  N N 221 
LYS HG3  H  N N 222 
LYS HD2  H  N N 223 
LYS HD3  H  N N 224 
LYS HE2  H  N N 225 
LYS HE3  H  N N 226 
LYS HZ1  H  N N 227 
LYS HZ2  H  N N 228 
LYS HZ3  H  N N 229 
LYS HXT  H  N N 230 
MET N    N  N N 231 
MET CA   C  N S 232 
MET C    C  N N 233 
MET O    O  N N 234 
MET CB   C  N N 235 
MET CG   C  N N 236 
MET SD   S  N N 237 
MET CE   C  N N 238 
MET OXT  O  N N 239 
MET H    H  N N 240 
MET H2   H  N N 241 
MET HA   H  N N 242 
MET HB2  H  N N 243 
MET HB3  H  N N 244 
MET HG2  H  N N 245 
MET HG3  H  N N 246 
MET HE1  H  N N 247 
MET HE2  H  N N 248 
MET HE3  H  N N 249 
MET HXT  H  N N 250 
NA  NA   NA N N 251 
PHE N    N  N N 252 
PHE CA   C  N S 253 
PHE C    C  N N 254 
PHE O    O  N N 255 
PHE CB   C  N N 256 
PHE CG   C  Y N 257 
PHE CD1  C  Y N 258 
PHE CD2  C  Y N 259 
PHE CE1  C  Y N 260 
PHE CE2  C  Y N 261 
PHE CZ   C  Y N 262 
PHE OXT  O  N N 263 
PHE H    H  N N 264 
PHE H2   H  N N 265 
PHE HA   H  N N 266 
PHE HB2  H  N N 267 
PHE HB3  H  N N 268 
PHE HD1  H  N N 269 
PHE HD2  H  N N 270 
PHE HE1  H  N N 271 
PHE HE2  H  N N 272 
PHE HZ   H  N N 273 
PHE HXT  H  N N 274 
PRO N    N  N N 275 
PRO CA   C  N S 276 
PRO C    C  N N 277 
PRO O    O  N N 278 
PRO CB   C  N N 279 
PRO CG   C  N N 280 
PRO CD   C  N N 281 
PRO OXT  O  N N 282 
PRO H    H  N N 283 
PRO HA   H  N N 284 
PRO HB2  H  N N 285 
PRO HB3  H  N N 286 
PRO HG2  H  N N 287 
PRO HG3  H  N N 288 
PRO HD2  H  N N 289 
PRO HD3  H  N N 290 
PRO HXT  H  N N 291 
SER N    N  N N 292 
SER CA   C  N S 293 
SER C    C  N N 294 
SER O    O  N N 295 
SER CB   C  N N 296 
SER OG   O  N N 297 
SER OXT  O  N N 298 
SER H    H  N N 299 
SER H2   H  N N 300 
SER HA   H  N N 301 
SER HB2  H  N N 302 
SER HB3  H  N N 303 
SER HG   H  N N 304 
SER HXT  H  N N 305 
THR N    N  N N 306 
THR CA   C  N S 307 
THR C    C  N N 308 
THR O    O  N N 309 
THR CB   C  N R 310 
THR OG1  O  N N 311 
THR CG2  C  N N 312 
THR OXT  O  N N 313 
THR H    H  N N 314 
THR H2   H  N N 315 
THR HA   H  N N 316 
THR HB   H  N N 317 
THR HG1  H  N N 318 
THR HG21 H  N N 319 
THR HG22 H  N N 320 
THR HG23 H  N N 321 
THR HXT  H  N N 322 
TRP N    N  N N 323 
TRP CA   C  N S 324 
TRP C    C  N N 325 
TRP O    O  N N 326 
TRP CB   C  N N 327 
TRP CG   C  Y N 328 
TRP CD1  C  Y N 329 
TRP CD2  C  Y N 330 
TRP NE1  N  Y N 331 
TRP CE2  C  Y N 332 
TRP CE3  C  Y N 333 
TRP CZ2  C  Y N 334 
TRP CZ3  C  Y N 335 
TRP CH2  C  Y N 336 
TRP OXT  O  N N 337 
TRP H    H  N N 338 
TRP H2   H  N N 339 
TRP HA   H  N N 340 
TRP HB2  H  N N 341 
TRP HB3  H  N N 342 
TRP HD1  H  N N 343 
TRP HE1  H  N N 344 
TRP HE3  H  N N 345 
TRP HZ2  H  N N 346 
TRP HZ3  H  N N 347 
TRP HH2  H  N N 348 
TRP HXT  H  N N 349 
TYR N    N  N N 350 
TYR CA   C  N S 351 
TYR C    C  N N 352 
TYR O    O  N N 353 
TYR CB   C  N N 354 
TYR CG   C  Y N 355 
TYR CD1  C  Y N 356 
TYR CD2  C  Y N 357 
TYR CE1  C  Y N 358 
TYR CE2  C  Y N 359 
TYR CZ   C  Y N 360 
TYR OH   O  N N 361 
TYR OXT  O  N N 362 
TYR H    H  N N 363 
TYR H2   H  N N 364 
TYR HA   H  N N 365 
TYR HB2  H  N N 366 
TYR HB3  H  N N 367 
TYR HD1  H  N N 368 
TYR HD2  H  N N 369 
TYR HE1  H  N N 370 
TYR HE2  H  N N 371 
TYR HH   H  N N 372 
TYR HXT  H  N N 373 
VAL N    N  N N 374 
VAL CA   C  N S 375 
VAL C    C  N N 376 
VAL O    O  N N 377 
VAL CB   C  N N 378 
VAL CG1  C  N N 379 
VAL CG2  C  N N 380 
VAL OXT  O  N N 381 
VAL H    H  N N 382 
VAL H2   H  N N 383 
VAL HA   H  N N 384 
VAL HB   H  N N 385 
VAL HG11 H  N N 386 
VAL HG12 H  N N 387 
VAL HG13 H  N N 388 
VAL HG21 H  N N 389 
VAL HG22 H  N N 390 
VAL HG23 H  N N 391 
VAL HXT  H  N N 392 
# 
loop_
_chem_comp_bond.comp_id 
_chem_comp_bond.atom_id_1 
_chem_comp_bond.atom_id_2 
_chem_comp_bond.value_order 
_chem_comp_bond.pdbx_aromatic_flag 
_chem_comp_bond.pdbx_stereo_config 
_chem_comp_bond.pdbx_ordinal 
ALA N   CA   sing N N 1   
ALA N   H    sing N N 2   
ALA N   H2   sing N N 3   
ALA CA  C    sing N N 4   
ALA CA  CB   sing N N 5   
ALA CA  HA   sing N N 6   
ALA C   O    doub N N 7   
ALA C   OXT  sing N N 8   
ALA CB  HB1  sing N N 9   
ALA CB  HB2  sing N N 10  
ALA CB  HB3  sing N N 11  
ALA OXT HXT  sing N N 12  
ARG N   CA   sing N N 13  
ARG N   H    sing N N 14  
ARG N   H2   sing N N 15  
ARG CA  C    sing N N 16  
ARG CA  CB   sing N N 17  
ARG CA  HA   sing N N 18  
ARG C   O    doub N N 19  
ARG C   OXT  sing N N 20  
ARG CB  CG   sing N N 21  
ARG CB  HB2  sing N N 22  
ARG CB  HB3  sing N N 23  
ARG CG  CD   sing N N 24  
ARG CG  HG2  sing N N 25  
ARG CG  HG3  sing N N 26  
ARG CD  NE   sing N N 27  
ARG CD  HD2  sing N N 28  
ARG CD  HD3  sing N N 29  
ARG NE  CZ   sing N N 30  
ARG NE  HE   sing N N 31  
ARG CZ  NH1  sing N N 32  
ARG CZ  NH2  doub N N 33  
ARG NH1 HH11 sing N N 34  
ARG NH1 HH12 sing N N 35  
ARG NH2 HH21 sing N N 36  
ARG NH2 HH22 sing N N 37  
ARG OXT HXT  sing N N 38  
ASN N   CA   sing N N 39  
ASN N   H    sing N N 40  
ASN N   H2   sing N N 41  
ASN CA  C    sing N N 42  
ASN CA  CB   sing N N 43  
ASN CA  HA   sing N N 44  
ASN C   O    doub N N 45  
ASN C   OXT  sing N N 46  
ASN CB  CG   sing N N 47  
ASN CB  HB2  sing N N 48  
ASN CB  HB3  sing N N 49  
ASN CG  OD1  doub N N 50  
ASN CG  ND2  sing N N 51  
ASN ND2 HD21 sing N N 52  
ASN ND2 HD22 sing N N 53  
ASN OXT HXT  sing N N 54  
ASP N   CA   sing N N 55  
ASP N   H    sing N N 56  
ASP N   H2   sing N N 57  
ASP CA  C    sing N N 58  
ASP CA  CB   sing N N 59  
ASP CA  HA   sing N N 60  
ASP C   O    doub N N 61  
ASP C   OXT  sing N N 62  
ASP CB  CG   sing N N 63  
ASP CB  HB2  sing N N 64  
ASP CB  HB3  sing N N 65  
ASP CG  OD1  doub N N 66  
ASP CG  OD2  sing N N 67  
ASP OD2 HD2  sing N N 68  
ASP OXT HXT  sing N N 69  
GLN N   CA   sing N N 70  
GLN N   H    sing N N 71  
GLN N   H2   sing N N 72  
GLN CA  C    sing N N 73  
GLN CA  CB   sing N N 74  
GLN CA  HA   sing N N 75  
GLN C   O    doub N N 76  
GLN C   OXT  sing N N 77  
GLN CB  CG   sing N N 78  
GLN CB  HB2  sing N N 79  
GLN CB  HB3  sing N N 80  
GLN CG  CD   sing N N 81  
GLN CG  HG2  sing N N 82  
GLN CG  HG3  sing N N 83  
GLN CD  OE1  doub N N 84  
GLN CD  NE2  sing N N 85  
GLN NE2 HE21 sing N N 86  
GLN NE2 HE22 sing N N 87  
GLN OXT HXT  sing N N 88  
GLU N   CA   sing N N 89  
GLU N   H    sing N N 90  
GLU N   H2   sing N N 91  
GLU CA  C    sing N N 92  
GLU CA  CB   sing N N 93  
GLU CA  HA   sing N N 94  
GLU C   O    doub N N 95  
GLU C   OXT  sing N N 96  
GLU CB  CG   sing N N 97  
GLU CB  HB2  sing N N 98  
GLU CB  HB3  sing N N 99  
GLU CG  CD   sing N N 100 
GLU CG  HG2  sing N N 101 
GLU CG  HG3  sing N N 102 
GLU CD  OE1  doub N N 103 
GLU CD  OE2  sing N N 104 
GLU OE2 HE2  sing N N 105 
GLU OXT HXT  sing N N 106 
GLY N   CA   sing N N 107 
GLY N   H    sing N N 108 
GLY N   H2   sing N N 109 
GLY CA  C    sing N N 110 
GLY CA  HA2  sing N N 111 
GLY CA  HA3  sing N N 112 
GLY C   O    doub N N 113 
GLY C   OXT  sing N N 114 
GLY OXT HXT  sing N N 115 
GOL C1  O1   sing N N 116 
GOL C1  C2   sing N N 117 
GOL C1  H11  sing N N 118 
GOL C1  H12  sing N N 119 
GOL O1  HO1  sing N N 120 
GOL C2  O2   sing N N 121 
GOL C2  C3   sing N N 122 
GOL C2  H2   sing N N 123 
GOL O2  HO2  sing N N 124 
GOL C3  O3   sing N N 125 
GOL C3  H31  sing N N 126 
GOL C3  H32  sing N N 127 
GOL O3  HO3  sing N N 128 
HIS N   CA   sing N N 129 
HIS N   H    sing N N 130 
HIS N   H2   sing N N 131 
HIS CA  C    sing N N 132 
HIS CA  CB   sing N N 133 
HIS CA  HA   sing N N 134 
HIS C   O    doub N N 135 
HIS C   OXT  sing N N 136 
HIS CB  CG   sing N N 137 
HIS CB  HB2  sing N N 138 
HIS CB  HB3  sing N N 139 
HIS CG  ND1  sing Y N 140 
HIS CG  CD2  doub Y N 141 
HIS ND1 CE1  doub Y N 142 
HIS ND1 HD1  sing N N 143 
HIS CD2 NE2  sing Y N 144 
HIS CD2 HD2  sing N N 145 
HIS CE1 NE2  sing Y N 146 
HIS CE1 HE1  sing N N 147 
HIS NE2 HE2  sing N N 148 
HIS OXT HXT  sing N N 149 
HOH O   H1   sing N N 150 
HOH O   H2   sing N N 151 
ILE N   CA   sing N N 152 
ILE N   H    sing N N 153 
ILE N   H2   sing N N 154 
ILE CA  C    sing N N 155 
ILE CA  CB   sing N N 156 
ILE CA  HA   sing N N 157 
ILE C   O    doub N N 158 
ILE C   OXT  sing N N 159 
ILE CB  CG1  sing N N 160 
ILE CB  CG2  sing N N 161 
ILE CB  HB   sing N N 162 
ILE CG1 CD1  sing N N 163 
ILE CG1 HG12 sing N N 164 
ILE CG1 HG13 sing N N 165 
ILE CG2 HG21 sing N N 166 
ILE CG2 HG22 sing N N 167 
ILE CG2 HG23 sing N N 168 
ILE CD1 HD11 sing N N 169 
ILE CD1 HD12 sing N N 170 
ILE CD1 HD13 sing N N 171 
ILE OXT HXT  sing N N 172 
LEU N   CA   sing N N 173 
LEU N   H    sing N N 174 
LEU N   H2   sing N N 175 
LEU CA  C    sing N N 176 
LEU CA  CB   sing N N 177 
LEU CA  HA   sing N N 178 
LEU C   O    doub N N 179 
LEU C   OXT  sing N N 180 
LEU CB  CG   sing N N 181 
LEU CB  HB2  sing N N 182 
LEU CB  HB3  sing N N 183 
LEU CG  CD1  sing N N 184 
LEU CG  CD2  sing N N 185 
LEU CG  HG   sing N N 186 
LEU CD1 HD11 sing N N 187 
LEU CD1 HD12 sing N N 188 
LEU CD1 HD13 sing N N 189 
LEU CD2 HD21 sing N N 190 
LEU CD2 HD22 sing N N 191 
LEU CD2 HD23 sing N N 192 
LEU OXT HXT  sing N N 193 
LYS N   CA   sing N N 194 
LYS N   H    sing N N 195 
LYS N   H2   sing N N 196 
LYS CA  C    sing N N 197 
LYS CA  CB   sing N N 198 
LYS CA  HA   sing N N 199 
LYS C   O    doub N N 200 
LYS C   OXT  sing N N 201 
LYS CB  CG   sing N N 202 
LYS CB  HB2  sing N N 203 
LYS CB  HB3  sing N N 204 
LYS CG  CD   sing N N 205 
LYS CG  HG2  sing N N 206 
LYS CG  HG3  sing N N 207 
LYS CD  CE   sing N N 208 
LYS CD  HD2  sing N N 209 
LYS CD  HD3  sing N N 210 
LYS CE  NZ   sing N N 211 
LYS CE  HE2  sing N N 212 
LYS CE  HE3  sing N N 213 
LYS NZ  HZ1  sing N N 214 
LYS NZ  HZ2  sing N N 215 
LYS NZ  HZ3  sing N N 216 
LYS OXT HXT  sing N N 217 
MET N   CA   sing N N 218 
MET N   H    sing N N 219 
MET N   H2   sing N N 220 
MET CA  C    sing N N 221 
MET CA  CB   sing N N 222 
MET CA  HA   sing N N 223 
MET C   O    doub N N 224 
MET C   OXT  sing N N 225 
MET CB  CG   sing N N 226 
MET CB  HB2  sing N N 227 
MET CB  HB3  sing N N 228 
MET CG  SD   sing N N 229 
MET CG  HG2  sing N N 230 
MET CG  HG3  sing N N 231 
MET SD  CE   sing N N 232 
MET CE  HE1  sing N N 233 
MET CE  HE2  sing N N 234 
MET CE  HE3  sing N N 235 
MET OXT HXT  sing N N 236 
PHE N   CA   sing N N 237 
PHE N   H    sing N N 238 
PHE N   H2   sing N N 239 
PHE CA  C    sing N N 240 
PHE CA  CB   sing N N 241 
PHE CA  HA   sing N N 242 
PHE C   O    doub N N 243 
PHE C   OXT  sing N N 244 
PHE CB  CG   sing N N 245 
PHE CB  HB2  sing N N 246 
PHE CB  HB3  sing N N 247 
PHE CG  CD1  doub Y N 248 
PHE CG  CD2  sing Y N 249 
PHE CD1 CE1  sing Y N 250 
PHE CD1 HD1  sing N N 251 
PHE CD2 CE2  doub Y N 252 
PHE CD2 HD2  sing N N 253 
PHE CE1 CZ   doub Y N 254 
PHE CE1 HE1  sing N N 255 
PHE CE2 CZ   sing Y N 256 
PHE CE2 HE2  sing N N 257 
PHE CZ  HZ   sing N N 258 
PHE OXT HXT  sing N N 259 
PRO N   CA   sing N N 260 
PRO N   CD   sing N N 261 
PRO N   H    sing N N 262 
PRO CA  C    sing N N 263 
PRO CA  CB   sing N N 264 
PRO CA  HA   sing N N 265 
PRO C   O    doub N N 266 
PRO C   OXT  sing N N 267 
PRO CB  CG   sing N N 268 
PRO CB  HB2  sing N N 269 
PRO CB  HB3  sing N N 270 
PRO CG  CD   sing N N 271 
PRO CG  HG2  sing N N 272 
PRO CG  HG3  sing N N 273 
PRO CD  HD2  sing N N 274 
PRO CD  HD3  sing N N 275 
PRO OXT HXT  sing N N 276 
SER N   CA   sing N N 277 
SER N   H    sing N N 278 
SER N   H2   sing N N 279 
SER CA  C    sing N N 280 
SER CA  CB   sing N N 281 
SER CA  HA   sing N N 282 
SER C   O    doub N N 283 
SER C   OXT  sing N N 284 
SER CB  OG   sing N N 285 
SER CB  HB2  sing N N 286 
SER CB  HB3  sing N N 287 
SER OG  HG   sing N N 288 
SER OXT HXT  sing N N 289 
THR N   CA   sing N N 290 
THR N   H    sing N N 291 
THR N   H2   sing N N 292 
THR CA  C    sing N N 293 
THR CA  CB   sing N N 294 
THR CA  HA   sing N N 295 
THR C   O    doub N N 296 
THR C   OXT  sing N N 297 
THR CB  OG1  sing N N 298 
THR CB  CG2  sing N N 299 
THR CB  HB   sing N N 300 
THR OG1 HG1  sing N N 301 
THR CG2 HG21 sing N N 302 
THR CG2 HG22 sing N N 303 
THR CG2 HG23 sing N N 304 
THR OXT HXT  sing N N 305 
TRP N   CA   sing N N 306 
TRP N   H    sing N N 307 
TRP N   H2   sing N N 308 
TRP CA  C    sing N N 309 
TRP CA  CB   sing N N 310 
TRP CA  HA   sing N N 311 
TRP C   O    doub N N 312 
TRP C   OXT  sing N N 313 
TRP CB  CG   sing N N 314 
TRP CB  HB2  sing N N 315 
TRP CB  HB3  sing N N 316 
TRP CG  CD1  doub Y N 317 
TRP CG  CD2  sing Y N 318 
TRP CD1 NE1  sing Y N 319 
TRP CD1 HD1  sing N N 320 
TRP CD2 CE2  doub Y N 321 
TRP CD2 CE3  sing Y N 322 
TRP NE1 CE2  sing Y N 323 
TRP NE1 HE1  sing N N 324 
TRP CE2 CZ2  sing Y N 325 
TRP CE3 CZ3  doub Y N 326 
TRP CE3 HE3  sing N N 327 
TRP CZ2 CH2  doub Y N 328 
TRP CZ2 HZ2  sing N N 329 
TRP CZ3 CH2  sing Y N 330 
TRP CZ3 HZ3  sing N N 331 
TRP CH2 HH2  sing N N 332 
TRP OXT HXT  sing N N 333 
TYR N   CA   sing N N 334 
TYR N   H    sing N N 335 
TYR N   H2   sing N N 336 
TYR CA  C    sing N N 337 
TYR CA  CB   sing N N 338 
TYR CA  HA   sing N N 339 
TYR C   O    doub N N 340 
TYR C   OXT  sing N N 341 
TYR CB  CG   sing N N 342 
TYR CB  HB2  sing N N 343 
TYR CB  HB3  sing N N 344 
TYR CG  CD1  doub Y N 345 
TYR CG  CD2  sing Y N 346 
TYR CD1 CE1  sing Y N 347 
TYR CD1 HD1  sing N N 348 
TYR CD2 CE2  doub Y N 349 
TYR CD2 HD2  sing N N 350 
TYR CE1 CZ   doub Y N 351 
TYR CE1 HE1  sing N N 352 
TYR CE2 CZ   sing Y N 353 
TYR CE2 HE2  sing N N 354 
TYR CZ  OH   sing N N 355 
TYR OH  HH   sing N N 356 
TYR OXT HXT  sing N N 357 
VAL N   CA   sing N N 358 
VAL N   H    sing N N 359 
VAL N   H2   sing N N 360 
VAL CA  C    sing N N 361 
VAL CA  CB   sing N N 362 
VAL CA  HA   sing N N 363 
VAL C   O    doub N N 364 
VAL C   OXT  sing N N 365 
VAL CB  CG1  sing N N 366 
VAL CB  CG2  sing N N 367 
VAL CB  HB   sing N N 368 
VAL CG1 HG11 sing N N 369 
VAL CG1 HG12 sing N N 370 
VAL CG1 HG13 sing N N 371 
VAL CG2 HG21 sing N N 372 
VAL CG2 HG22 sing N N 373 
VAL CG2 HG23 sing N N 374 
VAL OXT HXT  sing N N 375 
# 
_atom_sites.entry_id                    2WLU 
_atom_sites.fract_transf_matrix[1][1]   0.00029028 
_atom_sites.fract_transf_matrix[1][2]   -0.00226566 
_atom_sites.fract_transf_matrix[1][3]   0.00479582 
_atom_sites.fract_transf_matrix[2][1]   0.00429466 
_atom_sites.fract_transf_matrix[2][2]   0.00291906 
_atom_sites.fract_transf_matrix[2][3]   0.00111909 
_atom_sites.fract_transf_matrix[3][1]   -0.00311272 
_atom_sites.fract_transf_matrix[3][2]   0.00381618 
_atom_sites.fract_transf_matrix[3][3]   0.00199126 
_atom_sites.fract_transf_vector[1]      0.316221 
_atom_sites.fract_transf_vector[2]      0.585451 
_atom_sites.fract_transf_vector[3]      0.730016 
# 
loop_
_atom_type.symbol 
C  
FE 
N  
NA 
O  
S  
# 
loop_
_atom_site.group_PDB 
_atom_site.id 
_atom_site.type_symbol 
_atom_site.label_atom_id 
_atom_site.label_alt_id 
_atom_site.label_comp_id 
_atom_site.label_asym_id 
_atom_site.label_entity_id 
_atom_site.label_seq_id 
_atom_site.pdbx_PDB_ins_code 
_atom_site.Cartn_x 
_atom_site.Cartn_y 
_atom_site.Cartn_z 
_atom_site.occupancy 
_atom_site.B_iso_or_equiv 
_atom_site.pdbx_formal_charge 
_atom_site.auth_seq_id 
_atom_site.auth_comp_id 
_atom_site.auth_asym_id 
_atom_site.auth_atom_id 
_atom_site.pdbx_PDB_model_num 
ATOM   1    N  N   . THR A 1 4   ? -4.988  -15.659 9.200   1.00 37.53 ? 4    THR A N   1 
ATOM   2    C  CA  . THR A 1 4   ? -4.356  -14.309 9.176   1.00 37.28 ? 4    THR A CA  1 
ATOM   3    C  C   . THR A 1 4   ? -4.624  -13.617 7.841   1.00 36.86 ? 4    THR A C   1 
ATOM   4    O  O   . THR A 1 4   ? -4.952  -14.275 6.847   1.00 36.88 ? 4    THR A O   1 
ATOM   5    C  CB  . THR A 1 4   ? -2.833  -14.402 9.407   1.00 37.58 ? 4    THR A CB  1 
ATOM   6    O  OG1 . THR A 1 4   ? -2.242  -15.247 8.408   1.00 38.37 ? 4    THR A OG1 1 
ATOM   7    C  CG2 . THR A 1 4   ? -2.526  -14.966 10.791  1.00 37.77 ? 4    THR A CG2 1 
ATOM   8    N  N   . LEU A 1 5   ? -4.498  -12.290 7.825   1.00 36.15 ? 5    LEU A N   1 
ATOM   9    C  CA  . LEU A 1 5   ? -4.566  -11.527 6.579   1.00 35.51 ? 5    LEU A CA  1 
ATOM   10   C  C   . LEU A 1 5   ? -3.477  -12.005 5.606   1.00 35.03 ? 5    LEU A C   1 
ATOM   11   O  O   . LEU A 1 5   ? -3.725  -12.133 4.406   1.00 34.97 ? 5    LEU A O   1 
ATOM   12   C  CB  . LEU A 1 5   ? -4.447  -10.019 6.851   1.00 35.43 ? 5    LEU A CB  1 
ATOM   13   C  CG  . LEU A 1 5   ? -4.575  -9.006  5.701   1.00 35.17 ? 5    LEU A CG  1 
ATOM   14   C  CD1 . LEU A 1 5   ? -5.924  -9.094  4.970   1.00 34.60 ? 5    LEU A CD1 1 
ATOM   15   C  CD2 . LEU A 1 5   ? -4.349  -7.595  6.227   1.00 34.29 ? 5    LEU A CD2 1 
ATOM   16   N  N   . VAL A 1 6   ? -2.287  -12.291 6.140   1.00 34.53 ? 6    VAL A N   1 
ATOM   17   C  CA  . VAL A 1 6   ? -1.152  -12.778 5.343   1.00 34.10 ? 6    VAL A CA  1 
ATOM   18   C  C   . VAL A 1 6   ? -1.503  -14.062 4.579   1.00 34.16 ? 6    VAL A C   1 
ATOM   19   O  O   . VAL A 1 6   ? -1.298  -14.137 3.369   1.00 33.92 ? 6    VAL A O   1 
ATOM   20   C  CB  . VAL A 1 6   ? 0.140   -12.945 6.212   1.00 34.01 ? 6    VAL A CB  1 
ATOM   21   C  CG1 . VAL A 1 6   ? 1.213   -13.745 5.480   1.00 33.04 ? 6    VAL A CG1 1 
ATOM   22   C  CG2 . VAL A 1 6   ? 0.682   -11.582 6.631   1.00 33.19 ? 6    VAL A CG2 1 
ATOM   23   N  N   . GLU A 1 7   ? -2.054  -15.053 5.281   1.00 34.37 ? 7    GLU A N   1 
ATOM   24   C  CA  . GLU A 1 7   ? -2.483  -16.314 4.649   1.00 34.64 ? 7    GLU A CA  1 
ATOM   25   C  C   . GLU A 1 7   ? -3.509  -16.093 3.536   1.00 34.06 ? 7    GLU A C   1 
ATOM   26   O  O   . GLU A 1 7   ? -3.423  -16.718 2.477   1.00 34.36 ? 7    GLU A O   1 
ATOM   27   C  CB  . GLU A 1 7   ? -3.017  -17.301 5.697   1.00 34.91 ? 7    GLU A CB  1 
ATOM   28   C  CG  . GLU A 1 7   ? -1.921  -17.949 6.535   1.00 36.84 ? 7    GLU A CG  1 
ATOM   29   C  CD  . GLU A 1 7   ? -2.421  -18.517 7.862   1.00 39.76 ? 7    GLU A CD  1 
ATOM   30   O  OE1 . GLU A 1 7   ? -3.443  -18.026 8.400   1.00 40.80 ? 7    GLU A OE1 1 
ATOM   31   O  OE2 . GLU A 1 7   ? -1.773  -19.453 8.377   1.00 40.69 ? 7    GLU A OE2 1 
ATOM   32   N  N   . ASN A 1 8   ? -4.460  -15.192 3.769   1.00 33.63 ? 8    ASN A N   1 
ATOM   33   C  CA  . ASN A 1 8   ? -5.486  -14.871 2.774   1.00 33.39 ? 8    ASN A CA  1 
ATOM   34   C  C   . ASN A 1 8   ? -4.921  -14.218 1.510   1.00 32.67 ? 8    ASN A C   1 
ATOM   35   O  O   . ASN A 1 8   ? -5.271  -14.614 0.390   1.00 32.63 ? 8    ASN A O   1 
ATOM   36   C  CB  . ASN A 1 8   ? -6.579  -13.988 3.386   1.00 33.94 ? 8    ASN A CB  1 
ATOM   37   C  CG  . ASN A 1 8   ? -7.561  -14.775 4.250   1.00 35.34 ? 8    ASN A CG  1 
ATOM   38   O  OD1 . ASN A 1 8   ? -7.692  -15.996 4.122   1.00 36.60 ? 8    ASN A OD1 1 
ATOM   39   N  ND2 . ASN A 1 8   ? -8.259  -14.069 5.134   1.00 36.81 ? 8    ASN A ND2 1 
ATOM   40   N  N   . ILE A 1 9   ? -4.058  -13.218 1.697   1.00 31.63 ? 9    ILE A N   1 
ATOM   41   C  CA  . ILE A 1 9   ? -3.371  -12.554 0.586   1.00 30.49 ? 9    ILE A CA  1 
ATOM   42   C  C   . ILE A 1 9   ? -2.558  -13.568 -0.227  1.00 30.05 ? 9    ILE A C   1 
ATOM   43   O  O   . ILE A 1 9   ? -2.652  -13.592 -1.454  1.00 29.74 ? 9    ILE A O   1 
ATOM   44   C  CB  . ILE A 1 9   ? -2.465  -11.376 1.063   1.00 30.46 ? 9    ILE A CB  1 
ATOM   45   C  CG1 . ILE A 1 9   ? -3.301  -10.274 1.727   1.00 29.91 ? 9    ILE A CG1 1 
ATOM   46   C  CG2 . ILE A 1 9   ? -1.674  -10.798 -0.113  1.00 29.78 ? 9    ILE A CG2 1 
ATOM   47   C  CD1 . ILE A 1 9   ? -2.487  -9.212  2.479   1.00 29.46 ? 9    ILE A CD1 1 
ATOM   48   N  N   . TYR A 1 10  ? -1.782  -14.409 0.458   1.00 29.65 ? 10   TYR A N   1 
ATOM   49   C  CA  . TYR A 1 10  ? -0.991  -15.438 -0.215  1.00 29.91 ? 10   TYR A CA  1 
ATOM   50   C  C   . TYR A 1 10  ? -1.867  -16.328 -1.096  1.00 30.05 ? 10   TYR A C   1 
ATOM   51   O  O   . TYR A 1 10  ? -1.572  -16.523 -2.279  1.00 29.46 ? 10   TYR A O   1 
ATOM   52   C  CB  . TYR A 1 10  ? -0.192  -16.294 0.780   1.00 29.85 ? 10   TYR A CB  1 
ATOM   53   C  CG  . TYR A 1 10  ? 0.685   -17.328 0.094   1.00 30.11 ? 10   TYR A CG  1 
ATOM   54   C  CD1 . TYR A 1 10  ? 2.026   -17.057 -0.186  1.00 29.51 ? 10   TYR A CD1 1 
ATOM   55   C  CD2 . TYR A 1 10  ? 0.166   -18.569 -0.298  1.00 30.16 ? 10   TYR A CD2 1 
ATOM   56   C  CE1 . TYR A 1 10  ? 2.835   -18.001 -0.826  1.00 29.99 ? 10   TYR A CE1 1 
ATOM   57   C  CE2 . TYR A 1 10  ? 0.965   -19.518 -0.943  1.00 30.28 ? 10   TYR A CE2 1 
ATOM   58   C  CZ  . TYR A 1 10  ? 2.296   -19.226 -1.203  1.00 30.21 ? 10   TYR A CZ  1 
ATOM   59   O  OH  . TYR A 1 10  ? 3.090   -20.155 -1.839  1.00 30.62 ? 10   TYR A OH  1 
ATOM   60   N  N   . ALA A 1 11  ? -2.943  -16.854 -0.510  1.00 30.37 ? 11   ALA A N   1 
ATOM   61   C  CA  . ALA A 1 11  ? -3.882  -17.722 -1.221  1.00 30.91 ? 11   ALA A CA  1 
ATOM   62   C  C   . ALA A 1 11  ? -4.462  -17.042 -2.460  1.00 31.23 ? 11   ALA A C   1 
ATOM   63   O  O   . ALA A 1 11  ? -4.559  -17.652 -3.527  1.00 31.25 ? 11   ALA A O   1 
ATOM   64   C  CB  . ALA A 1 11  ? -5.001  -18.174 -0.284  1.00 30.73 ? 11   ALA A CB  1 
ATOM   65   N  N   . SER A 1 12  ? -4.831  -15.774 -2.316  1.00 31.67 ? 12   SER A N   1 
ATOM   66   C  CA  . SER A 1 12  ? -5.431  -15.020 -3.411  1.00 32.51 ? 12   SER A CA  1 
ATOM   67   C  C   . SER A 1 12  ? -4.429  -14.668 -4.518  1.00 32.84 ? 12   SER A C   1 
ATOM   68   O  O   . SER A 1 12  ? -4.740  -14.786 -5.705  1.00 32.51 ? 12   SER A O   1 
ATOM   69   C  CB  . SER A 1 12  ? -6.083  -13.751 -2.873  1.00 32.41 ? 12   SER A CB  1 
ATOM   70   O  OG  . SER A 1 12  ? -6.490  -12.926 -3.942  1.00 33.93 ? 12   SER A OG  1 
ATOM   71   N  N   . VAL A 1 13  ? -3.234  -14.234 -4.116  1.00 33.20 ? 13   VAL A N   1 
ATOM   72   C  CA  . VAL A 1 13  ? -2.170  -13.878 -5.053  1.00 33.82 ? 13   VAL A CA  1 
ATOM   73   C  C   . VAL A 1 13  ? -1.724  -15.083 -5.896  1.00 34.73 ? 13   VAL A C   1 
ATOM   74   O  O   . VAL A 1 13  ? -1.470  -14.951 -7.093  1.00 34.53 ? 13   VAL A O   1 
ATOM   75   C  CB  . VAL A 1 13  ? -0.958  -13.242 -4.305  1.00 33.73 ? 13   VAL A CB  1 
ATOM   76   C  CG1 . VAL A 1 13  ? 0.283   -13.196 -5.184  1.00 33.03 ? 13   VAL A CG1 1 
ATOM   77   C  CG2 . VAL A 1 13  ? -1.315  -11.843 -3.792  1.00 32.91 ? 13   VAL A CG2 1 
ATOM   78   N  N   . THR A 1 14  ? -1.649  -16.253 -5.268  1.00 36.09 ? 14   THR A N   1 
ATOM   79   C  CA  . THR A 1 14  ? -1.124  -17.454 -5.928  1.00 37.71 ? 14   THR A CA  1 
ATOM   80   C  C   . THR A 1 14  ? -2.229  -18.376 -6.457  1.00 39.02 ? 14   THR A C   1 
ATOM   81   O  O   . THR A 1 14  ? -1.960  -19.506 -6.866  1.00 39.23 ? 14   THR A O   1 
ATOM   82   C  CB  . THR A 1 14  ? -0.186  -18.255 -4.986  1.00 37.54 ? 14   THR A CB  1 
ATOM   83   O  OG1 . THR A 1 14  ? -0.924  -18.716 -3.848  1.00 37.38 ? 14   THR A OG1 1 
ATOM   84   C  CG2 . THR A 1 14  ? 0.984   -17.393 -4.516  1.00 37.22 ? 14   THR A CG2 1 
ATOM   85   N  N   . HIS A 1 15  ? -3.463  -17.873 -6.459  1.00 40.73 ? 15   HIS A N   1 
ATOM   86   C  CA  . HIS A 1 15  ? -4.652  -18.651 -6.818  1.00 42.40 ? 15   HIS A CA  1 
ATOM   87   C  C   . HIS A 1 15  ? -4.594  -19.242 -8.226  1.00 43.06 ? 15   HIS A C   1 
ATOM   88   O  O   . HIS A 1 15  ? -4.743  -20.453 -8.394  1.00 43.64 ? 15   HIS A O   1 
ATOM   89   C  CB  . HIS A 1 15  ? -5.917  -17.797 -6.644  1.00 42.65 ? 15   HIS A CB  1 
ATOM   90   C  CG  . HIS A 1 15  ? -7.193  -18.547 -6.882  1.00 44.10 ? 15   HIS A CG  1 
ATOM   91   N  ND1 . HIS A 1 15  ? -7.998  -18.314 -7.977  1.00 45.33 ? 15   HIS A ND1 1 
ATOM   92   C  CD2 . HIS A 1 15  ? -7.799  -19.526 -6.170  1.00 44.94 ? 15   HIS A CD2 1 
ATOM   93   C  CE1 . HIS A 1 15  ? -9.049  -19.116 -7.926  1.00 45.55 ? 15   HIS A CE1 1 
ATOM   94   N  NE2 . HIS A 1 15  ? -8.951  -19.861 -6.840  1.00 46.00 ? 15   HIS A NE2 1 
ATOM   95   N  N   . ASN A 1 16  ? -4.375  -18.391 -9.226  1.00 43.82 ? 16   ASN A N   1 
ATOM   96   C  CA  . ASN A 1 16  ? -4.335  -18.824 -10.624 1.00 44.32 ? 16   ASN A CA  1 
ATOM   97   C  C   . ASN A 1 16  ? -2.912  -18.911 -11.172 1.00 44.61 ? 16   ASN A C   1 
ATOM   98   O  O   . ASN A 1 16  ? -2.234  -19.930 -11.011 1.00 45.00 ? 16   ASN A O   1 
ATOM   99   C  CB  . ASN A 1 16  ? -5.184  -17.895 -11.499 1.00 44.43 ? 16   ASN A CB  1 
ATOM   100  N  N   . SER A 1 23  ? 6.566   -20.635 -15.100 1.00 32.69 ? 23   SER A N   1 
ATOM   101  C  CA  . SER A 1 23  ? 7.881   -20.002 -14.975 1.00 32.13 ? 23   SER A CA  1 
ATOM   102  C  C   . SER A 1 23  ? 8.386   -20.022 -13.529 1.00 31.22 ? 23   SER A C   1 
ATOM   103  O  O   . SER A 1 23  ? 7.592   -20.123 -12.576 1.00 31.90 ? 23   SER A O   1 
ATOM   104  C  CB  . SER A 1 23  ? 7.833   -18.572 -15.519 1.00 32.49 ? 23   SER A CB  1 
ATOM   105  O  OG  . SER A 1 23  ? 8.951   -17.814 -15.090 1.00 34.11 ? 23   SER A OG  1 
ATOM   106  N  N   . LYS A 1 24  ? 9.705   -19.906 -13.374 1.00 29.33 ? 24   LYS A N   1 
ATOM   107  C  CA  . LYS A 1 24  ? 10.351  -20.016 -12.065 1.00 27.33 ? 24   LYS A CA  1 
ATOM   108  C  C   . LYS A 1 24  ? 10.046  -18.859 -11.107 1.00 25.90 ? 24   LYS A C   1 
ATOM   109  O  O   . LYS A 1 24  ? 10.264  -18.988 -9.896  1.00 25.79 ? 24   LYS A O   1 
ATOM   110  C  CB  . LYS A 1 24  ? 11.868  -20.174 -12.228 1.00 27.63 ? 24   LYS A CB  1 
ATOM   111  N  N   . ASN A 1 25  ? 9.557   -17.733 -11.634 1.00 23.44 ? 25   ASN A N   1 
ATOM   112  C  CA  . ASN A 1 25  ? 9.232   -16.586 -10.778 1.00 21.37 ? 25   ASN A CA  1 
ATOM   113  C  C   . ASN A 1 25  ? 7.781   -16.095 -10.877 1.00 20.54 ? 25   ASN A C   1 
ATOM   114  O  O   . ASN A 1 25  ? 7.507   -14.904 -10.702 1.00 19.19 ? 25   ASN A O   1 
ATOM   115  C  CB  . ASN A 1 25  ? 10.239  -15.433 -10.974 1.00 20.86 ? 25   ASN A CB  1 
ATOM   116  C  CG  . ASN A 1 25  ? 10.166  -14.796 -12.366 1.00 20.49 ? 25   ASN A CG  1 
ATOM   117  O  OD1 . ASN A 1 25  ? 9.496   -15.298 -13.271 1.00 19.19 ? 25   ASN A OD1 1 
ATOM   118  N  ND2 . ASN A 1 25  ? 10.862  -13.674 -12.533 1.00 19.05 ? 25   ASN A ND2 1 
ATOM   119  N  N   . GLU A 1 26  ? 6.858   -17.024 -11.133 1.00 19.37 ? 26   GLU A N   1 
ATOM   120  C  CA  . GLU A 1 26  ? 5.448   -16.676 -11.339 1.00 19.34 ? 26   GLU A CA  1 
ATOM   121  C  C   . GLU A 1 26  ? 4.797   -16.062 -10.110 1.00 18.13 ? 26   GLU A C   1 
ATOM   122  O  O   . GLU A 1 26  ? 4.025   -15.108 -10.239 1.00 17.88 ? 26   GLU A O   1 
ATOM   123  C  CB  . GLU A 1 26  ? 4.614   -17.883 -11.816 1.00 19.85 ? 26   GLU A CB  1 
ATOM   124  C  CG  . GLU A 1 26  ? 4.838   -18.275 -13.281 1.00 23.29 ? 26   GLU A CG  1 
ATOM   125  C  CD  . GLU A 1 26  ? 4.632   -17.126 -14.267 1.00 27.38 ? 26   GLU A CD  1 
ATOM   126  O  OE1 . GLU A 1 26  ? 3.574   -16.461 -14.219 1.00 29.68 ? 26   GLU A OE1 1 
ATOM   127  O  OE2 . GLU A 1 26  ? 5.537   -16.886 -15.097 1.00 29.48 ? 26   GLU A OE2 1 
ATOM   128  N  N   . LYS A 1 27  ? 5.083   -16.621 -8.930  1.00 16.70 ? 27   LYS A N   1 
ATOM   129  C  CA  . LYS A 1 27  ? 4.500   -16.107 -7.692  1.00 16.05 ? 27   LYS A CA  1 
ATOM   130  C  C   . LYS A 1 27  ? 5.036   -14.709 -7.387  1.00 14.89 ? 27   LYS A C   1 
ATOM   131  O  O   . LYS A 1 27  ? 4.279   -13.850 -6.952  1.00 14.52 ? 27   LYS A O   1 
ATOM   132  C  CB  . LYS A 1 27  ? 4.740   -17.048 -6.504  1.00 16.37 ? 27   LYS A CB  1 
ATOM   133  C  CG  . LYS A 1 27  ? 4.044   -18.419 -6.614  1.00 18.27 ? 27   LYS A CG  1 
ATOM   134  C  CD  . LYS A 1 27  ? 4.334   -19.294 -5.390  1.00 20.68 ? 27   LYS A CD  1 
ATOM   135  C  CE  . LYS A 1 27  ? 3.683   -20.671 -5.541  1.00 23.91 ? 27   LYS A CE  1 
ATOM   136  N  NZ  . LYS A 1 27  ? 3.807   -21.495 -4.290  1.00 26.61 ? 27   LYS A NZ  1 
ATOM   137  N  N   . THR A 1 28  ? 6.336   -14.493 -7.622  1.00 14.00 ? 28   THR A N   1 
ATOM   138  C  CA  . THR A 1 28  ? 6.950   -13.175 -7.409  1.00 13.11 ? 28   THR A CA  1 
ATOM   139  C  C   . THR A 1 28  ? 6.321   -12.134 -8.323  1.00 13.12 ? 28   THR A C   1 
ATOM   140  O  O   . THR A 1 28  ? 5.992   -11.024 -7.881  1.00 13.11 ? 28   THR A O   1 
ATOM   141  C  CB  . THR A 1 28  ? 8.486   -13.207 -7.604  1.00 12.85 ? 28   THR A CB  1 
ATOM   142  O  OG1 . THR A 1 28  ? 9.068   -14.058 -6.609  1.00 12.26 ? 28   THR A OG1 1 
ATOM   143  C  CG2 . THR A 1 28  ? 9.083   -11.806 -7.470  1.00 12.64 ? 28   THR A CG2 1 
ATOM   144  N  N   . LYS A 1 29  ? 6.138   -12.494 -9.594  1.00 12.39 ? 29   LYS A N   1 
ATOM   145  C  CA  . LYS A 1 29  ? 5.491   -11.577 -10.534 1.00 12.53 ? 29   LYS A CA  1 
ATOM   146  C  C   . LYS A 1 29  ? 4.066   -11.245 -10.086 1.00 12.22 ? 29   LYS A C   1 
ATOM   147  O  O   . LYS A 1 29  ? 3.635   -10.091 -10.178 1.00 12.10 ? 29   LYS A O   1 
ATOM   148  C  CB  . LYS A 1 29  ? 5.509   -12.131 -11.968 1.00 12.45 ? 29   LYS A CB  1 
ATOM   149  C  CG  . LYS A 1 29  ? 6.908   -12.177 -12.575 1.00 13.19 ? 29   LYS A CG  1 
ATOM   150  C  CD  . LYS A 1 29  ? 6.887   -12.482 -14.073 1.00 16.15 ? 29   LYS A CD  1 
ATOM   151  C  CE  . LYS A 1 29  ? 6.553   -13.929 -14.353 1.00 19.09 ? 29   LYS A CE  1 
ATOM   152  N  NZ  . LYS A 1 29  ? 6.600   -14.217 -15.837 1.00 21.34 ? 29   LYS A NZ  1 
ATOM   153  N  N   . ALA A 1 30  ? 3.348   -12.253 -9.589  1.00 12.07 ? 30   ALA A N   1 
ATOM   154  C  CA  . ALA A 1 30  ? 1.961   -12.059 -9.157  1.00 12.09 ? 30   ALA A CA  1 
ATOM   155  C  C   . ALA A 1 30  ? 1.852   -11.110 -7.957  1.00 11.75 ? 30   ALA A C   1 
ATOM   156  O  O   . ALA A 1 30  ? 0.971   -10.246 -7.924  1.00 11.02 ? 30   ALA A O   1 
ATOM   157  C  CB  . ALA A 1 30  ? 1.290   -13.418 -8.853  1.00 12.25 ? 30   ALA A CB  1 
ATOM   158  N  N   . VAL A 1 31  ? 2.746   -11.269 -6.978  1.00 11.45 ? 31   VAL A N   1 
ATOM   159  C  CA  . VAL A 1 31  ? 2.686   -10.441 -5.772  1.00 11.27 ? 31   VAL A CA  1 
ATOM   160  C  C   . VAL A 1 31  ? 3.138   -9.002  -6.067  1.00 10.76 ? 31   VAL A C   1 
ATOM   161  O  O   . VAL A 1 31  ? 2.596   -8.050  -5.497  1.00 10.72 ? 31   VAL A O   1 
ATOM   162  C  CB  . VAL A 1 31  ? 3.411   -11.094 -4.535  1.00 11.34 ? 31   VAL A CB  1 
ATOM   163  C  CG1 . VAL A 1 31  ? 4.950   -11.163 -4.722  1.00 11.28 ? 31   VAL A CG1 1 
ATOM   164  C  CG2 . VAL A 1 31  ? 3.023   -10.390 -3.235  1.00 11.45 ? 31   VAL A CG2 1 
ATOM   165  N  N   . LEU A 1 32  ? 4.105   -8.842  -6.973  1.00 10.25 ? 32   LEU A N   1 
ATOM   166  C  CA  . LEU A 1 32  ? 4.477   -7.503  -7.436  1.00 9.79  ? 32   LEU A CA  1 
ATOM   167  C  C   . LEU A 1 32  ? 3.307   -6.816  -8.117  1.00 9.96  ? 32   LEU A C   1 
ATOM   168  O  O   . LEU A 1 32  ? 3.041   -5.646  -7.852  1.00 9.97  ? 32   LEU A O   1 
ATOM   169  C  CB  . LEU A 1 32  ? 5.698   -7.529  -8.371  1.00 9.73  ? 32   LEU A CB  1 
ATOM   170  C  CG  . LEU A 1 32  ? 7.079   -7.657  -7.729  1.00 9.39  ? 32   LEU A CG  1 
ATOM   171  C  CD1 . LEU A 1 32  ? 8.120   -7.969  -8.816  1.00 9.24  ? 32   LEU A CD1 1 
ATOM   172  C  CD2 . LEU A 1 32  ? 7.467   -6.366  -6.947  1.00 8.38  ? 32   LEU A CD2 1 
ATOM   173  N  N   . ASN A 1 33  ? 2.597   -7.539  -8.989  1.00 9.98  ? 33   ASN A N   1 
ATOM   174  C  CA  . ASN A 1 33  ? 1.461   -6.944  -9.693  1.00 10.50 ? 33   ASN A CA  1 
ATOM   175  C  C   . ASN A 1 33  ? 0.322   -6.579  -8.733  1.00 10.07 ? 33   ASN A C   1 
ATOM   176  O  O   . ASN A 1 33  ? -0.327  -5.545  -8.898  1.00 10.29 ? 33   ASN A O   1 
ATOM   177  C  CB  . ASN A 1 33  ? 0.965   -7.848  -10.836 1.00 10.44 ? 33   ASN A CB  1 
ATOM   178  C  CG  . ASN A 1 33  ? 0.525   -7.051  -12.069 1.00 12.17 ? 33   ASN A CG  1 
ATOM   179  O  OD1 . ASN A 1 33  ? -0.083  -7.601  -13.001 1.00 16.49 ? 33   ASN A OD1 1 
ATOM   180  N  ND2 . ASN A 1 33  ? 0.825   -5.767  -12.080 1.00 8.74  ? 33   ASN A ND2 1 
ATOM   181  N  N   . GLN A 1 34  ? 0.098   -7.415  -7.721  1.00 10.20 ? 34   GLN A N   1 
ATOM   182  C  CA  . GLN A 1 34  ? -0.849  -7.079  -6.649  1.00 10.34 ? 34   GLN A CA  1 
ATOM   183  C  C   . GLN A 1 34  ? -0.459  -5.748  -5.979  1.00 10.47 ? 34   GLN A C   1 
ATOM   184  O  O   . GLN A 1 34  ? -1.323  -4.905  -5.720  1.00 10.35 ? 34   GLN A O   1 
ATOM   185  C  CB  . GLN A 1 34  ? -0.918  -8.197  -5.594  1.00 10.71 ? 34   GLN A CB  1 
ATOM   186  C  CG  . GLN A 1 34  ? -2.029  -7.990  -4.540  1.00 10.41 ? 34   GLN A CG  1 
ATOM   187  C  CD  . GLN A 1 34  ? -3.423  -7.940  -5.167  1.00 11.92 ? 34   GLN A CD  1 
ATOM   188  O  OE1 . GLN A 1 34  ? -3.814  -8.846  -5.902  1.00 13.45 ? 34   GLN A OE1 1 
ATOM   189  N  NE2 . GLN A 1 34  ? -4.169  -6.876  -4.889  1.00 11.40 ? 34   GLN A NE2 1 
ATOM   190  N  N   . ALA A 1 35  ? 0.835   -5.565  -5.717  1.00 10.17 ? 35   ALA A N   1 
ATOM   191  C  CA  . ALA A 1 35  ? 1.335   -4.311  -5.127  1.00 9.94  ? 35   ALA A CA  1 
ATOM   192  C  C   . ALA A 1 35  ? 1.156   -3.100  -6.058  1.00 9.88  ? 35   ALA A C   1 
ATOM   193  O  O   . ALA A 1 35  ? 0.850   -1.997  -5.586  1.00 9.57  ? 35   ALA A O   1 
ATOM   194  C  CB  . ALA A 1 35  ? 2.799   -4.459  -4.678  1.00 9.86  ? 35   ALA A CB  1 
ATOM   195  N  N   . VAL A 1 36  ? 1.329   -3.301  -7.367  1.00 9.45  ? 36   VAL A N   1 
ATOM   196  C  CA  . VAL A 1 36  ? 1.033   -2.236  -8.341  1.00 9.63  ? 36   VAL A CA  1 
ATOM   197  C  C   . VAL A 1 36  ? -0.403  -1.714  -8.156  1.00 9.88  ? 36   VAL A C   1 
ATOM   198  O  O   . VAL A 1 36  ? -0.619  -0.507  -8.026  1.00 9.86  ? 36   VAL A O   1 
ATOM   199  C  CB  . VAL A 1 36  ? 1.248   -2.689  -9.814  1.00 9.78  ? 36   VAL A CB  1 
ATOM   200  C  CG1 . VAL A 1 36  ? 0.741   -1.623  -10.786 1.00 9.45  ? 36   VAL A CG1 1 
ATOM   201  C  CG2 . VAL A 1 36  ? 2.731   -2.990  -10.086 1.00 8.62  ? 36   VAL A CG2 1 
ATOM   202  N  N   . ALA A 1 37  ? -1.372  -2.630  -8.142  1.00 9.64  ? 37   ALA A N   1 
ATOM   203  C  CA  . ALA A 1 37  ? -2.783  -2.278  -7.957  1.00 9.55  ? 37   ALA A CA  1 
ATOM   204  C  C   . ALA A 1 37  ? -3.044  -1.637  -6.587  1.00 9.68  ? 37   ALA A C   1 
ATOM   205  O  O   . ALA A 1 37  ? -3.713  -0.614  -6.502  1.00 9.39  ? 37   ALA A O   1 
ATOM   206  C  CB  . ALA A 1 37  ? -3.672  -3.509  -8.153  1.00 9.94  ? 37   ALA A CB  1 
ATOM   207  N  N   . ASP A 1 38  ? -2.506  -2.239  -5.527  1.00 9.78  ? 38   ASP A N   1 
ATOM   208  C  CA  . ASP A 1 38  ? -2.756  -1.762  -4.155  1.00 9.95  ? 38   ASP A CA  1 
ATOM   209  C  C   . ASP A 1 38  ? -2.112  -0.414  -3.850  1.00 9.74  ? 38   ASP A C   1 
ATOM   210  O  O   . ASP A 1 38  ? -2.689  0.398   -3.125  1.00 9.54  ? 38   ASP A O   1 
ATOM   211  C  CB  . ASP A 1 38  ? -2.301  -2.812  -3.137  1.00 10.23 ? 38   ASP A CB  1 
ATOM   212  C  CG  . ASP A 1 38  ? -3.181  -4.047  -3.153  1.00 11.27 ? 38   ASP A CG  1 
ATOM   213  O  OD1 . ASP A 1 38  ? -4.390  -3.899  -3.412  1.00 11.78 ? 38   ASP A OD1 1 
ATOM   214  O  OD2 . ASP A 1 38  ? -2.669  -5.152  -2.894  1.00 11.67 ? 38   ASP A OD2 1 
ATOM   215  N  N   . LEU A 1 39  ? -0.908  -0.184  -4.379  1.00 9.80  ? 39   LEU A N   1 
ATOM   216  C  CA  . LEU A 1 39  ? -0.239  1.105   -4.204  1.00 9.42  ? 39   LEU A CA  1 
ATOM   217  C  C   . LEU A 1 39  ? -0.979  2.225   -4.914  1.00 9.52  ? 39   LEU A C   1 
ATOM   218  O  O   . LEU A 1 39  ? -1.062  3.345   -4.397  1.00 9.86  ? 39   LEU A O   1 
ATOM   219  C  CB  . LEU A 1 39  ? 1.224   1.056   -4.671  1.00 9.18  ? 39   LEU A CB  1 
ATOM   220  C  CG  . LEU A 1 39  ? 2.196   0.358   -3.713  1.00 9.28  ? 39   LEU A CG  1 
ATOM   221  C  CD1 . LEU A 1 39  ? 3.469   -0.090  -4.456  1.00 8.76  ? 39   LEU A CD1 1 
ATOM   222  C  CD2 . LEU A 1 39  ? 2.532   1.241   -2.477  1.00 8.75  ? 39   LEU A CD2 1 
ATOM   223  N  N   . SER A 1 40  ? -1.505  1.930   -6.103  1.00 9.30  ? 40   SER A N   1 
ATOM   224  C  CA  . SER A 1 40  ? -2.259  2.923   -6.860  1.00 9.35  ? 40   SER A CA  1 
ATOM   225  C  C   . SER A 1 40  ? -3.545  3.310   -6.121  1.00 9.42  ? 40   SER A C   1 
ATOM   226  O  O   . SER A 1 40  ? -3.914  4.489   -6.073  1.00 9.21  ? 40   SER A O   1 
ATOM   227  C  CB  . SER A 1 40  ? -2.581  2.410   -8.267  1.00 9.20  ? 40   SER A CB  1 
ATOM   228  O  OG  . SER A 1 40  ? -1.391  2.162   -9.000  1.00 9.21  ? 40   SER A OG  1 
ATOM   229  N  N   . VAL A 1 41  ? -4.222  2.313   -5.556  1.00 9.19  ? 41   VAL A N   1 
ATOM   230  C  CA  . VAL A 1 41  ? -5.431  2.579   -4.763  1.00 9.64  ? 41   VAL A CA  1 
ATOM   231  C  C   . VAL A 1 41  ? -5.078  3.280   -3.445  1.00 9.56  ? 41   VAL A C   1 
ATOM   232  O  O   . VAL A 1 41  ? -5.759  4.224   -3.049  1.00 9.98  ? 41   VAL A O   1 
ATOM   233  C  CB  . VAL A 1 41  ? -6.288  1.297   -4.539  1.00 9.47  ? 41   VAL A CB  1 
ATOM   234  C  CG1 . VAL A 1 41  ? -7.418  1.556   -3.533  1.00 9.78  ? 41   VAL A CG1 1 
ATOM   235  C  CG2 . VAL A 1 41  ? -6.883  0.811   -5.884  1.00 9.25  ? 41   VAL A CG2 1 
ATOM   236  N  N   . ALA A 1 42  ? -4.007  2.843   -2.781  1.00 9.79  ? 42   ALA A N   1 
ATOM   237  C  CA  . ALA A 1 42  ? -3.560  3.519   -1.552  1.00 9.63  ? 42   ALA A CA  1 
ATOM   238  C  C   . ALA A 1 42  ? -3.284  5.011   -1.797  1.00 9.72  ? 42   ALA A C   1 
ATOM   239  O  O   . ALA A 1 42  ? -3.672  5.875   -0.985  1.00 9.68  ? 42   ALA A O   1 
ATOM   240  C  CB  . ALA A 1 42  ? -2.322  2.838   -0.972  1.00 9.33  ? 42   ALA A CB  1 
ATOM   241  N  N   . ALA A 1 43  ? -2.624  5.314   -2.916  1.00 9.52  ? 43   ALA A N   1 
ATOM   242  C  CA  . ALA A 1 43  ? -2.331  6.709   -3.272  1.00 9.22  ? 43   ALA A CA  1 
ATOM   243  C  C   . ALA A 1 43  ? -3.619  7.525   -3.458  1.00 9.34  ? 43   ALA A C   1 
ATOM   244  O  O   . ALA A 1 43  ? -3.710  8.661   -2.999  1.00 9.16  ? 43   ALA A O   1 
ATOM   245  C  CB  . ALA A 1 43  ? -1.439  6.781   -4.520  1.00 9.21  ? 43   ALA A CB  1 
ATOM   246  N  N   . SER A 1 44  ? -4.612  6.928   -4.113  1.00 9.18  ? 44   SER A N   1 
ATOM   247  C  CA  . SER A 1 44  ? -5.909  7.565   -4.341  1.00 9.02  ? 44   SER A CA  1 
ATOM   248  C  C   . SER A 1 44  ? -6.613  7.873   -2.995  1.00 9.38  ? 44   SER A C   1 
ATOM   249  O  O   . SER A 1 44  ? -7.156  8.967   -2.798  1.00 9.22  ? 44   SER A O   1 
ATOM   250  C  CB  . SER A 1 44  ? -6.763  6.648   -5.236  1.00 9.19  ? 44   SER A CB  1 
ATOM   251  O  OG  . SER A 1 44  ? -8.039  7.202   -5.523  1.00 9.22  ? 44   SER A OG  1 
ATOM   252  N  N   . ILE A 1 45  ? -6.584  6.903   -2.078  1.00 8.95  ? 45   ILE A N   1 
ATOM   253  C  CA  . ILE A 1 45  ? -7.144  7.059   -0.721  1.00 9.31  ? 45   ILE A CA  1 
ATOM   254  C  C   . ILE A 1 45  ? -6.456  8.188   0.061   1.00 9.50  ? 45   ILE A C   1 
ATOM   255  O  O   . ILE A 1 45  ? -7.129  9.038   0.666   1.00 9.32  ? 45   ILE A O   1 
ATOM   256  C  CB  . ILE A 1 45  ? -7.087  5.713   0.063   1.00 9.35  ? 45   ILE A CB  1 
ATOM   257  C  CG1 . ILE A 1 45  ? -8.067  4.689   -0.556  1.00 9.85  ? 45   ILE A CG1 1 
ATOM   258  C  CG2 . ILE A 1 45  ? -7.333  5.924   1.583   1.00 9.23  ? 45   ILE A CG2 1 
ATOM   259  C  CD1 . ILE A 1 45  ? -7.840  3.234   -0.080  1.00 10.55 ? 45   ILE A CD1 1 
ATOM   260  N  N   . VAL A 1 46  ? -5.122  8.213   0.029   1.00 9.36  ? 46   VAL A N   1 
ATOM   261  C  CA  . VAL A 1 46  ? -4.362  9.292   0.672   1.00 9.66  ? 46   VAL A CA  1 
ATOM   262  C  C   . VAL A 1 46  ? -4.733  10.660  0.072   1.00 9.52  ? 46   VAL A C   1 
ATOM   263  O  O   . VAL A 1 46  ? -4.905  11.642  0.803   1.00 9.23  ? 46   VAL A O   1 
ATOM   264  C  CB  . VAL A 1 46  ? -2.825  9.049   0.599   1.00 9.70  ? 46   VAL A CB  1 
ATOM   265  C  CG1 . VAL A 1 46  ? -2.056  10.318  1.011   1.00 9.58  ? 46   VAL A CG1 1 
ATOM   266  C  CG2 . VAL A 1 46  ? -2.410  7.865   1.488   1.00 9.57  ? 46   VAL A CG2 1 
ATOM   267  N  N   . HIS A 1 47  ? -4.861  10.717  -1.258  1.00 9.59  ? 47   HIS A N   1 
ATOM   268  C  CA  . HIS A 1 47  ? -5.246  11.962  -1.936  1.00 9.56  ? 47   HIS A CA  1 
ATOM   269  C  C   . HIS A 1 47  ? -6.640  12.429  -1.508  1.00 9.26  ? 47   HIS A C   1 
ATOM   270  O  O   . HIS A 1 47  ? -6.886  13.628  -1.361  1.00 9.21  ? 47   HIS A O   1 
ATOM   271  C  CB  . HIS A 1 47  ? -5.197  11.795  -3.462  1.00 9.65  ? 47   HIS A CB  1 
ATOM   272  C  CG  . HIS A 1 47  ? -4.424  12.870  -4.166  1.00 10.65 ? 47   HIS A CG  1 
ATOM   273  N  ND1 . HIS A 1 47  ? -4.325  12.936  -5.539  1.00 12.03 ? 47   HIS A ND1 1 
ATOM   274  C  CD2 . HIS A 1 47  ? -3.699  13.913  -3.688  1.00 11.25 ? 47   HIS A CD2 1 
ATOM   275  C  CE1 . HIS A 1 47  ? -3.576  13.972  -5.879  1.00 12.29 ? 47   HIS A CE1 1 
ATOM   276  N  NE2 . HIS A 1 47  ? -3.189  14.586  -4.774  1.00 12.13 ? 47   HIS A NE2 1 
ATOM   277  N  N   . GLN A 1 48  ? -7.554  11.483  -1.322  1.00 9.09  ? 48   GLN A N   1 
ATOM   278  C  CA  . GLN A 1 48  ? -8.894  11.821  -0.828  1.00 8.74  ? 48   GLN A CA  1 
ATOM   279  C  C   . GLN A 1 48  ? -8.822  12.490  0.550   1.00 8.62  ? 48   GLN A C   1 
ATOM   280  O  O   . GLN A 1 48  ? -9.552  13.447  0.816   1.00 8.84  ? 48   GLN A O   1 
ATOM   281  C  CB  . GLN A 1 48  ? -9.774  10.574  -0.757  1.00 8.79  ? 48   GLN A CB  1 
ATOM   282  C  CG  . GLN A 1 48  ? -11.219 10.858  -0.320  1.00 8.86  ? 48   GLN A CG  1 
ATOM   283  C  CD  . GLN A 1 48  ? -12.046 9.598   -0.334  1.00 9.58  ? 48   GLN A CD  1 
ATOM   284  O  OE1 . GLN A 1 48  ? -12.025 8.822   0.617   1.00 9.35  ? 48   GLN A OE1 1 
ATOM   285  N  NE2 . GLN A 1 48  ? -12.747 9.367   -1.433  1.00 8.78  ? 48   GLN A NE2 1 
ATOM   286  N  N   . VAL A 1 49  ? -7.957  11.982  1.428   1.00 8.45  ? 49   VAL A N   1 
ATOM   287  C  CA  . VAL A 1 49  ? -7.770  12.607  2.750   1.00 8.54  ? 49   VAL A CA  1 
ATOM   288  C  C   . VAL A 1 49  ? -7.223  14.031  2.593   1.00 8.60  ? 49   VAL A C   1 
ATOM   289  O  O   . VAL A 1 49  ? -7.728  14.970  3.207   1.00 8.69  ? 49   VAL A O   1 
ATOM   290  C  CB  . VAL A 1 49  ? -6.826  11.788  3.661   1.00 8.72  ? 49   VAL A CB  1 
ATOM   291  C  CG1 . VAL A 1 49  ? -6.596  12.506  5.006   1.00 8.56  ? 49   VAL A CG1 1 
ATOM   292  C  CG2 . VAL A 1 49  ? -7.379  10.357  3.894   1.00 8.04  ? 49   VAL A CG2 1 
ATOM   293  N  N   . HIS A 1 50  ? -6.184  14.174  1.771   1.00 8.61  ? 50   HIS A N   1 
ATOM   294  C  CA  . HIS A 1 50  ? -5.586  15.478  1.444   1.00 8.74  ? 50   HIS A CA  1 
ATOM   295  C  C   . HIS A 1 50  ? -6.672  16.500  1.060   1.00 8.66  ? 50   HIS A C   1 
ATOM   296  O  O   . HIS A 1 50  ? -6.672  17.640  1.539   1.00 9.35  ? 50   HIS A O   1 
ATOM   297  C  CB  . HIS A 1 50  ? -4.571  15.255  0.309   1.00 8.81  ? 50   HIS A CB  1 
ATOM   298  C  CG  . HIS A 1 50  ? -3.814  16.480  -0.127  1.00 9.42  ? 50   HIS A CG  1 
ATOM   299  N  ND1 . HIS A 1 50  ? -2.822  17.061  0.635   1.00 8.71  ? 50   HIS A ND1 1 
ATOM   300  C  CD2 . HIS A 1 50  ? -3.841  17.170  -1.294  1.00 9.90  ? 50   HIS A CD2 1 
ATOM   301  C  CE1 . HIS A 1 50  ? -2.295  18.076  -0.028  1.00 9.73  ? 50   HIS A CE1 1 
ATOM   302  N  NE2 . HIS A 1 50  ? -2.904  18.171  -1.199  1.00 9.60  ? 50   HIS A NE2 1 
ATOM   303  N  N   . TRP A 1 51  ? -7.620  16.089  0.225   1.00 8.79  ? 51   TRP A N   1 
ATOM   304  C  CA  . TRP A 1 51  ? -8.611  17.035  -0.289  1.00 8.85  ? 51   TRP A CA  1 
ATOM   305  C  C   . TRP A 1 51  ? -9.812  17.264  0.632   1.00 8.86  ? 51   TRP A C   1 
ATOM   306  O  O   . TRP A 1 51  ? -10.248 18.402  0.801   1.00 8.77  ? 51   TRP A O   1 
ATOM   307  C  CB  . TRP A 1 51  ? -9.092  16.604  -1.681  1.00 8.96  ? 51   TRP A CB  1 
ATOM   308  C  CG  . TRP A 1 51  ? -8.037  16.733  -2.759  1.00 9.28  ? 51   TRP A CG  1 
ATOM   309  C  CD1 . TRP A 1 51  ? -7.013  17.639  -2.818  1.00 9.72  ? 51   TRP A CD1 1 
ATOM   310  C  CD2 . TRP A 1 51  ? -7.932  15.929  -3.941  1.00 10.50 ? 51   TRP A CD2 1 
ATOM   311  N  NE1 . TRP A 1 51  ? -6.265  17.441  -3.968  1.00 10.58 ? 51   TRP A NE1 1 
ATOM   312  C  CE2 . TRP A 1 51  ? -6.808  16.395  -4.669  1.00 10.24 ? 51   TRP A CE2 1 
ATOM   313  C  CE3 . TRP A 1 51  ? -8.680  14.861  -4.455  1.00 10.94 ? 51   TRP A CE3 1 
ATOM   314  C  CZ2 . TRP A 1 51  ? -6.415  15.829  -5.893  1.00 11.57 ? 51   TRP A CZ2 1 
ATOM   315  C  CZ3 . TRP A 1 51  ? -8.286  14.289  -5.675  1.00 11.79 ? 51   TRP A CZ3 1 
ATOM   316  C  CH2 . TRP A 1 51  ? -7.160  14.785  -6.379  1.00 11.16 ? 51   TRP A CH2 1 
ATOM   317  N  N   . TYR A 1 52  ? -10.337 16.186  1.214   1.00 9.22  ? 52   TYR A N   1 
ATOM   318  C  CA  . TYR A 1 52  ? -11.618 16.230  1.939   1.00 9.45  ? 52   TYR A CA  1 
ATOM   319  C  C   . TYR A 1 52  ? -11.548 16.546  3.441   1.00 10.00 ? 52   TYR A C   1 
ATOM   320  O  O   . TYR A 1 52  ? -12.570 16.879  4.055   1.00 9.81  ? 52   TYR A O   1 
ATOM   321  C  CB  . TYR A 1 52  ? -12.404 14.928  1.712   1.00 8.87  ? 52   TYR A CB  1 
ATOM   322  C  CG  . TYR A 1 52  ? -13.169 14.936  0.406   1.00 10.22 ? 52   TYR A CG  1 
ATOM   323  C  CD1 . TYR A 1 52  ? -14.487 15.407  0.354   1.00 10.43 ? 52   TYR A CD1 1 
ATOM   324  C  CD2 . TYR A 1 52  ? -12.573 14.498  -0.777  1.00 10.28 ? 52   TYR A CD2 1 
ATOM   325  C  CE1 . TYR A 1 52  ? -15.197 15.438  -0.848  1.00 10.10 ? 52   TYR A CE1 1 
ATOM   326  C  CE2 . TYR A 1 52  ? -13.270 14.530  -1.985  1.00 9.55  ? 52   TYR A CE2 1 
ATOM   327  C  CZ  . TYR A 1 52  ? -14.578 14.999  -2.008  1.00 10.85 ? 52   TYR A CZ  1 
ATOM   328  O  OH  . TYR A 1 52  ? -15.280 15.025  -3.186  1.00 9.54  ? 52   TYR A OH  1 
ATOM   329  N  N   . MET A 1 53  ? -10.356 16.453  4.031   1.00 10.03 ? 53   MET A N   1 
ATOM   330  C  CA  . MET A 1 53  ? -10.204 16.683  5.475   1.00 10.02 ? 53   MET A CA  1 
ATOM   331  C  C   . MET A 1 53  ? -10.683 18.072  5.942   1.00 10.41 ? 53   MET A C   1 
ATOM   332  O  O   . MET A 1 53  ? -10.407 19.097  5.300   1.00 9.84  ? 53   MET A O   1 
ATOM   333  C  CB  . MET A 1 53  ? -8.750  16.456  5.917   1.00 9.85  ? 53   MET A CB  1 
ATOM   334  C  CG  . MET A 1 53  ? -8.520  16.686  7.428   1.00 10.13 ? 53   MET A CG  1 
ATOM   335  S  SD  . MET A 1 53  ? -6.799  16.424  7.934   1.00 11.74 ? 53   MET A SD  1 
ATOM   336  C  CE  . MET A 1 53  ? -6.771  14.639  8.059   1.00 9.47  ? 53   MET A CE  1 
ATOM   337  N  N   . ARG A 1 54  ? -11.409 18.083  7.061   1.00 10.21 ? 54   ARG A N   1 
ATOM   338  C  CA  . ARG A 1 54  ? -11.729 19.311  7.789   1.00 10.63 ? 54   ARG A CA  1 
ATOM   339  C  C   . ARG A 1 54  ? -11.546 19.036  9.268   1.00 11.04 ? 54   ARG A C   1 
ATOM   340  O  O   . ARG A 1 54  ? -11.927 17.963  9.758   1.00 11.44 ? 54   ARG A O   1 
ATOM   341  C  CB  . ARG A 1 54  ? -13.184 19.747  7.566   1.00 10.61 ? 54   ARG A CB  1 
ATOM   342  C  CG  . ARG A 1 54  ? -13.562 20.143  6.145   1.00 11.12 ? 54   ARG A CG  1 
ATOM   343  C  CD  . ARG A 1 54  ? -15.028 20.582  6.136   1.00 12.35 ? 54   ARG A CD  1 
ATOM   344  N  NE  . ARG A 1 54  ? -15.518 20.925  4.808   1.00 14.75 ? 54   ARG A NE  1 
ATOM   345  C  CZ  . ARG A 1 54  ? -16.809 21.089  4.516   1.00 15.68 ? 54   ARG A CZ  1 
ATOM   346  N  NH1 . ARG A 1 54  ? -17.736 20.937  5.453   1.00 17.66 ? 54   ARG A NH1 1 
ATOM   347  N  NH2 . ARG A 1 54  ? -17.175 21.387  3.289   1.00 15.98 ? 54   ARG A NH2 1 
ATOM   348  N  N   . GLY A 1 55  ? -10.978 20.000  9.984   1.00 11.24 ? 55   GLY A N   1 
ATOM   349  C  CA  . GLY A 1 55  ? -10.840 19.883  11.427  1.00 11.37 ? 55   GLY A CA  1 
ATOM   350  C  C   . GLY A 1 55  ? -9.499  20.378  11.914  1.00 11.88 ? 55   GLY A C   1 
ATOM   351  O  O   . GLY A 1 55  ? -8.565  20.543  11.111  1.00 10.74 ? 55   GLY A O   1 
ATOM   352  N  N   . PRO A 1 56  ? -9.396  20.635  13.235  1.00 12.28 ? 56   PRO A N   1 
ATOM   353  C  CA  . PRO A 1 56  ? -8.146  21.109  13.818  1.00 12.33 ? 56   PRO A CA  1 
ATOM   354  C  C   . PRO A 1 56  ? -7.018  20.150  13.461  1.00 12.03 ? 56   PRO A C   1 
ATOM   355  O  O   . PRO A 1 56  ? -7.187  18.919  13.542  1.00 12.27 ? 56   PRO A O   1 
ATOM   356  C  CB  . PRO A 1 56  ? -8.423  21.102  15.327  1.00 12.72 ? 56   PRO A CB  1 
ATOM   357  C  CG  . PRO A 1 56  ? -9.913  21.249  15.434  1.00 14.39 ? 56   PRO A CG  1 
ATOM   358  C  CD  . PRO A 1 56  ? -10.479 20.527  14.235  1.00 12.73 ? 56   PRO A CD  1 
ATOM   359  N  N   . GLY A 1 57  ? -5.892  20.714  13.029  1.00 11.35 ? 57   GLY A N   1 
ATOM   360  C  CA  . GLY A 1 57  ? -4.747  19.909  12.630  1.00 10.49 ? 57   GLY A CA  1 
ATOM   361  C  C   . GLY A 1 57  ? -4.589  19.818  11.122  1.00 10.17 ? 57   GLY A C   1 
ATOM   362  O  O   . GLY A 1 57  ? -3.545  19.387  10.628  1.00 9.68  ? 57   GLY A O   1 
ATOM   363  N  N   . PHE A 1 58  ? -5.621  20.239  10.392  1.00 9.71  ? 58   PHE A N   1 
ATOM   364  C  CA  . PHE A 1 58  ? -5.588  20.263  8.932   1.00 9.46  ? 58   PHE A CA  1 
ATOM   365  C  C   . PHE A 1 58  ? -4.275  20.852  8.388   1.00 9.39  ? 58   PHE A C   1 
ATOM   366  O  O   . PHE A 1 58  ? -3.696  20.301  7.451   1.00 9.39  ? 58   PHE A O   1 
ATOM   367  C  CB  . PHE A 1 58  ? -6.780  21.052  8.365   1.00 9.03  ? 58   PHE A CB  1 
ATOM   368  C  CG  . PHE A 1 58  ? -6.729  21.240  6.862   1.00 9.45  ? 58   PHE A CG  1 
ATOM   369  C  CD1 . PHE A 1 58  ? -7.257  20.271  5.999   1.00 8.75  ? 58   PHE A CD1 1 
ATOM   370  C  CD2 . PHE A 1 58  ? -6.152  22.388  6.310   1.00 9.45  ? 58   PHE A CD2 1 
ATOM   371  C  CE1 . PHE A 1 58  ? -7.206  20.443  4.604   1.00 9.25  ? 58   PHE A CE1 1 
ATOM   372  C  CE2 . PHE A 1 58  ? -6.094  22.574  4.919   1.00 9.67  ? 58   PHE A CE2 1 
ATOM   373  C  CZ  . PHE A 1 58  ? -6.629  21.604  4.064   1.00 9.30  ? 58   PHE A CZ  1 
ATOM   374  N  N   . LEU A 1 59  ? -3.819  21.963  8.971   1.00 9.25  ? 59   LEU A N   1 
ATOM   375  C  CA  . LEU A 1 59  ? -2.680  22.694  8.404   1.00 9.47  ? 59   LEU A CA  1 
ATOM   376  C  C   . LEU A 1 59  ? -1.341  21.941  8.461   1.00 9.33  ? 59   LEU A C   1 
ATOM   377  O  O   . LEU A 1 59  ? -0.439  22.249  7.685   1.00 9.56  ? 59   LEU A O   1 
ATOM   378  C  CB  . LEU A 1 59  ? -2.574  24.112  8.984   1.00 9.13  ? 59   LEU A CB  1 
ATOM   379  C  CG  . LEU A 1 59  ? -3.702  25.061  8.534   1.00 10.49 ? 59   LEU A CG  1 
ATOM   380  C  CD1 . LEU A 1 59  ? -3.666  26.378  9.291   1.00 10.06 ? 59   LEU A CD1 1 
ATOM   381  C  CD2 . LEU A 1 59  ? -3.641  25.317  7.019   1.00 11.46 ? 59   LEU A CD2 1 
ATOM   382  N  N   . TYR A 1 60  ? -1.214  20.954  9.350   1.00 8.74  ? 60   TYR A N   1 
ATOM   383  C  CA  . TYR A 1 60  ? -0.060  20.041  9.272   1.00 8.47  ? 60   TYR A CA  1 
ATOM   384  C  C   . TYR A 1 60  ? -0.381  18.653  8.684   1.00 8.57  ? 60   TYR A C   1 
ATOM   385  O  O   . TYR A 1 60  ? 0.504   17.993  8.121   1.00 8.08  ? 60   TYR A O   1 
ATOM   386  C  CB  . TYR A 1 60  ? 0.691   19.926  10.609  1.00 8.76  ? 60   TYR A CB  1 
ATOM   387  C  CG  . TYR A 1 60  ? -0.059  19.233  11.734  1.00 8.40  ? 60   TYR A CG  1 
ATOM   388  C  CD1 . TYR A 1 60  ? 0.032   17.850  11.916  1.00 7.90  ? 60   TYR A CD1 1 
ATOM   389  C  CD2 . TYR A 1 60  ? -0.861  19.960  12.620  1.00 8.87  ? 60   TYR A CD2 1 
ATOM   390  C  CE1 . TYR A 1 60  ? -0.645  17.209  12.960  1.00 8.52  ? 60   TYR A CE1 1 
ATOM   391  C  CE2 . TYR A 1 60  ? -1.548  19.323  13.666  1.00 8.37  ? 60   TYR A CE2 1 
ATOM   392  C  CZ  . TYR A 1 60  ? -1.426  17.952  13.829  1.00 9.38  ? 60   TYR A CZ  1 
ATOM   393  O  OH  . TYR A 1 60  ? -2.099  17.320  14.855  1.00 9.61  ? 60   TYR A OH  1 
ATOM   394  N  N   . LEU A 1 61  ? -1.633  18.207  8.804   1.00 8.23  ? 61   LEU A N   1 
ATOM   395  C  CA  . LEU A 1 61  ? -2.015  16.892  8.265   1.00 8.02  ? 61   LEU A CA  1 
ATOM   396  C  C   . LEU A 1 61  ? -2.124  16.915  6.743   1.00 8.42  ? 61   LEU A C   1 
ATOM   397  O  O   . LEU A 1 61  ? -1.743  15.949  6.076   1.00 8.25  ? 61   LEU A O   1 
ATOM   398  C  CB  . LEU A 1 61  ? -3.313  16.365  8.909   1.00 7.90  ? 61   LEU A CB  1 
ATOM   399  C  CG  . LEU A 1 61  ? -3.212  16.065  10.414  1.00 8.60  ? 61   LEU A CG  1 
ATOM   400  C  CD1 . LEU A 1 61  ? -4.601  15.816  11.064  1.00 8.34  ? 61   LEU A CD1 1 
ATOM   401  C  CD2 . LEU A 1 61  ? -2.262  14.903  10.677  1.00 7.75  ? 61   LEU A CD2 1 
ATOM   402  N  N   . HIS A 1 62  ? -2.649  18.014  6.210   1.00 8.50  ? 62   HIS A N   1 
ATOM   403  C  CA  . HIS A 1 62  ? -2.780  18.208  4.762   1.00 9.31  ? 62   HIS A CA  1 
ATOM   404  C  C   . HIS A 1 62  ? -1.432  18.046  4.028   1.00 9.71  ? 62   HIS A C   1 
ATOM   405  O  O   . HIS A 1 62  ? -1.346  17.246  3.094   1.00 10.40 ? 62   HIS A O   1 
ATOM   406  C  CB  . HIS A 1 62  ? -3.452  19.560  4.488   1.00 9.01  ? 62   HIS A CB  1 
ATOM   407  C  CG  . HIS A 1 62  ? -3.615  19.906  3.042   1.00 9.79  ? 62   HIS A CG  1 
ATOM   408  N  ND1 . HIS A 1 62  ? -4.617  19.375  2.256   1.00 9.78  ? 62   HIS A ND1 1 
ATOM   409  C  CD2 . HIS A 1 62  ? -2.950  20.795  2.261   1.00 10.23 ? 62   HIS A CD2 1 
ATOM   410  C  CE1 . HIS A 1 62  ? -4.547  19.904  1.046   1.00 10.88 ? 62   HIS A CE1 1 
ATOM   411  N  NE2 . HIS A 1 62  ? -3.542  20.762  1.019   1.00 10.37 ? 62   HIS A NE2 1 
ATOM   412  N  N   . PRO A 1 63  ? -0.381  18.783  4.445   1.00 9.98  ? 63   PRO A N   1 
ATOM   413  C  CA  . PRO A 1 63  ? 0.907   18.548  3.766   1.00 10.11 ? 63   PRO A CA  1 
ATOM   414  C  C   . PRO A 1 63  ? 1.539   17.186  4.086   1.00 10.41 ? 63   PRO A C   1 
ATOM   415  O  O   . PRO A 1 63  ? 2.252   16.652  3.245   1.00 9.63  ? 63   PRO A O   1 
ATOM   416  C  CB  . PRO A 1 63  ? 1.800   19.699  4.258   1.00 10.45 ? 63   PRO A CB  1 
ATOM   417  C  CG  . PRO A 1 63  ? 1.162   20.162  5.543   1.00 10.19 ? 63   PRO A CG  1 
ATOM   418  C  CD  . PRO A 1 63  ? -0.329  19.973  5.318   1.00 9.57  ? 63   PRO A CD  1 
ATOM   419  N  N   . LYS A 1 64  ? 1.287   16.641  5.282   1.00 9.86  ? 64   LYS A N   1 
ATOM   420  C  CA  . LYS A 1 64  ? 1.721   15.275  5.601   1.00 10.61 ? 64   LYS A CA  1 
ATOM   421  C  C   . LYS A 1 64  ? 1.193   14.262  4.577   1.00 10.39 ? 64   LYS A C   1 
ATOM   422  O  O   . LYS A 1 64  ? 1.909   13.320  4.222   1.00 10.27 ? 64   LYS A O   1 
ATOM   423  C  CB  . LYS A 1 64  ? 1.311   14.873  7.029   1.00 10.89 ? 64   LYS A CB  1 
ATOM   424  C  CG  . LYS A 1 64  ? 1.655   13.425  7.441   1.00 12.26 ? 64   LYS A CG  1 
ATOM   425  C  CD  . LYS A 1 64  ? 3.156   13.191  7.566   1.00 17.74 ? 64   LYS A CD  1 
ATOM   426  C  CE  . LYS A 1 64  ? 3.430   11.738  7.944   1.00 21.29 ? 64   LYS A CE  1 
ATOM   427  N  NZ  . LYS A 1 64  ? 4.886   11.479  8.135   1.00 23.96 ? 64   LYS A NZ  1 
ATOM   428  N  N   . MET A 1 65  ? -0.040  14.467  4.094   1.00 10.14 ? 65   MET A N   1 
ATOM   429  C  CA  . MET A 1 65  ? -0.628  13.581  3.084   1.00 10.05 ? 65   MET A CA  1 
ATOM   430  C  C   . MET A 1 65  ? 0.167   13.608  1.776   1.00 10.54 ? 65   MET A C   1 
ATOM   431  O  O   . MET A 1 65  ? 0.268   12.586  1.096   1.00 10.41 ? 65   MET A O   1 
ATOM   432  C  CB  . MET A 1 65  ? -2.100  13.929  2.805   1.00 10.12 ? 65   MET A CB  1 
ATOM   433  C  CG  . MET A 1 65  ? -3.080  13.691  3.981   1.00 9.53  ? 65   MET A CG  1 
ATOM   434  S  SD  . MET A 1 65  ? -2.948  12.076  4.771   1.00 11.30 ? 65   MET A SD  1 
ATOM   435  C  CE  . MET A 1 65  ? -2.013  12.507  6.239   1.00 13.04 ? 65   MET A CE  1 
ATOM   436  N  N   . ASP A 1 66  ? 0.722   14.766  1.423   1.00 10.39 ? 66   ASP A N   1 
ATOM   437  C  CA  . ASP A 1 66  ? 1.591   14.843  0.239   1.00 11.03 ? 66   ASP A CA  1 
ATOM   438  C  C   . ASP A 1 66  ? 2.898   14.063  0.390   1.00 10.96 ? 66   ASP A C   1 
ATOM   439  O  O   . ASP A 1 66  ? 3.375   13.480  -0.588  1.00 10.76 ? 66   ASP A O   1 
ATOM   440  C  CB  . ASP A 1 66  ? 1.862   16.288  -0.181  1.00 11.22 ? 66   ASP A CB  1 
ATOM   441  C  CG  . ASP A 1 66  ? 0.781   16.843  -1.090  1.00 12.31 ? 66   ASP A CG  1 
ATOM   442  O  OD1 . ASP A 1 66  ? 0.742   18.083  -1.240  1.00 12.73 ? 66   ASP A OD1 1 
ATOM   443  O  OD2 . ASP A 1 66  ? -0.037  16.056  -1.642  1.00 12.85 ? 66   ASP A OD2 1 
ATOM   444  N  N   . GLU A 1 67  ? 3.468   14.056  1.601   1.00 11.00 ? 67   GLU A N   1 
ATOM   445  C  CA  A GLU A 1 67  ? 4.657   13.249  1.887   0.65 11.25 ? 67   GLU A CA  1 
ATOM   446  C  CA  B GLU A 1 67  ? 4.655   13.254  1.895   0.35 10.72 ? 67   GLU A CA  1 
ATOM   447  C  C   . GLU A 1 67  ? 4.345   11.767  1.707   1.00 10.88 ? 67   GLU A C   1 
ATOM   448  O  O   . GLU A 1 67  ? 5.112   11.028  1.068   1.00 10.37 ? 67   GLU A O   1 
ATOM   449  C  CB  A GLU A 1 67  ? 5.169   13.485  3.309   0.65 11.89 ? 67   GLU A CB  1 
ATOM   450  C  CB  B GLU A 1 67  ? 5.138   13.524  3.325   0.35 10.97 ? 67   GLU A CB  1 
ATOM   451  C  CG  A GLU A 1 67  ? 5.728   14.877  3.580   0.65 14.57 ? 67   GLU A CG  1 
ATOM   452  C  CG  B GLU A 1 67  ? 6.369   12.739  3.748   0.35 10.80 ? 67   GLU A CG  1 
ATOM   453  C  CD  A GLU A 1 67  ? 6.429   14.959  4.929   0.65 18.06 ? 67   GLU A CD  1 
ATOM   454  C  CD  B GLU A 1 67  ? 6.439   12.547  5.251   0.35 11.82 ? 67   GLU A CD  1 
ATOM   455  O  OE1 A GLU A 1 67  ? 7.372   14.175  5.168   0.65 21.42 ? 67   GLU A OE1 1 
ATOM   456  O  OE1 B GLU A 1 67  ? 6.419   13.556  5.986   0.35 11.15 ? 67   GLU A OE1 1 
ATOM   457  O  OE2 A GLU A 1 67  ? 6.037   15.801  5.754   0.65 19.95 ? 67   GLU A OE2 1 
ATOM   458  O  OE2 B GLU A 1 67  ? 6.502   11.381  5.697   0.35 13.68 ? 67   GLU A OE2 1 
ATOM   459  N  N   . LEU A 1 68  ? 3.216   11.333  2.269   1.00 10.13 ? 68   LEU A N   1 
ATOM   460  C  CA  . LEU A 1 68  ? 2.781   9.940   2.152   1.00 10.21 ? 68   LEU A CA  1 
ATOM   461  C  C   . LEU A 1 68  ? 2.535   9.590   0.691   1.00 10.43 ? 68   LEU A C   1 
ATOM   462  O  O   . LEU A 1 68  ? 2.973   8.536   0.217   1.00 10.19 ? 68   LEU A O   1 
ATOM   463  C  CB  . LEU A 1 68  ? 1.511   9.687   2.976   1.00 9.84  ? 68   LEU A CB  1 
ATOM   464  C  CG  . LEU A 1 68  ? 1.632   9.886   4.500   1.00 10.84 ? 68   LEU A CG  1 
ATOM   465  C  CD1 . LEU A 1 68  ? 0.286   9.611   5.160   1.00 11.30 ? 68   LEU A CD1 1 
ATOM   466  C  CD2 . LEU A 1 68  ? 2.738   8.997   5.115   1.00 10.64 ? 68   LEU A CD2 1 
ATOM   467  N  N   . LEU A 1 69  ? 1.849   10.486  -0.019  1.00 10.15 ? 69   LEU A N   1 
ATOM   468  C  CA  . LEU A 1 69  ? 1.546   10.276  -1.432  1.00 10.62 ? 69   LEU A CA  1 
ATOM   469  C  C   . LEU A 1 69  ? 2.826   10.114  -2.271  1.00 10.68 ? 69   LEU A C   1 
ATOM   470  O  O   . LEU A 1 69  ? 2.937   9.188   -3.090  1.00 9.89  ? 69   LEU A O   1 
ATOM   471  C  CB  . LEU A 1 69  ? 0.708   11.440  -1.967  1.00 10.26 ? 69   LEU A CB  1 
ATOM   472  C  CG  . LEU A 1 69  ? 0.240   11.361  -3.424  1.00 12.69 ? 69   LEU A CG  1 
ATOM   473  C  CD1 . LEU A 1 69  ? -0.851  10.299  -3.596  1.00 13.17 ? 69   LEU A CD1 1 
ATOM   474  C  CD2 . LEU A 1 69  ? -0.252  12.733  -3.897  1.00 12.08 ? 69   LEU A CD2 1 
ATOM   475  N  N   . ASP A 1 70  ? 3.788   11.009  -2.055  1.00 10.62 ? 70   ASP A N   1 
ATOM   476  C  CA  . ASP A 1 70  ? 5.058   10.948  -2.784  1.00 11.25 ? 70   ASP A CA  1 
ATOM   477  C  C   . ASP A 1 70  ? 5.771   9.620   -2.537  1.00 10.89 ? 70   ASP A C   1 
ATOM   478  O  O   . ASP A 1 70  ? 6.333   9.028   -3.466  1.00 10.88 ? 70   ASP A O   1 
ATOM   479  C  CB  . ASP A 1 70  ? 5.969   12.113  -2.395  1.00 11.17 ? 70   ASP A CB  1 
ATOM   480  C  CG  . ASP A 1 70  ? 5.491   13.443  -2.947  1.00 13.71 ? 70   ASP A CG  1 
ATOM   481  O  OD1 . ASP A 1 70  ? 4.555   13.469  -3.774  1.00 14.76 ? 70   ASP A OD1 1 
ATOM   482  O  OD2 . ASP A 1 70  ? 6.051   14.477  -2.538  1.00 14.97 ? 70   ASP A OD2 1 
ATOM   483  N  N   . SER A 1 71  ? 5.743   9.164   -1.287  1.00 10.41 ? 71   SER A N   1 
ATOM   484  C  CA  A SER A 1 71  ? 6.382   7.895   -0.916  0.60 10.30 ? 71   SER A CA  1 
ATOM   485  C  CA  B SER A 1 71  ? 6.368   7.903   -0.895  0.40 10.50 ? 71   SER A CA  1 
ATOM   486  C  C   . SER A 1 71  ? 5.685   6.698   -1.556  1.00 10.34 ? 71   SER A C   1 
ATOM   487  O  O   . SER A 1 71  ? 6.355   5.769   -2.035  1.00 10.13 ? 71   SER A O   1 
ATOM   488  C  CB  A SER A 1 71  ? 6.445   7.723   0.604   0.60 10.48 ? 71   SER A CB  1 
ATOM   489  C  CB  B SER A 1 71  ? 6.345   7.769   0.629   0.40 10.68 ? 71   SER A CB  1 
ATOM   490  O  OG  A SER A 1 71  ? 7.360   8.636   1.172   0.60 9.98  ? 71   SER A OG  1 
ATOM   491  O  OG  B SER A 1 71  ? 7.002   6.595   1.050   0.40 11.48 ? 71   SER A OG  1 
ATOM   492  N  N   . LEU A 1 72  ? 4.349   6.708   -1.569  1.00 9.61  ? 72   LEU A N   1 
ATOM   493  C  CA  . LEU A 1 72  ? 3.589   5.625   -2.218  1.00 9.29  ? 72   LEU A CA  1 
ATOM   494  C  C   . LEU A 1 72  ? 3.852   5.574   -3.727  1.00 9.43  ? 72   LEU A C   1 
ATOM   495  O  O   . LEU A 1 72  ? 4.046   4.497   -4.297  1.00 9.03  ? 72   LEU A O   1 
ATOM   496  C  CB  . LEU A 1 72  ? 2.084   5.776   -1.960  1.00 9.39  ? 72   LEU A CB  1 
ATOM   497  C  CG  . LEU A 1 72  ? 1.598   5.531   -0.530  1.00 9.16  ? 72   LEU A CG  1 
ATOM   498  C  CD1 . LEU A 1 72  ? 0.140   5.998   -0.370  1.00 9.72  ? 72   LEU A CD1 1 
ATOM   499  C  CD2 . LEU A 1 72  ? 1.754   4.051   -0.157  1.00 11.28 ? 72   LEU A CD2 1 
ATOM   500  N  N   . ASN A 1 73  ? 3.860   6.740   -4.370  1.00 8.98  ? 73   ASN A N   1 
ATOM   501  C  CA  . ASN A 1 73  ? 4.132   6.805   -5.803  1.00 9.59  ? 73   ASN A CA  1 
ATOM   502  C  C   . ASN A 1 73  ? 5.566   6.395   -6.156  1.00 9.27  ? 73   ASN A C   1 
ATOM   503  O  O   . ASN A 1 73  ? 5.802   5.804   -7.214  1.00 9.35  ? 73   ASN A O   1 
ATOM   504  C  CB  . ASN A 1 73  ? 3.802   8.195   -6.352  1.00 9.52  ? 73   ASN A CB  1 
ATOM   505  C  CG  . ASN A 1 73  ? 2.331   8.355   -6.649  1.00 10.68 ? 73   ASN A CG  1 
ATOM   506  O  OD1 . ASN A 1 73  ? 1.676   7.420   -7.126  1.00 12.49 ? 73   ASN A OD1 1 
ATOM   507  N  ND2 . ASN A 1 73  ? 1.796   9.538   -6.369  1.00 9.71  ? 73   ASN A ND2 1 
ATOM   508  N  N   . ALA A 1 74  ? 6.509   6.685   -5.261  1.00 9.17  ? 74   ALA A N   1 
ATOM   509  C  CA  . ALA A 1 74  ? 7.887   6.187   -5.428  1.00 9.86  ? 74   ALA A CA  1 
ATOM   510  C  C   . ALA A 1 74  ? 7.936   4.656   -5.341  1.00 9.83  ? 74   ALA A C   1 
ATOM   511  O  O   . ALA A 1 74  ? 8.585   4.008   -6.163  1.00 9.50  ? 74   ALA A O   1 
ATOM   512  C  CB  . ALA A 1 74  ? 8.853   6.834   -4.421  1.00 9.76  ? 74   ALA A CB  1 
ATOM   513  N  N   . ASN A 1 75  ? 7.234   4.082   -4.363  1.00 9.82  ? 75   ASN A N   1 
ATOM   514  C  CA  . ASN A 1 75  ? 7.088   2.626   -4.264  1.00 10.08 ? 75   ASN A CA  1 
ATOM   515  C  C   . ASN A 1 75  ? 6.467   2.047   -5.541  1.00 9.79  ? 75   ASN A C   1 
ATOM   516  O  O   . ASN A 1 75  ? 6.909   1.012   -6.042  1.00 9.70  ? 75   ASN A O   1 
ATOM   517  C  CB  . ASN A 1 75  ? 6.161   2.231   -3.114  1.00 10.54 ? 75   ASN A CB  1 
ATOM   518  C  CG  . ASN A 1 75  ? 6.729   2.526   -1.741  1.00 13.45 ? 75   ASN A CG  1 
ATOM   519  O  OD1 . ASN A 1 75  ? 5.977   2.892   -0.832  1.00 16.16 ? 75   ASN A OD1 1 
ATOM   520  N  ND2 . ASN A 1 75  ? 8.030   2.326   -1.562  1.00 13.06 ? 75   ASN A ND2 1 
ATOM   521  N  N   . LEU A 1 76  ? 5.420   2.705   -6.040  1.00 9.26  ? 76   LEU A N   1 
ATOM   522  C  CA  . LEU A 1 76  ? 4.716   2.231   -7.232  1.00 9.57  ? 76   LEU A CA  1 
ATOM   523  C  C   . LEU A 1 76  ? 5.672   2.126   -8.417  1.00 9.42  ? 76   LEU A C   1 
ATOM   524  O  O   . LEU A 1 76  ? 5.704   1.111   -9.112  1.00 9.38  ? 76   LEU A O   1 
ATOM   525  C  CB  . LEU A 1 76  ? 3.552   3.161   -7.589  1.00 9.64  ? 76   LEU A CB  1 
ATOM   526  C  CG  . LEU A 1 76  ? 2.839   2.929   -8.930  1.00 10.47 ? 76   LEU A CG  1 
ATOM   527  C  CD1 . LEU A 1 76  ? 2.158   1.537   -8.968  1.00 10.31 ? 76   LEU A CD1 1 
ATOM   528  C  CD2 . LEU A 1 76  ? 1.825   4.045   -9.209  1.00 10.76 ? 76   LEU A CD2 1 
ATOM   529  N  N   . ASP A 1 77  ? 6.440   3.185   -8.649  1.00 9.56  ? 77   ASP A N   1 
ATOM   530  C  CA  . ASP A 1 77  ? 7.374   3.187   -9.774  1.00 9.92  ? 77   ASP A CA  1 
ATOM   531  C  C   . ASP A 1 77  ? 8.428   2.079   -9.618  1.00 9.74  ? 77   ASP A C   1 
ATOM   532  O  O   . ASP A 1 77  ? 8.721   1.361   -10.579 1.00 10.29 ? 77   ASP A O   1 
ATOM   533  C  CB  . ASP A 1 77  ? 8.010   4.563   -9.967  1.00 10.03 ? 77   ASP A CB  1 
ATOM   534  C  CG  . ASP A 1 77  ? 8.715   4.685   -11.299 1.00 10.93 ? 77   ASP A CG  1 
ATOM   535  O  OD1 . ASP A 1 77  ? 8.028   4.782   -12.342 1.00 10.53 ? 77   ASP A OD1 1 
ATOM   536  O  OD2 . ASP A 1 77  ? 9.958   4.659   -11.307 1.00 11.97 ? 77   ASP A OD2 1 
ATOM   537  N  N   . GLU A 1 78  ? 8.975   1.919   -8.418  1.00 9.33  ? 78   GLU A N   1 
ATOM   538  C  CA  . GLU A 1 78  ? 10.000  0.896   -8.196  1.00 9.59  ? 78   GLU A CA  1 
ATOM   539  C  C   . GLU A 1 78  ? 9.436   -0.525  -8.355  1.00 9.24  ? 78   GLU A C   1 
ATOM   540  O  O   . GLU A 1 78  ? 10.066  -1.376  -8.979  1.00 9.44  ? 78   GLU A O   1 
ATOM   541  C  CB  . GLU A 1 78  ? 10.663  1.054   -6.828  1.00 9.78  ? 78   GLU A CB  1 
ATOM   542  C  CG  . GLU A 1 78  ? 11.843  0.116   -6.627  1.00 11.77 ? 78   GLU A CG  1 
ATOM   543  C  CD  . GLU A 1 78  ? 12.615  0.392   -5.337  1.00 16.14 ? 78   GLU A CD  1 
ATOM   544  O  OE1 . GLU A 1 78  ? 12.289  1.374   -4.632  1.00 16.79 ? 78   GLU A OE1 1 
ATOM   545  O  OE2 . GLU A 1 78  ? 13.551  -0.376  -5.037  1.00 16.44 ? 78   GLU A OE2 1 
ATOM   546  N  N   . VAL A 1 79  ? 8.253   -0.755  -7.786  1.00 9.32  ? 79   VAL A N   1 
ATOM   547  C  CA  . VAL A 1 79  ? 7.585   -2.058  -7.856  1.00 9.46  ? 79   VAL A CA  1 
ATOM   548  C  C   . VAL A 1 79  ? 7.243   -2.431  -9.303  1.00 9.50  ? 79   VAL A C   1 
ATOM   549  O  O   . VAL A 1 79  ? 7.541   -3.548  -9.741  1.00 9.31  ? 79   VAL A O   1 
ATOM   550  C  CB  . VAL A 1 79  ? 6.321   -2.087  -6.957  1.00 9.46  ? 79   VAL A CB  1 
ATOM   551  C  CG1 . VAL A 1 79  ? 5.388   -3.249  -7.323  1.00 9.59  ? 79   VAL A CG1 1 
ATOM   552  C  CG2 . VAL A 1 79  ? 6.732   -2.165  -5.477  1.00 9.64  ? 79   VAL A CG2 1 
ATOM   553  N  N   . SER A 1 80  ? 6.633   -1.496  -10.038 1.00 9.51  ? 80   SER A N   1 
ATOM   554  C  CA  A SER A 1 80  ? 6.243   -1.741  -11.422 0.60 9.54  ? 80   SER A CA  1 
ATOM   555  C  CA  B SER A 1 80  ? 6.244   -1.763  -11.417 0.20 9.72  ? 80   SER A CA  1 
ATOM   556  C  CA  C SER A 1 80  ? 6.249   -1.734  -11.429 0.20 9.66  ? 80   SER A CA  1 
ATOM   557  C  C   . SER A 1 80  ? 7.470   -2.036  -12.285 1.00 9.84  ? 80   SER A C   1 
ATOM   558  O  O   . SER A 1 80  ? 7.485   -3.002  -13.058 1.00 9.95  ? 80   SER A O   1 
ATOM   559  C  CB  A SER A 1 80  ? 5.459   -0.545  -11.975 0.60 9.33  ? 80   SER A CB  1 
ATOM   560  C  CB  B SER A 1 80  ? 5.426   -0.606  -11.983 0.20 9.66  ? 80   SER A CB  1 
ATOM   561  C  CB  C SER A 1 80  ? 5.505   -0.529  -12.007 0.20 9.59  ? 80   SER A CB  1 
ATOM   562  O  OG  A SER A 1 80  ? 5.111   -0.742  -13.332 0.60 8.92  ? 80   SER A OG  1 
ATOM   563  O  OG  B SER A 1 80  ? 6.111   0.613   -11.799 0.20 9.93  ? 80   SER A OG  1 
ATOM   564  O  OG  C SER A 1 80  ? 4.262   -0.333  -11.365 0.20 9.50  ? 80   SER A OG  1 
ATOM   565  N  N   . GLU A 1 81  ? 8.505   -1.210  -12.145 1.00 9.79  ? 81   GLU A N   1 
ATOM   566  C  CA  . GLU A 1 81  ? 9.716   -1.411  -12.948 1.00 10.03 ? 81   GLU A CA  1 
ATOM   567  C  C   . GLU A 1 81  ? 10.480  -2.683  -12.580 1.00 10.14 ? 81   GLU A C   1 
ATOM   568  O  O   . GLU A 1 81  ? 11.113  -3.297  -13.442 1.00 10.49 ? 81   GLU A O   1 
ATOM   569  C  CB  . GLU A 1 81  ? 10.594  -0.159  -12.943 1.00 10.08 ? 81   GLU A CB  1 
ATOM   570  C  CG  . GLU A 1 81  ? 9.858   0.990   -13.647 1.00 9.46  ? 81   GLU A CG  1 
ATOM   571  C  CD  . GLU A 1 81  ? 10.570  2.319   -13.578 1.00 10.67 ? 81   GLU A CD  1 
ATOM   572  O  OE1 . GLU A 1 81  ? 11.671  2.408   -12.981 1.00 9.06  ? 81   GLU A OE1 1 
ATOM   573  O  OE2 . GLU A 1 81  ? 10.009  3.284   -14.140 1.00 10.49 ? 81   GLU A OE2 1 
ATOM   574  N  N   . ARG A 1 82  ? 10.407  -3.095  -11.316 1.00 10.00 ? 82   ARG A N   1 
ATOM   575  C  CA  . ARG A 1 82  ? 11.003  -4.384  -10.925 1.00 9.70  ? 82   ARG A CA  1 
ATOM   576  C  C   . ARG A 1 82  ? 10.252  -5.530  -11.604 1.00 9.65  ? 82   ARG A C   1 
ATOM   577  O  O   . ARG A 1 82  ? 10.862  -6.498  -12.080 1.00 10.07 ? 82   ARG A O   1 
ATOM   578  C  CB  . ARG A 1 82  ? 11.002  -4.555  -9.398  1.00 9.50  ? 82   ARG A CB  1 
ATOM   579  C  CG  . ARG A 1 82  ? 11.646  -5.858  -8.891  1.00 10.36 ? 82   ARG A CG  1 
ATOM   580  C  CD  . ARG A 1 82  ? 13.152  -5.894  -9.180  1.00 9.35  ? 82   ARG A CD  1 
ATOM   581  N  NE  . ARG A 1 82  ? 13.739  -7.182  -8.795  1.00 10.04 ? 82   ARG A NE  1 
ATOM   582  C  CZ  . ARG A 1 82  ? 14.923  -7.626  -9.204  1.00 9.60  ? 82   ARG A CZ  1 
ATOM   583  N  NH1 . ARG A 1 82  ? 15.684  -6.889  -10.009 1.00 7.30  ? 82   ARG A NH1 1 
ATOM   584  N  NH2 . ARG A 1 82  ? 15.351  -8.820  -8.796  1.00 9.34  ? 82   ARG A NH2 1 
ATOM   585  N  N   . LEU A 1 83  ? 8.930   -5.408  -11.668 1.00 9.47  ? 83   LEU A N   1 
ATOM   586  C  CA  . LEU A 1 83  ? 8.095   -6.398  -12.342 1.00 9.93  ? 83   LEU A CA  1 
ATOM   587  C  C   . LEU A 1 83  ? 8.418   -6.497  -13.842 1.00 10.03 ? 83   LEU A C   1 
ATOM   588  O  O   . LEU A 1 83  ? 8.544   -7.606  -14.382 1.00 10.24 ? 83   LEU A O   1 
ATOM   589  C  CB  . LEU A 1 83  ? 6.603   -6.112  -12.094 1.00 9.97  ? 83   LEU A CB  1 
ATOM   590  C  CG  . LEU A 1 83  ? 5.594   -7.029  -12.817 1.00 11.00 ? 83   LEU A CG  1 
ATOM   591  C  CD1 . LEU A 1 83  ? 5.833   -8.504  -12.488 1.00 9.50  ? 83   LEU A CD1 1 
ATOM   592  C  CD2 . LEU A 1 83  ? 4.168   -6.624  -12.473 1.00 10.77 ? 83   LEU A CD2 1 
ATOM   593  N  N   . ILE A 1 84  ? 8.557   -5.351  -14.507 1.00 9.77  ? 84   ILE A N   1 
ATOM   594  C  CA  . ILE A 1 84  ? 8.991   -5.310  -15.914 1.00 9.65  ? 84   ILE A CA  1 
ATOM   595  C  C   . ILE A 1 84  ? 10.349  -6.006  -16.064 1.00 10.06 ? 84   ILE A C   1 
ATOM   596  O  O   . ILE A 1 84  ? 10.531  -6.883  -16.924 1.00 10.23 ? 84   ILE A O   1 
ATOM   597  C  CB  . ILE A 1 84  ? 9.150   -3.852  -16.427 1.00 9.95  ? 84   ILE A CB  1 
ATOM   598  C  CG1 . ILE A 1 84  ? 7.837   -3.060  -16.304 1.00 8.73  ? 84   ILE A CG1 1 
ATOM   599  C  CG2 . ILE A 1 84  ? 9.631   -3.837  -17.896 1.00 9.44  ? 84   ILE A CG2 1 
ATOM   600  C  CD1 . ILE A 1 84  ? 8.027   -1.559  -16.496 1.00 8.94  ? 84   ILE A CD1 1 
ATOM   601  N  N   . THR A 1 85  ? 11.283  -5.609  -15.205 1.00 9.95  ? 85   THR A N   1 
ATOM   602  C  CA  . THR A 1 85  ? 12.665  -6.084  -15.217 1.00 10.05 ? 85   THR A CA  1 
ATOM   603  C  C   . THR A 1 85  ? 12.781  -7.611  -15.121 1.00 10.67 ? 85   THR A C   1 
ATOM   604  O  O   . THR A 1 85  ? 13.576  -8.227  -15.853 1.00 10.72 ? 85   THR A O   1 
ATOM   605  C  CB  . THR A 1 85  ? 13.466  -5.362  -14.112 1.00 9.84  ? 85   THR A CB  1 
ATOM   606  O  OG1 . THR A 1 85  ? 13.517  -3.966  -14.429 1.00 9.31  ? 85   THR A OG1 1 
ATOM   607  C  CG2 . THR A 1 85  ? 14.885  -5.902  -13.990 1.00 9.64  ? 85   THR A CG2 1 
ATOM   608  N  N   . ILE A 1 86  ? 11.961  -8.221  -14.263 1.00 10.57 ? 86   ILE A N   1 
ATOM   609  C  CA  . ILE A 1 86  ? 12.001  -9.678  -14.076 1.00 11.45 ? 86   ILE A CA  1 
ATOM   610  C  C   . ILE A 1 86  ? 11.111  -10.450 -15.066 1.00 11.85 ? 86   ILE A C   1 
ATOM   611  O  O   . ILE A 1 86  ? 10.909  -11.656 -14.911 1.00 12.50 ? 86   ILE A O   1 
ATOM   612  C  CB  . ILE A 1 86  ? 11.759  -10.097 -12.589 1.00 11.23 ? 86   ILE A CB  1 
ATOM   613  C  CG1 . ILE A 1 86  ? 10.300  -9.867  -12.169 1.00 11.79 ? 86   ILE A CG1 1 
ATOM   614  C  CG2 . ILE A 1 86  ? 12.754  -9.348  -11.648 1.00 11.11 ? 86   ILE A CG2 1 
ATOM   615  C  CD1 . ILE A 1 86  ? 9.925   -10.555 -10.855 1.00 11.71 ? 86   ILE A CD1 1 
ATOM   616  N  N   . GLY A 1 87  ? 10.572  -9.746  -16.062 1.00 12.09 ? 87   GLY A N   1 
ATOM   617  C  CA  . GLY A 1 87  ? 9.849   -10.383 -17.167 1.00 12.76 ? 87   GLY A CA  1 
ATOM   618  C  C   . GLY A 1 87  ? 8.333   -10.355 -17.083 1.00 12.83 ? 87   GLY A C   1 
ATOM   619  O  O   . GLY A 1 87  ? 7.662   -11.083 -17.806 1.00 12.98 ? 87   GLY A O   1 
ATOM   620  N  N   . GLY A 1 88  ? 7.790   -9.511  -16.208 1.00 12.75 ? 88   GLY A N   1 
ATOM   621  C  CA  . GLY A 1 88  ? 6.339   -9.380  -16.052 1.00 12.81 ? 88   GLY A CA  1 
ATOM   622  C  C   . GLY A 1 88  ? 5.718   -8.207  -16.792 1.00 12.62 ? 88   GLY A C   1 
ATOM   623  O  O   . GLY A 1 88  ? 6.371   -7.533  -17.589 1.00 13.03 ? 88   GLY A O   1 
ATOM   624  N  N   . ALA A 1 89  ? 4.443   -7.960  -16.516 1.00 12.60 ? 89   ALA A N   1 
ATOM   625  C  CA  . ALA A 1 89  ? 3.686   -6.922  -17.209 1.00 12.04 ? 89   ALA A CA  1 
ATOM   626  C  C   . ALA A 1 89  ? 2.771   -6.240  -16.204 1.00 11.81 ? 89   ALA A C   1 
ATOM   627  O  O   . ALA A 1 89  ? 1.756   -6.807  -15.813 1.00 11.76 ? 89   ALA A O   1 
ATOM   628  C  CB  . ALA A 1 89  ? 2.882   -7.531  -18.371 1.00 12.19 ? 89   ALA A CB  1 
ATOM   629  N  N   . PRO A 1 90  ? 3.139   -5.026  -15.758 1.00 11.26 ? 90   PRO A N   1 
ATOM   630  C  CA  . PRO A 1 90  ? 2.362   -4.388  -14.693 1.00 10.92 ? 90   PRO A CA  1 
ATOM   631  C  C   . PRO A 1 90  ? 1.006   -3.858  -15.140 1.00 10.81 ? 90   PRO A C   1 
ATOM   632  O  O   . PRO A 1 90  ? 0.857   -3.408  -16.291 1.00 10.89 ? 90   PRO A O   1 
ATOM   633  C  CB  . PRO A 1 90  ? 3.257   -3.222  -14.261 1.00 10.57 ? 90   PRO A CB  1 
ATOM   634  C  CG  . PRO A 1 90  ? 4.053   -2.884  -15.516 1.00 10.69 ? 90   PRO A CG  1 
ATOM   635  C  CD  . PRO A 1 90  ? 4.348   -4.250  -16.105 1.00 11.21 ? 90   PRO A CD  1 
ATOM   636  N  N   . TYR A 1 91  ? 0.030   -3.908  -14.233 1.00 10.13 ? 91   TYR A N   1 
ATOM   637  C  CA  . TYR A 1 91  ? -1.228  -3.206  -14.446 1.00 10.59 ? 91   TYR A CA  1 
ATOM   638  C  C   . TYR A 1 91  ? -0.879  -1.761  -14.755 1.00 9.93  ? 91   TYR A C   1 
ATOM   639  O  O   . TYR A 1 91  ? 0.085   -1.219  -14.208 1.00 9.98  ? 91   TYR A O   1 
ATOM   640  C  CB  . TYR A 1 91  ? -2.113  -3.249  -13.196 1.00 10.10 ? 91   TYR A CB  1 
ATOM   641  C  CG  . TYR A 1 91  ? -2.555  -4.632  -12.759 1.00 11.59 ? 91   TYR A CG  1 
ATOM   642  C  CD1 . TYR A 1 91  ? -3.232  -5.491  -13.637 1.00 11.31 ? 91   TYR A CD1 1 
ATOM   643  C  CD2 . TYR A 1 91  ? -2.332  -5.067  -11.450 1.00 11.49 ? 91   TYR A CD2 1 
ATOM   644  C  CE1 . TYR A 1 91  ? -3.655  -6.756  -13.221 1.00 12.96 ? 91   TYR A CE1 1 
ATOM   645  C  CE2 . TYR A 1 91  ? -2.760  -6.331  -11.022 1.00 11.66 ? 91   TYR A CE2 1 
ATOM   646  C  CZ  . TYR A 1 91  ? -3.418  -7.167  -11.914 1.00 13.58 ? 91   TYR A CZ  1 
ATOM   647  O  OH  . TYR A 1 91  ? -3.826  -8.419  -11.491 1.00 14.50 ? 91   TYR A OH  1 
ATOM   648  N  N   . SER A 1 92  ? -1.659  -1.135  -15.628 1.00 10.36 ? 92   SER A N   1 
ATOM   649  C  CA  . SER A 1 92  ? -1.327  0.211   -16.095 1.00 10.70 ? 92   SER A CA  1 
ATOM   650  C  C   . SER A 1 92  ? -2.561  0.965   -16.594 1.00 10.92 ? 92   SER A C   1 
ATOM   651  O  O   . SER A 1 92  ? -2.456  1.833   -17.465 1.00 11.00 ? 92   SER A O   1 
ATOM   652  C  CB  . SER A 1 92  ? -0.254  0.141   -17.190 1.00 10.92 ? 92   SER A CB  1 
ATOM   653  O  OG  . SER A 1 92  ? -0.723  -0.600  -18.307 1.00 10.59 ? 92   SER A OG  1 
ATOM   654  N  N   . THR A 1 93  ? -3.728  0.603   -16.056 1.00 11.60 ? 93   THR A N   1 
ATOM   655  C  CA  . THR A 1 93  ? -4.965  1.359   -16.261 1.00 12.05 ? 93   THR A CA  1 
ATOM   656  C  C   . THR A 1 93  ? -5.679  1.511   -14.919 1.00 12.35 ? 93   THR A C   1 
ATOM   657  O  O   . THR A 1 93  ? -5.515  0.675   -14.020 1.00 12.28 ? 93   THR A O   1 
ATOM   658  C  CB  . THR A 1 93  ? -5.938  0.681   -17.264 1.00 12.69 ? 93   THR A CB  1 
ATOM   659  O  OG1 . THR A 1 93  ? -6.537  -0.475  -16.661 1.00 13.56 ? 93   THR A OG1 1 
ATOM   660  C  CG2 . THR A 1 93  ? -5.223  0.269   -18.558 1.00 12.17 ? 93   THR A CG2 1 
ATOM   661  N  N   . LEU A 1 94  ? -6.472  2.569   -14.784 1.00 12.38 ? 94   LEU A N   1 
ATOM   662  C  CA  . LEU A 1 94  ? -7.193  2.805   -13.533 1.00 12.77 ? 94   LEU A CA  1 
ATOM   663  C  C   . LEU A 1 94  ? -8.200  1.702   -13.228 1.00 12.93 ? 94   LEU A C   1 
ATOM   664  O  O   . LEU A 1 94  ? -8.378  1.337   -12.068 1.00 13.05 ? 94   LEU A O   1 
ATOM   665  C  CB  . LEU A 1 94  ? -7.850  4.188   -13.523 1.00 12.23 ? 94   LEU A CB  1 
ATOM   666  C  CG  . LEU A 1 94  ? -6.910  5.410   -13.603 1.00 12.72 ? 94   LEU A CG  1 
ATOM   667  C  CD1 . LEU A 1 94  ? -7.697  6.683   -13.310 1.00 12.11 ? 94   LEU A CD1 1 
ATOM   668  C  CD2 . LEU A 1 94  ? -5.705  5.291   -12.668 1.00 11.25 ? 94   LEU A CD2 1 
ATOM   669  N  N   . ALA A 1 95  ? -8.832  1.159   -14.269 1.00 13.43 ? 95   ALA A N   1 
ATOM   670  C  CA  . ALA A 1 95  ? -9.772  0.037   -14.111 1.00 13.70 ? 95   ALA A CA  1 
ATOM   671  C  C   . ALA A 1 95  ? -9.093  -1.243  -13.596 1.00 13.87 ? 95   ALA A C   1 
ATOM   672  O  O   . ALA A 1 95  ? -9.668  -1.971  -12.783 1.00 13.51 ? 95   ALA A O   1 
ATOM   673  C  CB  . ALA A 1 95  ? -10.512 -0.239  -15.424 1.00 13.67 ? 95   ALA A CB  1 
ATOM   674  N  N   . GLU A 1 96  ? -7.888  -1.531  -14.089 1.00 13.72 ? 96   GLU A N   1 
ATOM   675  C  CA  . GLU A 1 96  ? -7.117  -2.679  -13.602 1.00 13.39 ? 96   GLU A CA  1 
ATOM   676  C  C   . GLU A 1 96  ? -6.717  -2.502  -12.136 1.00 13.24 ? 96   GLU A C   1 
ATOM   677  O  O   . GLU A 1 96  ? -6.798  -3.461  -11.342 1.00 12.77 ? 96   GLU A O   1 
ATOM   678  C  CB  . GLU A 1 96  ? -5.865  -2.904  -14.456 1.00 13.77 ? 96   GLU A CB  1 
ATOM   679  C  CG  . GLU A 1 96  ? -6.142  -3.553  -15.820 1.00 15.53 ? 96   GLU A CG  1 
ATOM   680  C  CD  . GLU A 1 96  ? -4.874  -3.750  -16.632 1.00 17.66 ? 96   GLU A CD  1 
ATOM   681  O  OE1 . GLU A 1 96  ? -4.042  -2.822  -16.694 1.00 18.17 ? 96   GLU A OE1 1 
ATOM   682  O  OE2 . GLU A 1 96  ? -4.693  -4.845  -17.193 1.00 20.20 ? 96   GLU A OE2 1 
ATOM   683  N  N   . PHE A 1 97  ? -6.279  -1.291  -11.779 1.00 12.42 ? 97   PHE A N   1 
ATOM   684  C  CA  . PHE A 1 97  ? -5.915  -1.000  -10.381 1.00 12.52 ? 97   PHE A CA  1 
ATOM   685  C  C   . PHE A 1 97  ? -7.121  -1.213  -9.454  1.00 12.84 ? 97   PHE A C   1 
ATOM   686  O  O   . PHE A 1 97  ? -7.013  -1.907  -8.441  1.00 12.70 ? 97   PHE A O   1 
ATOM   687  C  CB  . PHE A 1 97  ? -5.414  0.444   -10.195 1.00 11.61 ? 97   PHE A CB  1 
ATOM   688  C  CG  . PHE A 1 97  ? -4.229  0.823   -11.044 1.00 11.42 ? 97   PHE A CG  1 
ATOM   689  C  CD1 . PHE A 1 97  ? -3.241  -0.110  -11.378 1.00 11.95 ? 97   PHE A CD1 1 
ATOM   690  C  CD2 . PHE A 1 97  ? -4.076  2.143   -11.463 1.00 11.16 ? 97   PHE A CD2 1 
ATOM   691  C  CE1 . PHE A 1 97  ? -2.140  0.260   -12.158 1.00 11.20 ? 97   PHE A CE1 1 
ATOM   692  C  CE2 . PHE A 1 97  ? -2.971  2.536   -12.234 1.00 10.66 ? 97   PHE A CE2 1 
ATOM   693  C  CZ  . PHE A 1 97  ? -2.002  1.597   -12.581 1.00 11.73 ? 97   PHE A CZ  1 
ATOM   694  N  N   . SER A 1 98  ? -8.252  -0.600  -9.814  1.00 13.21 ? 98   SER A N   1 
ATOM   695  C  CA  A SER A 1 98  ? -9.463  -0.662  -9.001  0.65 13.86 ? 98   SER A CA  1 
ATOM   696  C  CA  B SER A 1 98  ? -9.480  -0.670  -9.010  0.35 13.88 ? 98   SER A CA  1 
ATOM   697  C  C   . SER A 1 98  ? -9.982  -2.098  -8.875  1.00 14.25 ? 98   SER A C   1 
ATOM   698  O  O   . SER A 1 98  ? -10.349 -2.536  -7.779  1.00 14.93 ? 98   SER A O   1 
ATOM   699  C  CB  A SER A 1 98  ? -10.532 0.257   -9.600  0.65 13.68 ? 98   SER A CB  1 
ATOM   700  C  CB  B SER A 1 98  ? -10.597 0.183   -9.619  0.35 13.76 ? 98   SER A CB  1 
ATOM   701  O  OG  A SER A 1 98  ? -11.629 0.412   -8.731  0.65 13.65 ? 98   SER A OG  1 
ATOM   702  O  OG  B SER A 1 98  ? -10.142 1.475   -9.944  0.35 13.75 ? 98   SER A OG  1 
ATOM   703  N  N   . LYS A 1 99  ? -10.003 -2.824  -9.992  1.00 14.66 ? 99   LYS A N   1 
ATOM   704  C  CA  . LYS A 1 99  ? -10.515 -4.195  -10.012 1.00 16.16 ? 99   LYS A CA  1 
ATOM   705  C  C   . LYS A 1 99  ? -9.669  -5.168  -9.185  1.00 15.71 ? 99   LYS A C   1 
ATOM   706  O  O   . LYS A 1 99  ? -10.210 -5.961  -8.422  1.00 16.16 ? 99   LYS A O   1 
ATOM   707  C  CB  . LYS A 1 99  ? -10.660 -4.715  -11.453 1.00 16.48 ? 99   LYS A CB  1 
ATOM   708  C  CG  . LYS A 1 99  ? -11.042 -6.202  -11.539 1.00 20.05 ? 99   LYS A CG  1 
ATOM   709  C  CD  . LYS A 1 99  ? -10.904 -6.751  -12.954 1.00 24.22 ? 99   LYS A CD  1 
ATOM   710  C  CE  . LYS A 1 99  ? -11.588 -8.114  -13.070 1.00 27.49 ? 99   LYS A CE  1 
ATOM   711  N  NZ  . LYS A 1 99  ? -11.620 -8.579  -14.484 1.00 30.12 ? 99   LYS A NZ  1 
ATOM   712  N  N   . HIS A 1 100 ? -8.349  -5.106  -9.338  1.00 15.07 ? 100  HIS A N   1 
ATOM   713  C  CA  . HIS A 1 100 ? -7.467  -6.098  -8.725  1.00 14.89 ? 100  HIS A CA  1 
ATOM   714  C  C   . HIS A 1 100 ? -6.954  -5.760  -7.318  1.00 14.51 ? 100  HIS A C   1 
ATOM   715  O  O   . HIS A 1 100 ? -6.501  -6.651  -6.595  1.00 14.36 ? 100  HIS A O   1 
ATOM   716  C  CB  . HIS A 1 100 ? -6.318  -6.437  -9.681  1.00 15.19 ? 100  HIS A CB  1 
ATOM   717  C  CG  . HIS A 1 100 ? -6.792  -7.028  -10.972 1.00 16.85 ? 100  HIS A CG  1 
ATOM   718  N  ND1 . HIS A 1 100 ? -7.239  -8.328  -11.070 1.00 18.97 ? 100  HIS A ND1 1 
ATOM   719  C  CD2 . HIS A 1 100 ? -6.932  -6.487  -12.206 1.00 19.06 ? 100  HIS A CD2 1 
ATOM   720  C  CE1 . HIS A 1 100 ? -7.619  -8.570  -12.312 1.00 19.55 ? 100  HIS A CE1 1 
ATOM   721  N  NE2 . HIS A 1 100 ? -7.445  -7.469  -13.022 1.00 19.81 ? 100  HIS A NE2 1 
ATOM   722  N  N   . SER A 1 101 ? -7.027  -4.490  -6.925  1.00 14.14 ? 101  SER A N   1 
ATOM   723  C  CA  . SER A 1 101 ? -6.662  -4.114  -5.564  1.00 14.19 ? 101  SER A CA  1 
ATOM   724  C  C   . SER A 1 101 ? -7.593  -4.755  -4.534  1.00 14.89 ? 101  SER A C   1 
ATOM   725  O  O   . SER A 1 101 ? -8.794  -4.926  -4.796  1.00 14.46 ? 101  SER A O   1 
ATOM   726  C  CB  . SER A 1 101 ? -6.668  -2.596  -5.381  1.00 13.86 ? 101  SER A CB  1 
ATOM   727  O  OG  . SER A 1 101 ? -6.433  -2.247  -4.017  1.00 12.54 ? 101  SER A OG  1 
ATOM   728  N  N   . LYS A 1 102 ? -7.027  -5.102  -3.377  1.00 15.38 ? 102  LYS A N   1 
ATOM   729  C  CA  A LYS A 1 102 ? -7.801  -5.639  -2.253  0.50 16.06 ? 102  LYS A CA  1 
ATOM   730  C  CA  B LYS A 1 102 ? -7.821  -5.635  -2.267  0.50 16.00 ? 102  LYS A CA  1 
ATOM   731  C  C   . LYS A 1 102 ? -8.266  -4.521  -1.327  1.00 16.27 ? 102  LYS A C   1 
ATOM   732  O  O   . LYS A 1 102 ? -8.935  -4.774  -0.320  1.00 16.82 ? 102  LYS A O   1 
ATOM   733  C  CB  A LYS A 1 102 ? -6.985  -6.676  -1.472  0.50 16.22 ? 102  LYS A CB  1 
ATOM   734  C  CB  B LYS A 1 102 ? -7.053  -6.727  -1.515  0.50 16.14 ? 102  LYS A CB  1 
ATOM   735  C  CG  A LYS A 1 102 ? -6.499  -7.849  -2.308  0.50 16.84 ? 102  LYS A CG  1 
ATOM   736  C  CG  B LYS A 1 102 ? -6.931  -8.017  -2.305  0.50 16.41 ? 102  LYS A CG  1 
ATOM   737  C  CD  A LYS A 1 102 ? -7.647  -8.558  -2.985  0.50 18.16 ? 102  LYS A CD  1 
ATOM   738  C  CD  B LYS A 1 102 ? -5.982  -8.998  -1.646  0.50 17.71 ? 102  LYS A CD  1 
ATOM   739  C  CE  A LYS A 1 102 ? -7.138  -9.662  -3.899  0.50 19.52 ? 102  LYS A CE  1 
ATOM   740  C  CE  B LYS A 1 102 ? -5.646  -10.108 -2.612  0.50 18.49 ? 102  LYS A CE  1 
ATOM   741  N  NZ  A LYS A 1 102 ? -8.226  -10.264 -4.725  0.50 19.63 ? 102  LYS A NZ  1 
ATOM   742  N  NZ  B LYS A 1 102 ? -6.896  -10.618 -3.250  0.50 18.36 ? 102  LYS A NZ  1 
ATOM   743  N  N   . LEU A 1 103 ? -7.907  -3.283  -1.672  1.00 15.93 ? 103  LEU A N   1 
ATOM   744  C  CA  . LEU A 1 103 ? -8.363  -2.096  -0.943  1.00 16.42 ? 103  LEU A CA  1 
ATOM   745  C  C   . LEU A 1 103 ? -9.634  -1.539  -1.591  1.00 16.89 ? 103  LEU A C   1 
ATOM   746  O  O   . LEU A 1 103 ? -9.721  -1.442  -2.819  1.00 17.06 ? 103  LEU A O   1 
ATOM   747  C  CB  . LEU A 1 103 ? -7.273  -1.016  -0.920  1.00 15.79 ? 103  LEU A CB  1 
ATOM   748  C  CG  . LEU A 1 103 ? -5.985  -1.317  -0.139  1.00 16.39 ? 103  LEU A CG  1 
ATOM   749  C  CD1 . LEU A 1 103 ? -4.900  -0.272  -0.449  1.00 15.85 ? 103  LEU A CD1 1 
ATOM   750  C  CD2 . LEU A 1 103 ? -6.246  -1.395  1.368   1.00 15.33 ? 103  LEU A CD2 1 
ATOM   751  N  N   . ASP A 1 104 ? -10.617 -1.188  -0.764  1.00 17.09 ? 104  ASP A N   1 
ATOM   752  C  CA  . ASP A 1 104 ? -11.842 -0.556  -1.253  1.00 17.50 ? 104  ASP A CA  1 
ATOM   753  C  C   . ASP A 1 104 ? -11.764 0.952   -1.106  1.00 16.67 ? 104  ASP A C   1 
ATOM   754  O  O   . ASP A 1 104 ? -11.130 1.459   -0.188  1.00 16.91 ? 104  ASP A O   1 
ATOM   755  C  CB  . ASP A 1 104 ? -13.070 -1.069  -0.493  1.00 18.32 ? 104  ASP A CB  1 
ATOM   756  C  CG  . ASP A 1 104 ? -13.305 -2.553  -0.698  1.00 21.15 ? 104  ASP A CG  1 
ATOM   757  O  OD1 . ASP A 1 104 ? -13.235 -3.026  -1.855  1.00 24.60 ? 104  ASP A OD1 1 
ATOM   758  O  OD2 . ASP A 1 104 ? -13.553 -3.246  0.305   1.00 26.07 ? 104  ASP A OD2 1 
ATOM   759  N  N   . GLU A 1 105 ? -12.419 1.658   -2.017  1.00 15.54 ? 105  GLU A N   1 
ATOM   760  C  CA  . GLU A 1 105 ? -12.548 3.106   -1.927  1.00 15.14 ? 105  GLU A CA  1 
ATOM   761  C  C   . GLU A 1 105 ? -14.012 3.472   -1.720  1.00 15.30 ? 105  GLU A C   1 
ATOM   762  O  O   . GLU A 1 105 ? -14.907 2.715   -2.097  1.00 15.18 ? 105  GLU A O   1 
ATOM   763  C  CB  . GLU A 1 105 ? -12.022 3.757   -3.207  1.00 14.50 ? 105  GLU A CB  1 
ATOM   764  C  CG  . GLU A 1 105 ? -10.536 3.534   -3.423  1.00 13.93 ? 105  GLU A CG  1 
ATOM   765  C  CD  . GLU A 1 105 ? -9.996  4.391   -4.540  1.00 14.88 ? 105  GLU A CD  1 
ATOM   766  O  OE1 . GLU A 1 105 ? -10.087 3.982   -5.714  1.00 14.37 ? 105  GLU A OE1 1 
ATOM   767  O  OE2 . GLU A 1 105 ? -9.504  5.490   -4.235  1.00 15.90 ? 105  GLU A OE2 1 
ATOM   768  N  N   . ALA A 1 106 ? -14.240 4.642   -1.134  1.00 15.46 ? 106  ALA A N   1 
ATOM   769  C  CA  . ALA A 1 106 ? -15.587 5.184   -0.948  1.00 15.45 ? 106  ALA A CA  1 
ATOM   770  C  C   . ALA A 1 106 ? -15.610 6.606   -1.475  1.00 15.27 ? 106  ALA A C   1 
ATOM   771  O  O   . ALA A 1 106 ? -14.583 7.303   -1.450  1.00 14.21 ? 106  ALA A O   1 
ATOM   772  C  CB  . ALA A 1 106 ? -15.968 5.161   0.532   1.00 15.93 ? 106  ALA A CB  1 
ATOM   773  N  N   . LYS A 1 107 ? -16.779 7.027   -1.958  1.00 15.08 ? 107  LYS A N   1 
ATOM   774  C  CA  . LYS A 1 107 ? -16.997 8.402   -2.402  1.00 15.55 ? 107  LYS A CA  1 
ATOM   775  C  C   . LYS A 1 107 ? -16.516 9.372   -1.314  1.00 14.82 ? 107  LYS A C   1 
ATOM   776  O  O   . LYS A 1 107 ? -16.787 9.170   -0.121  1.00 14.07 ? 107  LYS A O   1 
ATOM   777  C  CB  . LYS A 1 107 ? -18.487 8.617   -2.692  1.00 16.05 ? 107  LYS A CB  1 
ATOM   778  C  CG  . LYS A 1 107 ? -18.838 9.901   -3.444  1.00 19.96 ? 107  LYS A CG  1 
ATOM   779  C  CD  . LYS A 1 107 ? -20.368 10.096  -3.470  1.00 24.31 ? 107  LYS A CD  1 
ATOM   780  C  CE  . LYS A 1 107 ? -20.793 11.237  -4.388  1.00 27.77 ? 107  LYS A CE  1 
ATOM   781  N  NZ  . LYS A 1 107 ? -20.224 12.558  -3.970  1.00 29.90 ? 107  LYS A NZ  1 
ATOM   782  N  N   . GLY A 1 108 ? -15.791 10.407  -1.722  1.00 13.85 ? 108  GLY A N   1 
ATOM   783  C  CA  . GLY A 1 108 ? -15.352 11.436  -0.780  1.00 13.41 ? 108  GLY A CA  1 
ATOM   784  C  C   . GLY A 1 108 ? -16.528 12.168  -0.151  1.00 13.23 ? 108  GLY A C   1 
ATOM   785  O  O   . GLY A 1 108 ? -17.541 12.417  -0.815  1.00 12.59 ? 108  GLY A O   1 
ATOM   786  N  N   . THR A 1 109 ? -16.402 12.459  1.143   1.00 12.97 ? 109  THR A N   1 
ATOM   787  C  CA  A THR A 1 109 ? -17.358 13.304  1.844   0.70 13.15 ? 109  THR A CA  1 
ATOM   788  C  CA  B THR A 1 109 ? -17.379 13.259  1.896   0.30 12.90 ? 109  THR A CA  1 
ATOM   789  C  C   . THR A 1 109 ? -16.636 14.184  2.859   1.00 12.90 ? 109  THR A C   1 
ATOM   790  O  O   . THR A 1 109 ? -15.704 13.737  3.546   1.00 12.60 ? 109  THR A O   1 
ATOM   791  C  CB  A THR A 1 109 ? -18.499 12.488  2.520   0.70 13.32 ? 109  THR A CB  1 
ATOM   792  C  CB  B THR A 1 109 ? -18.351 12.386  2.743   0.30 12.97 ? 109  THR A CB  1 
ATOM   793  O  OG1 A THR A 1 109 ? -19.263 13.352  3.367   0.70 13.71 ? 109  THR A OG1 1 
ATOM   794  O  OG1 B THR A 1 109 ? -17.605 11.529  3.620   0.30 13.00 ? 109  THR A OG1 1 
ATOM   795  C  CG2 A THR A 1 109 ? -17.950 11.330  3.353   0.70 13.82 ? 109  THR A CG2 1 
ATOM   796  C  CG2 B THR A 1 109 ? -19.273 11.550  1.863   0.30 12.57 ? 109  THR A CG2 1 
ATOM   797  N  N   . TYR A 1 110 ? -17.051 15.449  2.932   1.00 12.70 ? 110  TYR A N   1 
ATOM   798  C  CA  . TYR A 1 110 ? -16.428 16.398  3.867   1.00 13.20 ? 110  TYR A CA  1 
ATOM   799  C  C   . TYR A 1 110 ? -16.788 16.133  5.327   1.00 13.77 ? 110  TYR A C   1 
ATOM   800  O  O   . TYR A 1 110 ? -16.163 16.689  6.228   1.00 13.60 ? 110  TYR A O   1 
ATOM   801  C  CB  . TYR A 1 110 ? -16.774 17.846  3.515   1.00 12.58 ? 110  TYR A CB  1 
ATOM   802  C  CG  . TYR A 1 110 ? -16.229 18.293  2.175   1.00 12.01 ? 110  TYR A CG  1 
ATOM   803  C  CD1 . TYR A 1 110 ? -14.852 18.505  1.992   1.00 10.27 ? 110  TYR A CD1 1 
ATOM   804  C  CD2 . TYR A 1 110 ? -17.084 18.514  1.098   1.00 10.19 ? 110  TYR A CD2 1 
ATOM   805  C  CE1 . TYR A 1 110 ? -14.348 18.920  0.765   1.00 10.81 ? 110  TYR A CE1 1 
ATOM   806  C  CE2 . TYR A 1 110 ? -16.586 18.930  -0.146  1.00 9.50  ? 110  TYR A CE2 1 
ATOM   807  C  CZ  . TYR A 1 110 ? -15.218 19.125  -0.300  1.00 10.09 ? 110  TYR A CZ  1 
ATOM   808  O  OH  . TYR A 1 110 ? -14.720 19.535  -1.519  1.00 10.23 ? 110  TYR A OH  1 
ATOM   809  N  N   . ASP A 1 111 ? -17.779 15.279  5.567   1.00 14.63 ? 111  ASP A N   1 
ATOM   810  C  CA  . ASP A 1 111 ? -18.226 15.077  6.948   1.00 15.60 ? 111  ASP A CA  1 
ATOM   811  C  C   . ASP A 1 111 ? -17.454 13.997  7.717   1.00 14.65 ? 111  ASP A C   1 
ATOM   812  O  O   . ASP A 1 111 ? -17.722 13.774  8.897   1.00 14.90 ? 111  ASP A O   1 
ATOM   813  C  CB  . ASP A 1 111 ? -19.751 14.894  7.039   1.00 16.76 ? 111  ASP A CB  1 
ATOM   814  C  CG  . ASP A 1 111 ? -20.242 13.608  6.412   1.00 20.55 ? 111  ASP A CG  1 
ATOM   815  O  OD1 . ASP A 1 111 ? -19.430 12.758  5.991   1.00 24.86 ? 111  ASP A OD1 1 
ATOM   816  O  OD2 . ASP A 1 111 ? -21.476 13.440  6.339   1.00 26.69 ? 111  ASP A OD2 1 
ATOM   817  N  N   . LYS A 1 112 ? -16.501 13.345  7.052   1.00 13.74 ? 112  LYS A N   1 
ATOM   818  C  CA  A LYS A 1 112 ? -15.569 12.439  7.730   0.70 13.69 ? 112  LYS A CA  1 
ATOM   819  C  CA  B LYS A 1 112 ? -15.578 12.432  7.723   0.30 12.95 ? 112  LYS A CA  1 
ATOM   820  C  C   . LYS A 1 112 ? -14.724 13.235  8.713   1.00 12.91 ? 112  LYS A C   1 
ATOM   821  O  O   . LYS A 1 112 ? -14.266 14.337  8.394   1.00 13.04 ? 112  LYS A O   1 
ATOM   822  C  CB  A LYS A 1 112 ? -14.646 11.739  6.727   0.70 13.77 ? 112  LYS A CB  1 
ATOM   823  C  CB  B LYS A 1 112 ? -14.704 11.709  6.687   0.30 12.62 ? 112  LYS A CB  1 
ATOM   824  C  CG  A LYS A 1 112 ? -15.307 10.683  5.856   0.70 15.78 ? 112  LYS A CG  1 
ATOM   825  C  CG  B LYS A 1 112 ? -14.154 10.354  7.136   0.30 11.08 ? 112  LYS A CG  1 
ATOM   826  C  CD  A LYS A 1 112 ? -15.394 9.329   6.547   0.70 18.32 ? 112  LYS A CD  1 
ATOM   827  C  CD  B LYS A 1 112 ? -13.723 9.464   5.959   0.30 7.77  ? 112  LYS A CD  1 
ATOM   828  C  CE  A LYS A 1 112 ? -16.017 8.293   5.623   0.70 19.52 ? 112  LYS A CE  1 
ATOM   829  C  CE  B LYS A 1 112 ? -13.113 8.141   6.450   0.30 6.64  ? 112  LYS A CE  1 
ATOM   830  N  NZ  A LYS A 1 112 ? -16.613 7.160   6.391   0.70 20.17 ? 112  LYS A NZ  1 
ATOM   831  N  NZ  B LYS A 1 112 ? -12.701 7.190   5.361   0.30 3.15  ? 112  LYS A NZ  1 
ATOM   832  N  N   . THR A 1 113 ? -14.520 12.695  9.916   1.00 12.09 ? 113  THR A N   1 
ATOM   833  C  CA  . THR A 1 113 ? -13.724 13.399  10.933  1.00 11.34 ? 113  THR A CA  1 
ATOM   834  C  C   . THR A 1 113 ? -12.233 13.140  10.707  1.00 11.16 ? 113  THR A C   1 
ATOM   835  O  O   . THR A 1 113 ? -11.869 12.215  9.976   1.00 10.72 ? 113  THR A O   1 
ATOM   836  C  CB  . THR A 1 113 ? -14.081 12.978  12.380  1.00 11.54 ? 113  THR A CB  1 
ATOM   837  O  OG1 . THR A 1 113 ? -13.712 11.607  12.581  1.00 9.32  ? 113  THR A OG1 1 
ATOM   838  C  CG2 . THR A 1 113 ? -15.591 13.165  12.668  1.00 11.25 ? 113  THR A CG2 1 
ATOM   839  N  N   . VAL A 1 114 ? -11.385 13.955  11.335  1.00 11.11 ? 114  VAL A N   1 
ATOM   840  C  CA  . VAL A 1 114 ? -9.931  13.751  11.304  1.00 11.16 ? 114  VAL A CA  1 
ATOM   841  C  C   . VAL A 1 114 ? -9.589  12.355  11.835  1.00 11.38 ? 114  VAL A C   1 
ATOM   842  O  O   . VAL A 1 114 ? -8.804  11.628  11.218  1.00 11.10 ? 114  VAL A O   1 
ATOM   843  C  CB  . VAL A 1 114 ? -9.171  14.855  12.092  1.00 11.43 ? 114  VAL A CB  1 
ATOM   844  C  CG1 . VAL A 1 114 ? -7.702  14.452  12.369  1.00 10.54 ? 114  VAL A CG1 1 
ATOM   845  C  CG2 . VAL A 1 114 ? -9.230  16.195  11.339  1.00 11.51 ? 114  VAL A CG2 1 
ATOM   846  N  N   . ALA A 1 115 ? -10.205 11.982  12.963  1.00 11.02 ? 115  ALA A N   1 
ATOM   847  C  CA  . ALA A 1 115 ? -10.035 10.652  13.548  1.00 11.00 ? 115  ALA A CA  1 
ATOM   848  C  C   . ALA A 1 115 ? -10.368 9.516   12.568  1.00 10.72 ? 115  ALA A C   1 
ATOM   849  O  O   . ALA A 1 115 ? -9.653  8.508   12.522  1.00 10.54 ? 115  ALA A O   1 
ATOM   850  C  CB  . ALA A 1 115 ? -10.863 10.520  14.847  1.00 11.33 ? 115  ALA A CB  1 
ATOM   851  N  N   . GLN A 1 116 ? -11.443 9.681   11.789  1.00 10.13 ? 116  GLN A N   1 
ATOM   852  C  CA  . GLN A 1 116 ? -11.824 8.690   10.779  1.00 9.54  ? 116  GLN A CA  1 
ATOM   853  C  C   . GLN A 1 116 ? -10.776 8.558   9.668   1.00 9.30  ? 116  GLN A C   1 
ATOM   854  O  O   . GLN A 1 116 ? -10.458 7.440   9.231   1.00 9.10  ? 116  GLN A O   1 
ATOM   855  C  CB  . GLN A 1 116 ? -13.182 9.032   10.157  1.00 9.90  ? 116  GLN A CB  1 
ATOM   856  C  CG  . GLN A 1 116 ? -14.381 8.637   11.007  1.00 10.23 ? 116  GLN A CG  1 
ATOM   857  C  CD  . GLN A 1 116 ? -15.696 8.989   10.340  1.00 11.29 ? 116  GLN A CD  1 
ATOM   858  O  OE1 . GLN A 1 116 ? -16.075 10.155  10.273  1.00 12.18 ? 116  GLN A OE1 1 
ATOM   859  N  NE2 . GLN A 1 116 ? -16.399 7.981   9.847   1.00 10.71 ? 116  GLN A NE2 1 
ATOM   860  N  N   . HIS A 1 117 ? -10.260 9.697   9.203   1.00 8.61  ? 117  HIS A N   1 
ATOM   861  C  CA  . HIS A 1 117 ? -9.214  9.696   8.170   1.00 8.83  ? 117  HIS A CA  1 
ATOM   862  C  C   . HIS A 1 117 ? -7.956  8.984   8.678   1.00 8.78  ? 117  HIS A C   1 
ATOM   863  O  O   . HIS A 1 117 ? -7.392  8.148   7.979   1.00 9.32  ? 117  HIS A O   1 
ATOM   864  C  CB  . HIS A 1 117 ? -8.873  11.130  7.712   1.00 8.20  ? 117  HIS A CB  1 
ATOM   865  C  CG  . HIS A 1 117 ? -9.932  11.776  6.864   1.00 9.08  ? 117  HIS A CG  1 
ATOM   866  N  ND1 . HIS A 1 117 ? -10.415 11.208  5.703   1.00 9.66  ? 117  HIS A ND1 1 
ATOM   867  C  CD2 . HIS A 1 117 ? -10.582 12.959  6.998   1.00 8.06  ? 117  HIS A CD2 1 
ATOM   868  C  CE1 . HIS A 1 117 ? -11.319 12.009  5.163   1.00 9.11  ? 117  HIS A CE1 1 
ATOM   869  N  NE2 . HIS A 1 117 ? -11.435 13.082  5.927   1.00 8.69  ? 117  HIS A NE2 1 
ATOM   870  N  N   . LEU A 1 118 ? -7.524  9.309   9.901   1.00 8.86  ? 118  LEU A N   1 
ATOM   871  C  CA  . LEU A 1 118 ? -6.337  8.674   10.491  1.00 9.10  ? 118  LEU A CA  1 
ATOM   872  C  C   . LEU A 1 118 ? -6.510  7.157   10.650  1.00 9.19  ? 118  LEU A C   1 
ATOM   873  O  O   . LEU A 1 118 ? -5.578  6.389   10.391  1.00 8.96  ? 118  LEU A O   1 
ATOM   874  C  CB  . LEU A 1 118 ? -5.974  9.331   11.837  1.00 9.22  ? 118  LEU A CB  1 
ATOM   875  C  CG  . LEU A 1 118 ? -5.494  10.788  11.765  1.00 10.34 ? 118  LEU A CG  1 
ATOM   876  C  CD1 . LEU A 1 118 ? -5.360  11.417  13.156  1.00 11.44 ? 118  LEU A CD1 1 
ATOM   877  C  CD2 . LEU A 1 118 ? -4.172  10.889  11.014  1.00 11.56 ? 118  LEU A CD2 1 
ATOM   878  N  N   . ALA A 1 119 ? -7.706  6.729   11.066  1.00 9.57  ? 119  ALA A N   1 
ATOM   879  C  CA  . ALA A 1 119 ? -8.017  5.302   11.187  1.00 9.45  ? 119  ALA A CA  1 
ATOM   880  C  C   . ALA A 1 119 ? -7.930  4.584   9.838   1.00 9.91  ? 119  ALA A C   1 
ATOM   881  O  O   . ALA A 1 119 ? -7.407  3.469   9.757   1.00 9.89  ? 119  ALA A O   1 
ATOM   882  C  CB  . ALA A 1 119 ? -9.399  5.084   11.831  1.00 9.59  ? 119  ALA A CB  1 
ATOM   883  N  N   . ARG A 1 120 ? -8.443  5.225   8.787   1.00 10.37 ? 120  ARG A N   1 
ATOM   884  C  CA  . ARG A 1 120 ? -8.422  4.633   7.445   1.00 10.89 ? 120  ARG A CA  1 
ATOM   885  C  C   . ARG A 1 120 ? -6.977  4.505   6.942   1.00 10.77 ? 120  ARG A C   1 
ATOM   886  O  O   . ARG A 1 120 ? -6.603  3.495   6.341   1.00 10.86 ? 120  ARG A O   1 
ATOM   887  C  CB  . ARG A 1 120 ? -9.275  5.456   6.471   1.00 10.73 ? 120  ARG A CB  1 
ATOM   888  C  CG  . ARG A 1 120 ? -9.372  4.889   5.037   1.00 12.35 ? 120  ARG A CG  1 
ATOM   889  C  CD  . ARG A 1 120 ? -9.791  3.418   5.043   1.00 14.71 ? 120  ARG A CD  1 
ATOM   890  N  NE  . ARG A 1 120 ? -9.852  2.823   3.702   1.00 15.82 ? 120  ARG A NE  1 
ATOM   891  C  CZ  . ARG A 1 120 ? -9.731  1.520   3.462   1.00 17.68 ? 120  ARG A CZ  1 
ATOM   892  N  NH1 . ARG A 1 120 ? -9.533  0.667   4.468   1.00 18.21 ? 120  ARG A NH1 1 
ATOM   893  N  NH2 . ARG A 1 120 ? -9.809  1.061   2.220   1.00 17.60 ? 120  ARG A NH2 1 
ATOM   894  N  N   . LEU A 1 121 ? -6.177  5.539   7.180   1.00 10.81 ? 121  LEU A N   1 
ATOM   895  C  CA  . LEU A 1 121 ? -4.763  5.510   6.794   1.00 10.96 ? 121  LEU A CA  1 
ATOM   896  C  C   . LEU A 1 121 ? -4.032  4.348   7.478   1.00 11.07 ? 121  LEU A C   1 
ATOM   897  O  O   . LEU A 1 121 ? -3.285  3.616   6.830   1.00 11.46 ? 121  LEU A O   1 
ATOM   898  C  CB  . LEU A 1 121 ? -4.085  6.844   7.110   1.00 10.62 ? 121  LEU A CB  1 
ATOM   899  C  CG  . LEU A 1 121 ? -4.479  8.077   6.286   1.00 10.80 ? 121  LEU A CG  1 
ATOM   900  C  CD1 . LEU A 1 121 ? -3.834  9.323   6.903   1.00 11.02 ? 121  LEU A CD1 1 
ATOM   901  C  CD2 . LEU A 1 121 ? -4.092  7.938   4.804   1.00 11.42 ? 121  LEU A CD2 1 
ATOM   902  N  N   . VAL A 1 122 ? -4.265  4.171   8.777   1.00 11.06 ? 122  VAL A N   1 
ATOM   903  C  CA  . VAL A 1 122 ? -3.673  3.043   9.512   1.00 10.96 ? 122  VAL A CA  1 
ATOM   904  C  C   . VAL A 1 122 ? -4.110  1.694   8.913   1.00 11.30 ? 122  VAL A C   1 
ATOM   905  O  O   . VAL A 1 122 ? -3.274  0.811   8.724   1.00 11.26 ? 122  VAL A O   1 
ATOM   906  C  CB  . VAL A 1 122 ? -3.945  3.112   11.055  1.00 10.93 ? 122  VAL A CB  1 
ATOM   907  C  CG1 . VAL A 1 122 ? -3.485  1.827   11.760  1.00 10.29 ? 122  VAL A CG1 1 
ATOM   908  C  CG2 . VAL A 1 122 ? -3.235  4.330   11.674  1.00 10.75 ? 122  VAL A CG2 1 
ATOM   909  N  N   . GLU A 1 123 ? -5.394  1.545   8.577   1.00 11.60 ? 123  GLU A N   1 
ATOM   910  C  CA  . GLU A 1 123 ? -5.864  0.308   7.926   1.00 12.02 ? 123  GLU A CA  1 
ATOM   911  C  C   . GLU A 1 123 ? -5.133  0.046   6.603   1.00 11.42 ? 123  GLU A C   1 
ATOM   912  O  O   . GLU A 1 123 ? -4.774  -1.093  6.298   1.00 11.20 ? 123  GLU A O   1 
ATOM   913  C  CB  . GLU A 1 123 ? -7.374  0.332   7.657   1.00 12.35 ? 123  GLU A CB  1 
ATOM   914  C  CG  . GLU A 1 123 ? -8.254  0.446   8.900   1.00 15.32 ? 123  GLU A CG  1 
ATOM   915  C  CD  . GLU A 1 123 ? -9.744  0.584   8.561   1.00 20.21 ? 123  GLU A CD  1 
ATOM   916  O  OE1 . GLU A 1 123 ? -10.090 0.989   7.424   1.00 20.27 ? 123  GLU A OE1 1 
ATOM   917  O  OE2 . GLU A 1 123 ? -10.575 0.279   9.441   1.00 22.87 ? 123  GLU A OE2 1 
ATOM   918  N  N   . VAL A 1 124 ? -4.932  1.105   5.821   1.00 11.19 ? 124  VAL A N   1 
ATOM   919  C  CA  . VAL A 1 124 ? -4.249  0.990   4.522   1.00 10.54 ? 124  VAL A CA  1 
ATOM   920  C  C   . VAL A 1 124 ? -2.816  0.491   4.709   1.00 10.52 ? 124  VAL A C   1 
ATOM   921  O  O   . VAL A 1 124 ? -2.397  -0.459  4.051   1.00 10.77 ? 124  VAL A O   1 
ATOM   922  C  CB  . VAL A 1 124 ? -4.304  2.329   3.712   1.00 10.58 ? 124  VAL A CB  1 
ATOM   923  C  CG1 . VAL A 1 124 ? -3.333  2.306   2.522   1.00 10.86 ? 124  VAL A CG1 1 
ATOM   924  C  CG2 . VAL A 1 124 ? -5.735  2.593   3.220   1.00 10.37 ? 124  VAL A CG2 1 
ATOM   925  N  N   . TYR A 1 125 ? -2.075  1.114   5.623   1.00 10.39 ? 125  TYR A N   1 
ATOM   926  C  CA  . TYR A 1 125 ? -0.674  0.737   5.830   1.00 10.29 ? 125  TYR A CA  1 
ATOM   927  C  C   . TYR A 1 125 ? -0.542  -0.628  6.504   1.00 10.42 ? 125  TYR A C   1 
ATOM   928  O  O   . TYR A 1 125 ? 0.420   -1.349  6.250   1.00 9.82  ? 125  TYR A O   1 
ATOM   929  C  CB  . TYR A 1 125 ? 0.112   1.843   6.567   1.00 10.57 ? 125  TYR A CB  1 
ATOM   930  C  CG  . TYR A 1 125 ? 0.420   3.013   5.652   1.00 10.76 ? 125  TYR A CG  1 
ATOM   931  C  CD1 . TYR A 1 125 ? 1.571   3.013   4.850   1.00 11.51 ? 125  TYR A CD1 1 
ATOM   932  C  CD2 . TYR A 1 125 ? -0.461  4.098   5.546   1.00 10.81 ? 125  TYR A CD2 1 
ATOM   933  C  CE1 . TYR A 1 125 ? 1.841   4.070   3.981   1.00 10.04 ? 125  TYR A CE1 1 
ATOM   934  C  CE2 . TYR A 1 125 ? -0.194  5.163   4.684   1.00 10.15 ? 125  TYR A CE2 1 
ATOM   935  C  CZ  . TYR A 1 125 ? 0.960   5.135   3.905   1.00 10.61 ? 125  TYR A CZ  1 
ATOM   936  O  OH  . TYR A 1 125 ? 1.232   6.175   3.044   1.00 11.51 ? 125  TYR A OH  1 
ATOM   937  N  N   . LEU A 1 126 ? -1.506  -0.989  7.356   1.00 10.66 ? 126  LEU A N   1 
ATOM   938  C  CA  . LEU A 1 126 ? -1.536  -2.339  7.922   1.00 10.90 ? 126  LEU A CA  1 
ATOM   939  C  C   . LEU A 1 126 ? -1.720  -3.369  6.816   1.00 10.68 ? 126  LEU A C   1 
ATOM   940  O  O   . LEU A 1 126 ? -1.040  -4.404  6.804   1.00 10.34 ? 126  LEU A O   1 
ATOM   941  C  CB  . LEU A 1 126 ? -2.643  -2.492  8.976   1.00 11.38 ? 126  LEU A CB  1 
ATOM   942  C  CG  . LEU A 1 126 ? -2.353  -1.945  10.378  1.00 13.63 ? 126  LEU A CG  1 
ATOM   943  C  CD1 . LEU A 1 126 ? -3.650  -1.884  11.201  1.00 14.64 ? 126  LEU A CD1 1 
ATOM   944  C  CD2 . LEU A 1 126 ? -1.282  -2.774  11.098  1.00 15.08 ? 126  LEU A CD2 1 
ATOM   945  N  N   . TYR A 1 127 ? -2.626  -3.084  5.882   1.00 10.63 ? 127  TYR A N   1 
ATOM   946  C  CA  . TYR A 1 127 ? -2.825  -3.975  4.739   1.00 10.88 ? 127  TYR A CA  1 
ATOM   947  C  C   . TYR A 1 127 ? -1.540  -4.102  3.910   1.00 11.10 ? 127  TYR A C   1 
ATOM   948  O  O   . TYR A 1 127 ? -1.122  -5.212  3.566   1.00 11.13 ? 127  TYR A O   1 
ATOM   949  C  CB  . TYR A 1 127 ? -3.988  -3.536  3.832   1.00 10.95 ? 127  TYR A CB  1 
ATOM   950  C  CG  . TYR A 1 127 ? -3.959  -4.320  2.541   1.00 11.32 ? 127  TYR A CG  1 
ATOM   951  C  CD1 . TYR A 1 127 ? -4.516  -5.601  2.473   1.00 11.53 ? 127  TYR A CD1 1 
ATOM   952  C  CD2 . TYR A 1 127 ? -3.297  -3.819  1.411   1.00 11.13 ? 127  TYR A CD2 1 
ATOM   953  C  CE1 . TYR A 1 127 ? -4.447  -6.355  1.304   1.00 12.17 ? 127  TYR A CE1 1 
ATOM   954  C  CE2 . TYR A 1 127 ? -3.213  -4.565  0.243   1.00 11.66 ? 127  TYR A CE2 1 
ATOM   955  C  CZ  . TYR A 1 127 ? -3.788  -5.835  0.195   1.00 13.23 ? 127  TYR A CZ  1 
ATOM   956  O  OH  . TYR A 1 127 ? -3.708  -6.586  -0.961  1.00 13.39 ? 127  TYR A OH  1 
ATOM   957  N  N   . LEU A 1 128 ? -0.936  -2.961  3.575   1.00 11.13 ? 128  LEU A N   1 
ATOM   958  C  CA  . LEU A 1 128 ? 0.285   -2.949  2.778   1.00 11.14 ? 128  LEU A CA  1 
ATOM   959  C  C   . LEU A 1 128 ? 1.412   -3.739  3.454   1.00 11.70 ? 128  LEU A C   1 
ATOM   960  O  O   . LEU A 1 128 ? 2.116   -4.496  2.795   1.00 10.96 ? 128  LEU A O   1 
ATOM   961  C  CB  . LEU A 1 128 ? 0.730   -1.514  2.488   1.00 11.34 ? 128  LEU A CB  1 
ATOM   962  C  CG  . LEU A 1 128 ? -0.124  -0.693  1.512   1.00 10.68 ? 128  LEU A CG  1 
ATOM   963  C  CD1 . LEU A 1 128 ? 0.422   0.726   1.442   1.00 10.78 ? 128  LEU A CD1 1 
ATOM   964  C  CD2 . LEU A 1 128 ? -0.170  -1.336  0.102   1.00 10.31 ? 128  LEU A CD2 1 
ATOM   965  N  N   . SER A 1 129 ? 1.568   -3.557  4.768   1.00 11.81 ? 129  SER A N   1 
ATOM   966  C  CA  A SER A 1 129 ? 2.562   -4.293  5.551   0.70 12.58 ? 129  SER A CA  1 
ATOM   967  C  CA  B SER A 1 129 ? 2.585   -4.297  5.519   0.30 12.16 ? 129  SER A CA  1 
ATOM   968  C  C   . SER A 1 129 ? 2.369   -5.814  5.428   1.00 12.45 ? 129  SER A C   1 
ATOM   969  O  O   . SER A 1 129 ? 3.343   -6.571  5.314   1.00 12.57 ? 129  SER A O   1 
ATOM   970  C  CB  A SER A 1 129 ? 2.489   -3.853  7.013   0.70 12.57 ? 129  SER A CB  1 
ATOM   971  C  CB  B SER A 1 129 ? 2.660   -3.827  6.976   0.30 12.11 ? 129  SER A CB  1 
ATOM   972  O  OG  A SER A 1 129 ? 3.483   -4.489  7.784   0.70 14.76 ? 129  SER A OG  1 
ATOM   973  O  OG  B SER A 1 129 ? 1.643   -4.410  7.770   0.30 11.81 ? 129  SER A OG  1 
ATOM   974  N  N   . SER A 1 130 ? 1.107   -6.258  5.445   1.00 12.59 ? 130  SER A N   1 
ATOM   975  C  CA  . SER A 1 130 ? 0.789   -7.688  5.303   1.00 13.29 ? 130  SER A CA  1 
ATOM   976  C  C   . SER A 1 130 ? 1.077   -8.198  3.887   1.00 12.83 ? 130  SER A C   1 
ATOM   977  O  O   . SER A 1 130 ? 1.619   -9.295  3.716   1.00 13.09 ? 130  SER A O   1 
ATOM   978  C  CB  . SER A 1 130 ? -0.667  -7.991  5.674   1.00 13.52 ? 130  SER A CB  1 
ATOM   979  O  OG  . SER A 1 130 ? -0.924  -7.691  7.036   1.00 16.47 ? 130  SER A OG  1 
ATOM   980  N  N   . LEU A 1 131 ? 0.703   -7.408  2.882   1.00 12.19 ? 131  LEU A N   1 
ATOM   981  C  CA  . LEU A 1 131 ? 1.039   -7.725  1.492   1.00 11.91 ? 131  LEU A CA  1 
ATOM   982  C  C   . LEU A 1 131 ? 2.552   -7.889  1.321   1.00 11.76 ? 131  LEU A C   1 
ATOM   983  O  O   . LEU A 1 131 ? 3.006   -8.830  0.663   1.00 11.24 ? 131  LEU A O   1 
ATOM   984  C  CB  . LEU A 1 131 ? 0.515   -6.638  0.539   1.00 11.71 ? 131  LEU A CB  1 
ATOM   985  C  CG  . LEU A 1 131 ? 0.962   -6.722  -0.929  1.00 11.85 ? 131  LEU A CG  1 
ATOM   986  C  CD1 . LEU A 1 131 ? 0.412   -7.990  -1.605  1.00 10.61 ? 131  LEU A CD1 1 
ATOM   987  C  CD2 . LEU A 1 131 ? 0.544   -5.459  -1.704  1.00 10.65 ? 131  LEU A CD2 1 
ATOM   988  N  N   . TYR A 1 132 ? 3.324   -6.970  1.906   1.00 11.22 ? 132  TYR A N   1 
ATOM   989  C  CA  . TYR A 1 132 ? 4.783   -7.027  1.797   1.00 11.51 ? 132  TYR A CA  1 
ATOM   990  C  C   . TYR A 1 132 ? 5.378   -8.266  2.478   1.00 11.78 ? 132  TYR A C   1 
ATOM   991  O  O   . TYR A 1 132 ? 6.355   -8.834  1.981   1.00 11.68 ? 132  TYR A O   1 
ATOM   992  C  CB  . TYR A 1 132 ? 5.437   -5.733  2.300   1.00 10.96 ? 132  TYR A CB  1 
ATOM   993  C  CG  . TYR A 1 132 ? 4.965   -4.482  1.568   1.00 11.12 ? 132  TYR A CG  1 
ATOM   994  C  CD1 . TYR A 1 132 ? 4.487   -4.545  0.246   1.00 11.35 ? 132  TYR A CD1 1 
ATOM   995  C  CD2 . TYR A 1 132 ? 5.006   -3.237  2.190   1.00 11.35 ? 132  TYR A CD2 1 
ATOM   996  C  CE1 . TYR A 1 132 ? 4.054   -3.393  -0.426  1.00 12.24 ? 132  TYR A CE1 1 
ATOM   997  C  CE2 . TYR A 1 132 ? 4.578   -2.085  1.532   1.00 11.93 ? 132  TYR A CE2 1 
ATOM   998  C  CZ  . TYR A 1 132 ? 4.109   -2.170  0.226   1.00 13.17 ? 132  TYR A CZ  1 
ATOM   999  O  OH  . TYR A 1 132 ? 3.686   -1.024  -0.410  1.00 15.22 ? 132  TYR A OH  1 
ATOM   1000 N  N   . GLN A 1 133 ? 4.788   -8.683  3.598   1.00 11.89 ? 133  GLN A N   1 
ATOM   1001 C  CA  . GLN A 1 133 ? 5.172   -9.949  4.245   1.00 12.33 ? 133  GLN A CA  1 
ATOM   1002 C  C   . GLN A 1 133 ? 4.953   -11.146 3.302   1.00 12.00 ? 133  GLN A C   1 
ATOM   1003 O  O   . GLN A 1 133 ? 5.807   -12.021 3.194   1.00 11.99 ? 133  GLN A O   1 
ATOM   1004 C  CB  . GLN A 1 133 ? 4.399   -10.167 5.555   1.00 12.63 ? 133  GLN A CB  1 
ATOM   1005 C  CG  . GLN A 1 133 ? 4.808   -11.453 6.312   1.00 14.17 ? 133  GLN A CG  1 
ATOM   1006 C  CD  . GLN A 1 133 ? 6.291   -11.479 6.675   1.00 16.79 ? 133  GLN A CD  1 
ATOM   1007 O  OE1 . GLN A 1 133 ? 6.816   -10.534 7.268   1.00 18.49 ? 133  GLN A OE1 1 
ATOM   1008 N  NE2 . GLN A 1 133 ? 6.973   -12.561 6.309   1.00 16.71 ? 133  GLN A NE2 1 
ATOM   1009 N  N   . VAL A 1 134 ? 3.807   -11.170 2.624   1.00 12.06 ? 134  VAL A N   1 
ATOM   1010 C  CA  . VAL A 1 134 ? 3.547   -12.165 1.580   1.00 12.04 ? 134  VAL A CA  1 
ATOM   1011 C  C   . VAL A 1 134 ? 4.615   -12.083 0.478   1.00 12.23 ? 134  VAL A C   1 
ATOM   1012 O  O   . VAL A 1 134 ? 5.116   -13.117 0.012   1.00 12.41 ? 134  VAL A O   1 
ATOM   1013 C  CB  . VAL A 1 134 ? 2.108   -12.028 0.989   1.00 12.17 ? 134  VAL A CB  1 
ATOM   1014 C  CG1 . VAL A 1 134 ? 1.930   -12.911 -0.246  1.00 12.28 ? 134  VAL A CG1 1 
ATOM   1015 C  CG2 . VAL A 1 134 ? 1.061   -12.384 2.042   1.00 12.60 ? 134  VAL A CG2 1 
ATOM   1016 N  N   . GLY A 1 135 ? 4.976   -10.863 0.086   1.00 11.84 ? 135  GLY A N   1 
ATOM   1017 C  CA  . GLY A 1 135 ? 6.080   -10.646 -0.852  1.00 11.91 ? 135  GLY A CA  1 
ATOM   1018 C  C   . GLY A 1 135 ? 7.399   -11.227 -0.356  1.00 11.81 ? 135  GLY A C   1 
ATOM   1019 O  O   . GLY A 1 135 ? 8.136   -11.861 -1.125  1.00 11.97 ? 135  GLY A O   1 
ATOM   1020 N  N   . LEU A 1 136 ? 7.702   -11.022 0.928   1.00 11.60 ? 136  LEU A N   1 
ATOM   1021 C  CA  . LEU A 1 136 ? 8.894   -11.627 1.545   1.00 12.45 ? 136  LEU A CA  1 
ATOM   1022 C  C   . LEU A 1 136 ? 8.885   -13.161 1.463   1.00 13.06 ? 136  LEU A C   1 
ATOM   1023 O  O   . LEU A 1 136 ? 9.870   -13.772 1.036   1.00 13.07 ? 136  LEU A O   1 
ATOM   1024 C  CB  . LEU A 1 136 ? 9.049   -11.190 3.016   1.00 12.18 ? 136  LEU A CB  1 
ATOM   1025 C  CG  . LEU A 1 136 ? 9.309   -9.711  3.310   1.00 12.80 ? 136  LEU A CG  1 
ATOM   1026 C  CD1 . LEU A 1 136 ? 9.461   -9.501  4.820   1.00 13.27 ? 136  LEU A CD1 1 
ATOM   1027 C  CD2 . LEU A 1 136 ? 10.542  -9.216  2.575   1.00 13.21 ? 136  LEU A CD2 1 
ATOM   1028 N  N   . ASP A 1 137 ? 7.772   -13.770 1.875   1.00 13.65 ? 137  ASP A N   1 
ATOM   1029 C  CA  . ASP A 1 137 ? 7.629   -15.233 1.855   1.00 14.51 ? 137  ASP A CA  1 
ATOM   1030 C  C   . ASP A 1 137 ? 7.795   -15.804 0.442   1.00 14.48 ? 137  ASP A C   1 
ATOM   1031 O  O   . ASP A 1 137 ? 8.513   -16.794 0.239   1.00 14.68 ? 137  ASP A O   1 
ATOM   1032 C  CB  . ASP A 1 137 ? 6.268   -15.660 2.435   1.00 14.56 ? 137  ASP A CB  1 
ATOM   1033 C  CG  . ASP A 1 137 ? 6.100   -15.274 3.901   1.00 17.06 ? 137  ASP A CG  1 
ATOM   1034 O  OD1 . ASP A 1 137 ? 7.118   -15.014 4.586   1.00 17.42 ? 137  ASP A OD1 1 
ATOM   1035 O  OD2 . ASP A 1 137 ? 4.935   -15.233 4.369   1.00 19.62 ? 137  ASP A OD2 1 
ATOM   1036 N  N   . ILE A 1 138 ? 7.140   -15.163 -0.525  1.00 14.02 ? 138  ILE A N   1 
ATOM   1037 C  CA  . ILE A 1 138 ? 7.171   -15.588 -1.925  1.00 13.99 ? 138  ILE A CA  1 
ATOM   1038 C  C   . ILE A 1 138 ? 8.582   -15.469 -2.537  1.00 14.03 ? 138  ILE A C   1 
ATOM   1039 O  O   . ILE A 1 138 ? 9.070   -16.401 -3.183  1.00 13.86 ? 138  ILE A O   1 
ATOM   1040 C  CB  . ILE A 1 138 ? 6.117   -14.797 -2.763  1.00 13.88 ? 138  ILE A CB  1 
ATOM   1041 C  CG1 . ILE A 1 138 ? 4.711   -15.363 -2.508  1.00 14.48 ? 138  ILE A CG1 1 
ATOM   1042 C  CG2 . ILE A 1 138 ? 6.463   -14.826 -4.247  1.00 13.36 ? 138  ILE A CG2 1 
ATOM   1043 C  CD1 . ILE A 1 138 ? 3.555   -14.552 -3.152  1.00 12.65 ? 138  ILE A CD1 1 
ATOM   1044 N  N   . THR A 1 139 ? 9.236   -14.331 -2.321  1.00 13.99 ? 139  THR A N   1 
ATOM   1045 C  CA  . THR A 1 139 ? 10.572  -14.093 -2.890  1.00 14.57 ? 139  THR A CA  1 
ATOM   1046 C  C   . THR A 1 139 ? 11.647  -14.962 -2.240  1.00 15.72 ? 139  THR A C   1 
ATOM   1047 O  O   . THR A 1 139 ? 12.634  -15.316 -2.890  1.00 15.94 ? 139  THR A O   1 
ATOM   1048 C  CB  . THR A 1 139 ? 10.970  -12.608 -2.835  1.00 14.39 ? 139  THR A CB  1 
ATOM   1049 O  OG1 . THR A 1 139 ? 10.844  -12.139 -1.488  1.00 13.34 ? 139  THR A OG1 1 
ATOM   1050 C  CG2 . THR A 1 139 ? 10.054  -11.792 -3.751  1.00 12.21 ? 139  THR A CG2 1 
ATOM   1051 N  N   . ASP A 1 140 ? 11.446  -15.313 -0.972  1.00 16.80 ? 140  ASP A N   1 
ATOM   1052 C  CA  . ASP A 1 140 ? 12.297  -16.306 -0.295  1.00 18.56 ? 140  ASP A CA  1 
ATOM   1053 C  C   . ASP A 1 140 ? 12.115  -17.687 -0.931  1.00 18.48 ? 140  ASP A C   1 
ATOM   1054 O  O   . ASP A 1 140 ? 13.087  -18.389 -1.206  1.00 18.92 ? 140  ASP A O   1 
ATOM   1055 C  CB  . ASP A 1 140 ? 11.961  -16.378 1.200   1.00 19.15 ? 140  ASP A CB  1 
ATOM   1056 C  CG  . ASP A 1 140 ? 12.739  -15.370 2.035   1.00 22.76 ? 140  ASP A CG  1 
ATOM   1057 O  OD1 . ASP A 1 140 ? 13.750  -14.812 1.547   1.00 25.34 ? 140  ASP A OD1 1 
ATOM   1058 O  OD2 . ASP A 1 140 ? 12.342  -15.141 3.204   1.00 26.07 ? 140  ASP A OD2 1 
ATOM   1059 N  N   . GLU A 1 141 ? 10.859  -18.063 -1.152  1.00 18.87 ? 141  GLU A N   1 
ATOM   1060 C  CA  . GLU A 1 141 ? 10.495  -19.318 -1.800  1.00 19.17 ? 141  GLU A CA  1 
ATOM   1061 C  C   . GLU A 1 141 ? 11.140  -19.429 -3.189  1.00 18.64 ? 141  GLU A C   1 
ATOM   1062 O  O   . GLU A 1 141 ? 11.744  -20.455 -3.521  1.00 17.89 ? 141  GLU A O   1 
ATOM   1063 C  CB  . GLU A 1 141 ? 8.960   -19.419 -1.891  1.00 19.91 ? 141  GLU A CB  1 
ATOM   1064 C  CG  . GLU A 1 141 ? 8.394   -20.704 -2.510  1.00 22.87 ? 141  GLU A CG  1 
ATOM   1065 C  CD  . GLU A 1 141 ? 6.861   -20.681 -2.641  1.00 26.56 ? 141  GLU A CD  1 
ATOM   1066 O  OE1 . GLU A 1 141 ? 6.179   -19.892 -1.933  1.00 28.00 ? 141  GLU A OE1 1 
ATOM   1067 O  OE2 . GLU A 1 141 ? 6.331   -21.452 -3.466  1.00 27.63 ? 141  GLU A OE2 1 
ATOM   1068 N  N   . GLU A 1 142 ? 11.039  -18.366 -3.985  1.00 17.83 ? 142  GLU A N   1 
ATOM   1069 C  CA  . GLU A 1 142 ? 11.493  -18.422 -5.380  1.00 17.61 ? 142  GLU A CA  1 
ATOM   1070 C  C   . GLU A 1 142 ? 12.930  -17.961 -5.604  1.00 17.53 ? 142  GLU A C   1 
ATOM   1071 O  O   . GLU A 1 142 ? 13.402  -17.960 -6.743  1.00 17.62 ? 142  GLU A O   1 
ATOM   1072 C  CB  . GLU A 1 142 ? 10.516  -17.679 -6.312  1.00 17.76 ? 142  GLU A CB  1 
ATOM   1073 C  CG  . GLU A 1 142 ? 9.150   -18.351 -6.405  1.00 17.59 ? 142  GLU A CG  1 
ATOM   1074 C  CD  . GLU A 1 142 ? 8.194   -17.662 -7.367  1.00 18.77 ? 142  GLU A CD  1 
ATOM   1075 O  OE1 . GLU A 1 142 ? 7.271   -18.343 -7.862  1.00 18.55 ? 142  GLU A OE1 1 
ATOM   1076 O  OE2 . GLU A 1 142 ? 8.361   -16.449 -7.639  1.00 17.88 ? 142  GLU A OE2 1 
ATOM   1077 N  N   . GLY A 1 143 ? 13.611  -17.567 -4.526  1.00 16.89 ? 143  GLY A N   1 
ATOM   1078 C  CA  . GLY A 1 143 ? 15.026  -17.171 -4.575  1.00 16.49 ? 143  GLY A CA  1 
ATOM   1079 C  C   . GLY A 1 143 ? 15.334  -15.838 -5.251  1.00 16.11 ? 143  GLY A C   1 
ATOM   1080 O  O   . GLY A 1 143 ? 16.386  -15.689 -5.866  1.00 16.65 ? 143  GLY A O   1 
ATOM   1081 N  N   . ASP A 1 144 ? 14.424  -14.868 -5.144  1.00 14.99 ? 144  ASP A N   1 
ATOM   1082 C  CA  . ASP A 1 144 ? 14.634  -13.546 -5.742  1.00 14.05 ? 144  ASP A CA  1 
ATOM   1083 C  C   . ASP A 1 144 ? 15.079  -12.554 -4.658  1.00 13.76 ? 144  ASP A C   1 
ATOM   1084 O  O   . ASP A 1 144 ? 14.247  -11.905 -4.009  1.00 13.56 ? 144  ASP A O   1 
ATOM   1085 C  CB  . ASP A 1 144 ? 13.355  -13.070 -6.459  1.00 13.92 ? 144  ASP A CB  1 
ATOM   1086 C  CG  . ASP A 1 144 ? 13.520  -11.715 -7.158  1.00 13.22 ? 144  ASP A CG  1 
ATOM   1087 O  OD1 . ASP A 1 144 ? 14.526  -10.995 -6.931  1.00 12.52 ? 144  ASP A OD1 1 
ATOM   1088 O  OD2 . ASP A 1 144 ? 12.615  -11.352 -7.942  1.00 12.14 ? 144  ASP A OD2 1 
ATOM   1089 N  N   . ALA A 1 145 ? 16.394  -12.464 -4.455  1.00 13.06 ? 145  ALA A N   1 
ATOM   1090 C  CA  . ALA A 1 145 ? 16.974  -11.624 -3.402  1.00 12.53 ? 145  ALA A CA  1 
ATOM   1091 C  C   . ALA A 1 145 ? 16.688  -10.135 -3.595  1.00 11.94 ? 145  ALA A C   1 
ATOM   1092 O  O   . ALA A 1 145 ? 16.454  -9.414  -2.618  1.00 11.68 ? 145  ALA A O   1 
ATOM   1093 C  CB  . ALA A 1 145 ? 18.490  -11.866 -3.293  1.00 12.60 ? 145  ALA A CB  1 
ATOM   1094 N  N   . GLY A 1 146 ? 16.725  -9.676  -4.843  1.00 11.40 ? 146  GLY A N   1 
ATOM   1095 C  CA  . GLY A 1 146 ? 16.484  -8.260  -5.153  1.00 11.31 ? 146  GLY A CA  1 
ATOM   1096 C  C   . GLY A 1 146 ? 15.067  -7.822  -4.809  1.00 11.23 ? 146  GLY A C   1 
ATOM   1097 O  O   . GLY A 1 146 ? 14.860  -6.792  -4.146  1.00 11.27 ? 146  GLY A O   1 
ATOM   1098 N  N   . THR A 1 147 ? 14.085  -8.600  -5.252  1.00 10.69 ? 147  THR A N   1 
ATOM   1099 C  CA  . THR A 1 147 ? 12.690  -8.291  -4.949  1.00 10.46 ? 147  THR A CA  1 
ATOM   1100 C  C   . THR A 1 147 ? 12.396  -8.494  -3.452  1.00 10.70 ? 147  THR A C   1 
ATOM   1101 O  O   . THR A 1 147 ? 11.579  -7.769  -2.883  1.00 10.49 ? 147  THR A O   1 
ATOM   1102 C  CB  . THR A 1 147 ? 11.709  -9.084  -5.844  1.00 10.35 ? 147  THR A CB  1 
ATOM   1103 O  OG1 . THR A 1 147 ? 12.086  -8.916  -7.217  1.00 9.96  ? 147  THR A OG1 1 
ATOM   1104 C  CG2 . THR A 1 147 ? 10.273  -8.577  -5.674  1.00 9.89  ? 147  THR A CG2 1 
ATOM   1105 N  N   . ASN A 1 148 ? 13.075  -9.453  -2.814  1.00 10.58 ? 148  ASN A N   1 
ATOM   1106 C  CA  . ASN A 1 148 ? 12.981  -9.604  -1.357  1.00 11.28 ? 148  ASN A CA  1 
ATOM   1107 C  C   . ASN A 1 148 ? 13.400  -8.321  -0.621  1.00 11.63 ? 148  ASN A C   1 
ATOM   1108 O  O   . ASN A 1 148 ? 12.710  -7.863  0.301   1.00 11.27 ? 148  ASN A O   1 
ATOM   1109 C  CB  . ASN A 1 148 ? 13.814  -10.790 -0.869  1.00 11.37 ? 148  ASN A CB  1 
ATOM   1110 C  CG  . ASN A 1 148 ? 13.623  -11.064 0.608   1.00 12.15 ? 148  ASN A CG  1 
ATOM   1111 O  OD1 . ASN A 1 148 ? 14.334  -10.517 1.444   1.00 13.88 ? 148  ASN A OD1 1 
ATOM   1112 N  ND2 . ASN A 1 148 ? 12.669  -11.921 0.934   1.00 11.26 ? 148  ASN A ND2 1 
ATOM   1113 N  N   . ASP A 1 149 ? 14.523  -7.741  -1.039  1.00 11.90 ? 149  ASP A N   1 
ATOM   1114 C  CA  . ASP A 1 149 ? 14.992  -6.486  -0.458  1.00 12.52 ? 149  ASP A CA  1 
ATOM   1115 C  C   . ASP A 1 149 ? 14.026  -5.324  -0.685  1.00 11.90 ? 149  ASP A C   1 
ATOM   1116 O  O   . ASP A 1 149 ? 13.849  -4.488  0.203   1.00 11.74 ? 149  ASP A O   1 
ATOM   1117 C  CB  . ASP A 1 149 ? 16.393  -6.140  -0.970  1.00 13.52 ? 149  ASP A CB  1 
ATOM   1118 C  CG  . ASP A 1 149 ? 17.488  -6.895  -0.223  1.00 16.22 ? 149  ASP A CG  1 
ATOM   1119 O  OD1 . ASP A 1 149 ? 17.174  -7.681  0.698   1.00 20.98 ? 149  ASP A OD1 1 
ATOM   1120 O  OD2 . ASP A 1 149 ? 18.669  -6.704  -0.536  1.00 19.98 ? 149  ASP A OD2 1 
ATOM   1121 N  N   . LEU A 1 150 ? 13.405  -5.275  -1.865  1.00 11.38 ? 150  LEU A N   1 
ATOM   1122 C  CA  . LEU A 1 150 ? 12.400  -4.238  -2.171  1.00 11.28 ? 150  LEU A CA  1 
ATOM   1123 C  C   . LEU A 1 150 ? 11.228  -4.315  -1.177  1.00 11.00 ? 150  LEU A C   1 
ATOM   1124 O  O   . LEU A 1 150 ? 10.827  -3.309  -0.579  1.00 10.71 ? 150  LEU A O   1 
ATOM   1125 C  CB  . LEU A 1 150 ? 11.898  -4.391  -3.618  1.00 11.01 ? 150  LEU A CB  1 
ATOM   1126 C  CG  . LEU A 1 150 ? 10.871  -3.397  -4.181  1.00 12.13 ? 150  LEU A CG  1 
ATOM   1127 C  CD1 . LEU A 1 150 ? 10.773  -3.536  -5.703  1.00 10.94 ? 150  LEU A CD1 1 
ATOM   1128 C  CD2 . LEU A 1 150 ? 9.481   -3.576  -3.553  1.00 13.70 ? 150  LEU A CD2 1 
ATOM   1129 N  N   . PHE A 1 151 ? 10.689  -5.519  -1.005  1.00 10.78 ? 151  PHE A N   1 
ATOM   1130 C  CA  . PHE A 1 151 ? 9.609   -5.744  -0.053  1.00 11.11 ? 151  PHE A CA  1 
ATOM   1131 C  C   . PHE A 1 151 ? 10.008  -5.475  1.401   1.00 11.16 ? 151  PHE A C   1 
ATOM   1132 O  O   . PHE A 1 151 ? 9.188   -4.990  2.174   1.00 11.20 ? 151  PHE A O   1 
ATOM   1133 C  CB  . PHE A 1 151 ? 9.038   -7.158  -0.192  1.00 10.73 ? 151  PHE A CB  1 
ATOM   1134 C  CG  . PHE A 1 151 ? 8.110   -7.323  -1.368  1.00 10.79 ? 151  PHE A CG  1 
ATOM   1135 C  CD1 . PHE A 1 151 ? 7.002   -6.486  -1.527  1.00 11.17 ? 151  PHE A CD1 1 
ATOM   1136 C  CD2 . PHE A 1 151 ? 8.334   -8.320  -2.311  1.00 10.92 ? 151  PHE A CD2 1 
ATOM   1137 C  CE1 . PHE A 1 151 ? 6.128   -6.640  -2.612  1.00 12.25 ? 151  PHE A CE1 1 
ATOM   1138 C  CE2 . PHE A 1 151 ? 7.470   -8.485  -3.408  1.00 11.49 ? 151  PHE A CE2 1 
ATOM   1139 C  CZ  . PHE A 1 151 ? 6.369   -7.643  -3.560  1.00 11.43 ? 151  PHE A CZ  1 
ATOM   1140 N  N   . THR A 1 152 ? 11.249  -5.797  1.768   1.00 11.42 ? 152  THR A N   1 
ATOM   1141 C  CA  . THR A 1 152 ? 11.733  -5.538  3.133   1.00 11.55 ? 152  THR A CA  1 
ATOM   1142 C  C   . THR A 1 152 ? 11.729  -4.045  3.436   1.00 11.60 ? 152  THR A C   1 
ATOM   1143 O  O   . THR A 1 152 ? 11.214  -3.618  4.479   1.00 11.36 ? 152  THR A O   1 
ATOM   1144 C  CB  . THR A 1 152 ? 13.145  -6.107  3.402   1.00 11.66 ? 152  THR A CB  1 
ATOM   1145 O  OG1 . THR A 1 152 ? 13.184  -7.490  3.057   1.00 12.31 ? 152  THR A OG1 1 
ATOM   1146 C  CG2 . THR A 1 152 ? 13.503  -5.963  4.892   1.00 12.06 ? 152  THR A CG2 1 
ATOM   1147 N  N   . ALA A 1 153 ? 12.289  -3.254  2.521   1.00 11.71 ? 153  ALA A N   1 
ATOM   1148 C  CA  . ALA A 1 153 ? 12.378  -1.811  2.710   1.00 11.62 ? 153  ALA A CA  1 
ATOM   1149 C  C   . ALA A 1 153 ? 10.985  -1.185  2.752   1.00 11.78 ? 153  ALA A C   1 
ATOM   1150 O  O   . ALA A 1 153 ? 10.715  -0.297  3.578   1.00 11.82 ? 153  ALA A O   1 
ATOM   1151 C  CB  . ALA A 1 153 ? 13.244  -1.171  1.614   1.00 11.99 ? 153  ALA A CB  1 
ATOM   1152 N  N   . ALA A 1 154 ? 10.102  -1.659  1.872   1.00 11.66 ? 154  ALA A N   1 
ATOM   1153 C  CA  . ALA A 1 154 ? 8.720   -1.166  1.818   1.00 11.71 ? 154  ALA A CA  1 
ATOM   1154 C  C   . ALA A 1 154 ? 7.952   -1.514  3.096   1.00 11.25 ? 154  ALA A C   1 
ATOM   1155 O  O   . ALA A 1 154 ? 7.197   -0.679  3.606   1.00 11.36 ? 154  ALA A O   1 
ATOM   1156 C  CB  . ALA A 1 154 ? 7.988   -1.695  0.566   1.00 11.16 ? 154  ALA A CB  1 
ATOM   1157 N  N   . LYS A 1 155 ? 8.143   -2.729  3.616   1.00 11.22 ? 155  LYS A N   1 
ATOM   1158 C  CA  A LYS A 1 155 ? 7.513   -3.132  4.874   0.50 11.58 ? 155  LYS A CA  1 
ATOM   1159 C  CA  B LYS A 1 155 ? 7.492   -3.104  4.870   0.50 11.50 ? 155  LYS A CA  1 
ATOM   1160 C  C   . LYS A 1 155 ? 8.015   -2.274  6.044   1.00 11.54 ? 155  LYS A C   1 
ATOM   1161 O  O   . LYS A 1 155 ? 7.236   -1.811  6.868   1.00 11.15 ? 155  LYS A O   1 
ATOM   1162 C  CB  A LYS A 1 155 ? 7.763   -4.617  5.149   0.50 11.60 ? 155  LYS A CB  1 
ATOM   1163 C  CB  B LYS A 1 155 ? 7.623   -4.602  5.173   0.50 11.52 ? 155  LYS A CB  1 
ATOM   1164 C  CG  A LYS A 1 155 ? 6.946   -5.193  6.302   0.50 12.02 ? 155  LYS A CG  1 
ATOM   1165 C  CG  B LYS A 1 155 ? 6.576   -5.089  6.183   0.50 11.48 ? 155  LYS A CG  1 
ATOM   1166 C  CD  A LYS A 1 155 ? 7.130   -6.706  6.401   0.50 12.58 ? 155  LYS A CD  1 
ATOM   1167 C  CD  B LYS A 1 155 ? 6.858   -6.499  6.698   0.50 12.10 ? 155  LYS A CD  1 
ATOM   1168 C  CE  A LYS A 1 155 ? 6.472   -7.257  7.651   0.50 13.53 ? 155  LYS A CE  1 
ATOM   1169 C  CE  B LYS A 1 155 ? 5.751   -6.947  7.652   0.50 12.44 ? 155  LYS A CE  1 
ATOM   1170 N  NZ  A LYS A 1 155 ? 5.049   -6.823  7.781   0.50 12.81 ? 155  LYS A NZ  1 
ATOM   1171 N  NZ  B LYS A 1 155 ? 6.131   -8.130  8.480   0.50 12.13 ? 155  LYS A NZ  1 
ATOM   1172 N  N   . THR A 1 156 ? 9.330   -2.079  6.109   1.00 11.74 ? 156  THR A N   1 
ATOM   1173 C  CA  . THR A 1 156 ? 9.950   -1.299  7.185   1.00 11.86 ? 156  THR A CA  1 
ATOM   1174 C  C   . THR A 1 156 ? 9.412   0.138   7.212   1.00 12.14 ? 156  THR A C   1 
ATOM   1175 O  O   . THR A 1 156 ? 9.110   0.682   8.277   1.00 11.87 ? 156  THR A O   1 
ATOM   1176 C  CB  . THR A 1 156 ? 11.489  -1.305  7.030   1.00 12.14 ? 156  THR A CB  1 
ATOM   1177 O  OG1 . THR A 1 156 ? 11.955  -2.653  7.112   1.00 12.47 ? 156  THR A OG1 1 
ATOM   1178 C  CG2 . THR A 1 156 ? 12.163  -0.451  8.116   1.00 11.54 ? 156  THR A CG2 1 
ATOM   1179 N  N   . GLU A 1 157 ? 9.271   0.722   6.027   1.00 12.04 ? 157  GLU A N   1 
ATOM   1180 C  CA  . GLU A 1 157 ? 8.737   2.070   5.851   1.00 12.97 ? 157  GLU A CA  1 
ATOM   1181 C  C   . GLU A 1 157 ? 7.257   2.134   6.253   1.00 12.49 ? 157  GLU A C   1 
ATOM   1182 O  O   . GLU A 1 157 ? 6.833   3.083   6.922   1.00 12.66 ? 157  GLU A O   1 
ATOM   1183 C  CB  . GLU A 1 157 ? 8.955   2.481   4.390   1.00 13.44 ? 157  GLU A CB  1 
ATOM   1184 C  CG  . GLU A 1 157 ? 8.384   3.809   3.915   1.00 17.37 ? 157  GLU A CG  1 
ATOM   1185 C  CD  . GLU A 1 157 ? 8.648   4.014   2.405   1.00 23.39 ? 157  GLU A CD  1 
ATOM   1186 O  OE1 . GLU A 1 157 ? 8.519   3.027   1.625   1.00 26.07 ? 157  GLU A OE1 1 
ATOM   1187 O  OE2 . GLU A 1 157 ? 9.019   5.137   1.998   1.00 21.91 ? 157  GLU A OE2 1 
ATOM   1188 N  N   . ALA A 1 158 ? 6.488   1.114   5.868   1.00 11.98 ? 158  ALA A N   1 
ATOM   1189 C  CA  . ALA A 1 158 ? 5.068   1.023   6.236   1.00 11.71 ? 158  ALA A CA  1 
ATOM   1190 C  C   . ALA A 1 158 ? 4.870   0.885   7.755   1.00 11.21 ? 158  ALA A C   1 
ATOM   1191 O  O   . ALA A 1 158 ? 3.993   1.518   8.328   1.00 10.92 ? 158  ALA A O   1 
ATOM   1192 C  CB  . ALA A 1 158 ? 4.397   -0.127  5.495   1.00 11.51 ? 158  ALA A CB  1 
ATOM   1193 N  N   . GLU A 1 159 ? 5.687   0.052   8.391   1.00 11.18 ? 159  GLU A N   1 
ATOM   1194 C  CA  . GLU A 1 159 ? 5.652   -0.130  9.849   1.00 11.05 ? 159  GLU A CA  1 
ATOM   1195 C  C   . GLU A 1 159 ? 5.999   1.152   10.622  1.00 10.74 ? 159  GLU A C   1 
ATOM   1196 O  O   . GLU A 1 159 ? 5.355   1.473   11.630  1.00 10.63 ? 159  GLU A O   1 
ATOM   1197 C  CB  . GLU A 1 159 ? 6.558   -1.300  10.266  1.00 11.45 ? 159  GLU A CB  1 
ATOM   1198 C  CG  . GLU A 1 159 ? 6.026   -2.648  9.778   1.00 11.88 ? 159  GLU A CG  1 
ATOM   1199 C  CD  . GLU A 1 159 ? 7.009   -3.789  9.934   1.00 13.77 ? 159  GLU A CD  1 
ATOM   1200 O  OE1 . GLU A 1 159 ? 8.242   -3.580  9.850   1.00 12.79 ? 159  GLU A OE1 1 
ATOM   1201 O  OE2 . GLU A 1 159 ? 6.535   -4.920  10.128  1.00 16.01 ? 159  GLU A OE2 1 
ATOM   1202 N  N   . LYS A 1 160 ? 7.005   1.883   10.145  1.00 10.47 ? 160  LYS A N   1 
ATOM   1203 C  CA  . LYS A 1 160 ? 7.340   3.198   10.701  1.00 10.28 ? 160  LYS A CA  1 
ATOM   1204 C  C   . LYS A 1 160 ? 6.163   4.171   10.553  1.00 9.80  ? 160  LYS A C   1 
ATOM   1205 O  O   . LYS A 1 160 ? 5.831   4.907   11.484  1.00 9.42  ? 160  LYS A O   1 
ATOM   1206 C  CB  . LYS A 1 160 ? 8.567   3.779   10.002  1.00 10.18 ? 160  LYS A CB  1 
ATOM   1207 C  CG  . LYS A 1 160 ? 8.967   5.165   10.524  1.00 12.01 ? 160  LYS A CG  1 
ATOM   1208 C  CD  . LYS A 1 160 ? 10.335  5.573   9.968   1.00 14.02 ? 160  LYS A CD  1 
ATOM   1209 C  CE  . LYS A 1 160 ? 10.774  6.904   10.545  1.00 15.09 ? 160  LYS A CE  1 
ATOM   1210 N  NZ  . LYS A 1 160 ? 12.158  7.262   10.053  1.00 16.97 ? 160  LYS A NZ  1 
ATOM   1211 N  N   . THR A 1 161 ? 5.538   4.173   9.381   1.00 9.52  ? 161  THR A N   1 
ATOM   1212 C  CA  . THR A 1 161 ? 4.371   5.029   9.139   1.00 9.37  ? 161  THR A CA  1 
ATOM   1213 C  C   . THR A 1 161 ? 3.232   4.684   10.111  1.00 9.46  ? 161  THR A C   1 
ATOM   1214 O  O   . THR A 1 161 ? 2.586   5.586   10.670  1.00 9.37  ? 161  THR A O   1 
ATOM   1215 C  CB  . THR A 1 161 ? 3.898   4.914   7.681   1.00 9.84  ? 161  THR A CB  1 
ATOM   1216 O  OG1 . THR A 1 161 ? 4.972   5.306   6.813   1.00 11.32 ? 161  THR A OG1 1 
ATOM   1217 C  CG2 . THR A 1 161 ? 2.674   5.808   7.408   1.00 8.89  ? 161  THR A CG2 1 
ATOM   1218 N  N   . ILE A 1 162 ? 3.003   3.387   10.325  1.00 8.93  ? 162  ILE A N   1 
ATOM   1219 C  CA  . ILE A 1 162 ? 1.979   2.946   11.285  1.00 9.00  ? 162  ILE A CA  1 
ATOM   1220 C  C   . ILE A 1 162 ? 2.277   3.440   12.704  1.00 9.08  ? 162  ILE A C   1 
ATOM   1221 O  O   . ILE A 1 162 ? 1.380   3.938   13.375  1.00 9.08  ? 162  ILE A O   1 
ATOM   1222 C  CB  . ILE A 1 162 ? 1.793   1.413   11.282  1.00 9.36  ? 162  ILE A CB  1 
ATOM   1223 C  CG1 . ILE A 1 162 ? 1.200   0.962   9.933   1.00 8.24  ? 162  ILE A CG1 1 
ATOM   1224 C  CG2 . ILE A 1 162 ? 0.888   0.979   12.458  1.00 8.53  ? 162  ILE A CG2 1 
ATOM   1225 C  CD1 . ILE A 1 162 ? 1.391   -0.533  9.632   1.00 9.66  ? 162  ILE A CD1 1 
ATOM   1226 N  N   . TRP A 1 163 ? 3.523   3.306   13.156  1.00 9.06  ? 163  TRP A N   1 
ATOM   1227 C  CA  . TRP A 1 163 ? 3.909   3.845   14.476  1.00 9.35  ? 163  TRP A CA  1 
ATOM   1228 C  C   . TRP A 1 163 ? 3.562   5.338   14.587  1.00 9.06  ? 163  TRP A C   1 
ATOM   1229 O  O   . TRP A 1 163 ? 2.940   5.762   15.557  1.00 9.42  ? 163  TRP A O   1 
ATOM   1230 C  CB  . TRP A 1 163 ? 5.402   3.590   14.801  1.00 9.20  ? 163  TRP A CB  1 
ATOM   1231 C  CG  . TRP A 1 163 ? 5.978   4.617   15.775  1.00 9.63  ? 163  TRP A CG  1 
ATOM   1232 C  CD1 . TRP A 1 163 ? 5.526   4.901   17.041  1.00 10.30 ? 163  TRP A CD1 1 
ATOM   1233 C  CD2 . TRP A 1 163 ? 7.091   5.493   15.544  1.00 10.28 ? 163  TRP A CD2 1 
ATOM   1234 N  NE1 . TRP A 1 163 ? 6.279   5.906   17.602  1.00 11.43 ? 163  TRP A NE1 1 
ATOM   1235 C  CE2 . TRP A 1 163 ? 7.250   6.285   16.706  1.00 11.61 ? 163  TRP A CE2 1 
ATOM   1236 C  CE3 . TRP A 1 163 ? 7.979   5.678   14.472  1.00 10.76 ? 163  TRP A CE3 1 
ATOM   1237 C  CZ2 . TRP A 1 163 ? 8.255   7.249   16.824  1.00 10.95 ? 163  TRP A CZ2 1 
ATOM   1238 C  CZ3 . TRP A 1 163 ? 8.967   6.655   14.583  1.00 10.93 ? 163  TRP A CZ3 1 
ATOM   1239 C  CH2 . TRP A 1 163 ? 9.096   7.426   15.754  1.00 10.23 ? 163  TRP A CH2 1 
ATOM   1240 N  N   . MET A 1 164 ? 3.954   6.128   13.592  1.00 9.05  ? 164  MET A N   1 
ATOM   1241 C  CA  . MET A 1 164 ? 3.740   7.581   13.650  1.00 9.29  ? 164  MET A CA  1 
ATOM   1242 C  C   . MET A 1 164 ? 2.280   8.004   13.558  1.00 9.07  ? 164  MET A C   1 
ATOM   1243 O  O   . MET A 1 164 ? 1.833   8.899   14.291  1.00 8.31  ? 164  MET A O   1 
ATOM   1244 C  CB  . MET A 1 164 ? 4.592   8.294   12.594  1.00 9.64  ? 164  MET A CB  1 
ATOM   1245 C  CG  . MET A 1 164 ? 6.081   8.078   12.845  1.00 11.66 ? 164  MET A CG  1 
ATOM   1246 S  SD  . MET A 1 164 ? 7.171   8.992   11.741  1.00 16.85 ? 164  MET A SD  1 
ATOM   1247 C  CE  . MET A 1 164 ? 7.023   10.643  12.391  1.00 16.12 ? 164  MET A CE  1 
ATOM   1248 N  N   . LEU A 1 165 ? 1.530   7.355   12.672  1.00 8.80  ? 165  LEU A N   1 
ATOM   1249 C  CA  . LEU A 1 165 ? 0.112   7.673   12.537  1.00 9.36  ? 165  LEU A CA  1 
ATOM   1250 C  C   . LEU A 1 165 ? -0.651  7.231   13.782  1.00 9.40  ? 165  LEU A C   1 
ATOM   1251 O  O   . LEU A 1 165 ? -1.529  7.946   14.256  1.00 9.43  ? 165  LEU A O   1 
ATOM   1252 C  CB  . LEU A 1 165 ? -0.485  7.018   11.288  1.00 9.58  ? 165  LEU A CB  1 
ATOM   1253 C  CG  . LEU A 1 165 ? 0.001   7.533   9.927   1.00 10.18 ? 165  LEU A CG  1 
ATOM   1254 C  CD1 . LEU A 1 165 ? -0.598  6.700   8.803   1.00 12.17 ? 165  LEU A CD1 1 
ATOM   1255 C  CD2 . LEU A 1 165 ? -0.329  9.007   9.744   1.00 11.80 ? 165  LEU A CD2 1 
ATOM   1256 N  N   . GLN A 1 166 ? -0.309  6.053   14.303  1.00 9.37  ? 166  GLN A N   1 
ATOM   1257 C  CA  . GLN A 1 166 ? -0.904  5.568   15.555  1.00 9.56  ? 166  GLN A CA  1 
ATOM   1258 C  C   . GLN A 1 166 ? -0.619  6.539   16.697  1.00 9.26  ? 166  GLN A C   1 
ATOM   1259 O  O   . GLN A 1 166 ? -1.507  6.843   17.492  1.00 8.81  ? 166  GLN A O   1 
ATOM   1260 C  CB  . GLN A 1 166 ? -0.394  4.158   15.901  1.00 9.47  ? 166  GLN A CB  1 
ATOM   1261 C  CG  . GLN A 1 166 ? -1.050  3.038   15.083  1.00 10.31 ? 166  GLN A CG  1 
ATOM   1262 C  CD  . GLN A 1 166 ? -2.514  2.838   15.446  1.00 12.98 ? 166  GLN A CD  1 
ATOM   1263 O  OE1 . GLN A 1 166 ? -3.396  3.526   14.932  1.00 13.73 ? 166  GLN A OE1 1 
ATOM   1264 N  NE2 . GLN A 1 166 ? -2.777  1.897   16.342  1.00 15.31 ? 166  GLN A NE2 1 
ATOM   1265 N  N   . ALA A 1 167 ? 0.618   7.025   16.775  1.00 9.06  ? 167  ALA A N   1 
ATOM   1266 C  CA  . ALA A 1 167 ? 0.979   7.998   17.813  1.00 9.15  ? 167  ALA A CA  1 
ATOM   1267 C  C   . ALA A 1 167 ? 0.110   9.263   17.722  1.00 9.16  ? 167  ALA A C   1 
ATOM   1268 O  O   . ALA A 1 167 ? -0.355  9.773   18.749  1.00 8.98  ? 167  ALA A O   1 
ATOM   1269 C  CB  . ALA A 1 167 ? 2.485   8.332   17.770  1.00 9.14  ? 167  ALA A CB  1 
ATOM   1270 N  N   . GLU A 1 168 ? -0.129  9.755   16.503  1.00 9.29  ? 168  GLU A N   1 
ATOM   1271 C  CA  . GLU A 1 168 ? -1.035  10.906  16.302  1.00 9.60  ? 168  GLU A CA  1 
ATOM   1272 C  C   . GLU A 1 168 ? -2.463  10.623  16.835  1.00 10.07 ? 168  GLU A C   1 
ATOM   1273 O  O   . GLU A 1 168 ? -3.136  11.528  17.344  1.00 9.83  ? 168  GLU A O   1 
ATOM   1274 C  CB  . GLU A 1 168 ? -1.066  11.325  14.816  1.00 9.80  ? 168  GLU A CB  1 
ATOM   1275 C  CG  . GLU A 1 168 ? -1.971  12.533  14.481  1.00 9.24  ? 168  GLU A CG  1 
ATOM   1276 C  CD  . GLU A 1 168 ? -1.435  13.860  14.989  1.00 9.11  ? 168  GLU A CD  1 
ATOM   1277 O  OE1 . GLU A 1 168 ? -0.209  13.984  15.182  1.00 9.96  ? 168  GLU A OE1 1 
ATOM   1278 O  OE2 . GLU A 1 168 ? -2.239  14.797  15.175  1.00 8.93  ? 168  GLU A OE2 1 
ATOM   1279 N  N   . ARG A 1 169 ? -2.898  9.367   16.728  1.00 10.01 ? 169  ARG A N   1 
ATOM   1280 C  CA  . ARG A 1 169 ? -4.205  8.924   17.242  1.00 10.76 ? 169  ARG A CA  1 
ATOM   1281 C  C   . ARG A 1 169 ? -4.206  8.690   18.760  1.00 11.03 ? 169  ARG A C   1 
ATOM   1282 O  O   . ARG A 1 169 ? -5.250  8.379   19.336  1.00 11.19 ? 169  ARG A O   1 
ATOM   1283 C  CB  . ARG A 1 169 ? -4.623  7.614   16.550  1.00 11.14 ? 169  ARG A CB  1 
ATOM   1284 C  CG  . ARG A 1 169 ? -4.764  7.709   15.037  1.00 10.84 ? 169  ARG A CG  1 
ATOM   1285 C  CD  . ARG A 1 169 ? -5.111  6.347   14.439  1.00 12.45 ? 169  ARG A CD  1 
ATOM   1286 N  NE  . ARG A 1 169 ? -6.496  5.951   14.738  1.00 13.87 ? 169  ARG A NE  1 
ATOM   1287 C  CZ  . ARG A 1 169 ? -6.932  4.692   14.782  1.00 14.38 ? 169  ARG A CZ  1 
ATOM   1288 N  NH1 . ARG A 1 169 ? -6.099  3.679   14.589  1.00 12.45 ? 169  ARG A NH1 1 
ATOM   1289 N  NH2 . ARG A 1 169 ? -8.207  4.442   15.045  1.00 14.28 ? 169  ARG A NH2 1 
ATOM   1290 N  N   . GLY A 1 170 ? -3.038  8.808   19.397  1.00 11.15 ? 170  GLY A N   1 
ATOM   1291 C  CA  . GLY A 1 170 ? -2.887  8.517   20.828  1.00 11.14 ? 170  GLY A CA  1 
ATOM   1292 C  C   . GLY A 1 170 ? -2.712  7.035   21.154  1.00 11.60 ? 170  GLY A C   1 
ATOM   1293 O  O   . GLY A 1 170 ? -2.894  6.633   22.303  1.00 10.91 ? 170  GLY A O   1 
ATOM   1294 N  N   . GLN A 1 171 ? -2.363  6.229   20.148  1.00 11.35 ? 171  GLN A N   1 
ATOM   1295 C  CA  . GLN A 1 171 ? -2.239  4.764   20.293  1.00 11.85 ? 171  GLN A CA  1 
ATOM   1296 C  C   . GLN A 1 171 ? -0.808  4.242   20.050  1.00 12.35 ? 171  GLN A C   1 
ATOM   1297 O  O   . GLN A 1 171 ? 0.021   4.938   19.459  1.00 11.93 ? 171  GLN A O   1 
ATOM   1298 C  CB  . GLN A 1 171 ? -3.180  4.065   19.299  1.00 11.70 ? 171  GLN A CB  1 
ATOM   1299 C  CG  . GLN A 1 171 ? -4.653  4.433   19.463  1.00 11.43 ? 171  GLN A CG  1 
ATOM   1300 C  CD  . GLN A 1 171 ? -5.565  3.650   18.535  1.00 12.03 ? 171  GLN A CD  1 
ATOM   1301 O  OE1 . GLN A 1 171 ? -5.253  2.521   18.131  1.00 12.35 ? 171  GLN A OE1 1 
ATOM   1302 N  NE2 . GLN A 1 171 ? -6.705  4.241   18.197  1.00 11.10 ? 171  GLN A NE2 1 
ATOM   1303 N  N   . GLY A 1 172 ? -0.526  3.020   20.507  1.00 13.14 ? 172  GLY A N   1 
ATOM   1304 C  CA  . GLY A 1 172 ? 0.703   2.309   20.117  1.00 14.43 ? 172  GLY A CA  1 
ATOM   1305 C  C   . GLY A 1 172 ? 0.596   1.693   18.720  1.00 15.59 ? 172  GLY A C   1 
ATOM   1306 O  O   . GLY A 1 172 ? -0.494  1.655   18.145  1.00 14.88 ? 172  GLY A O   1 
ATOM   1307 N  N   . PRO A 1 173 ? 1.729   1.216   18.157  1.00 17.18 ? 173  PRO A N   1 
ATOM   1308 C  CA  . PRO A 1 173 ? 1.747   0.721   16.768  1.00 18.52 ? 173  PRO A CA  1 
ATOM   1309 C  C   . PRO A 1 173 ? 0.835   -0.487  16.551  1.00 20.51 ? 173  PRO A C   1 
ATOM   1310 O  O   . PRO A 1 173 ? 0.159   -0.569  15.517  1.00 20.91 ? 173  PRO A O   1 
ATOM   1311 C  CB  . PRO A 1 173 ? 3.213   0.321   16.543  1.00 18.33 ? 173  PRO A CB  1 
ATOM   1312 C  CG  . PRO A 1 173 ? 3.981   1.031   17.598  1.00 18.13 ? 173  PRO A CG  1 
ATOM   1313 C  CD  . PRO A 1 173 ? 3.069   1.162   18.776  1.00 16.90 ? 173  PRO A CD  1 
ATOM   1314 N  N   . ALA A 1 174 ? 0.807   -1.399  17.522  1.00 22.23 ? 174  ALA A N   1 
ATOM   1315 C  CA  . ALA A 1 174 ? -0.043  -2.595  17.461  1.00 24.48 ? 174  ALA A CA  1 
ATOM   1316 C  C   . ALA A 1 174 ? 0.058   -3.335  16.120  1.00 25.86 ? 174  ALA A C   1 
ATOM   1317 O  O   . ALA A 1 174 ? -0.964  -3.627  15.487  1.00 26.50 ? 174  ALA A O   1 
ATOM   1318 C  CB  . ALA A 1 174 ? -1.511  -2.229  17.779  1.00 24.56 ? 174  ALA A CB  1 
ATOM   1319 N  N   . LEU A 1 175 ? 1.288   -3.619  15.688  1.00 27.02 ? 175  LEU A N   1 
ATOM   1320 C  CA  . LEU A 1 175 ? 1.522   -4.395  14.466  1.00 27.89 ? 175  LEU A CA  1 
ATOM   1321 C  C   . LEU A 1 175 ? 1.022   -5.833  14.617  1.00 28.69 ? 175  LEU A C   1 
ATOM   1322 O  O   . LEU A 1 175 ? 0.430   -6.393  13.685  1.00 29.63 ? 175  LEU A O   1 
ATOM   1323 C  CB  . LEU A 1 175 ? 3.013   -4.402  14.095  1.00 27.85 ? 175  LEU A CB  1 
ATOM   1324 C  CG  . LEU A 1 175 ? 3.744   -3.085  13.786  1.00 27.59 ? 175  LEU A CG  1 
ATOM   1325 C  CD1 . LEU A 1 175 ? 5.215   -3.360  13.428  1.00 26.25 ? 175  LEU A CD1 1 
ATOM   1326 C  CD2 . LEU A 1 175 ? 3.054   -2.277  12.679  1.00 26.16 ? 175  LEU A CD2 1 
HETATM 1327 NA NA  . NA  B 2 .   ? 18.591  -10.971 3.425   0.33 31.51 ? 1175 NA  A NA  1 
HETATM 1328 FE FE  . FE  C 3 .   ? 9.990   5.217   -13.522 1.00 11.72 ? 1176 FE  A FE  1 
HETATM 1329 C  C1  . GOL D 4 .   ? 14.025  4.609   -13.414 1.00 29.11 ? 1177 GOL A C1  1 
HETATM 1330 O  O1  . GOL D 4 .   ? 13.478  4.323   -12.158 1.00 27.73 ? 1177 GOL A O1  1 
HETATM 1331 C  C2  . GOL D 4 .   ? 14.034  6.111   -13.600 1.00 29.21 ? 1177 GOL A C2  1 
HETATM 1332 O  O2  . GOL D 4 .   ? 15.134  6.443   -14.426 1.00 33.55 ? 1177 GOL A O2  1 
HETATM 1333 C  C3  . GOL D 4 .   ? 12.737  6.530   -14.277 1.00 26.63 ? 1177 GOL A C3  1 
HETATM 1334 O  O3  . GOL D 4 .   ? 11.862  5.427   -14.418 1.00 18.89 ? 1177 GOL A O3  1 
HETATM 1335 C  C1  . GOL E 4 .   ? 8.318   -8.735  12.081  1.00 32.10 ? 1178 GOL A C1  1 
HETATM 1336 O  O1  . GOL E 4 .   ? 7.876   -9.671  11.121  1.00 34.10 ? 1178 GOL A O1  1 
HETATM 1337 C  C2  . GOL E 4 .   ? 7.670   -7.382  11.796  1.00 30.87 ? 1178 GOL A C2  1 
HETATM 1338 O  O2  . GOL E 4 .   ? 8.279   -6.779  10.677  1.00 28.03 ? 1178 GOL A O2  1 
HETATM 1339 C  C3  . GOL E 4 .   ? 7.799   -6.428  12.978  1.00 30.99 ? 1178 GOL A C3  1 
HETATM 1340 O  O3  . GOL E 4 .   ? 7.738   -7.117  14.208  1.00 32.42 ? 1178 GOL A O3  1 
HETATM 1341 C  C1  . GOL F 4 .   ? -8.801  6.979   17.355  1.00 46.85 ? 1179 GOL A C1  1 
HETATM 1342 O  O1  . GOL F 4 .   ? -8.907  8.380   17.260  1.00 47.36 ? 1179 GOL A O1  1 
HETATM 1343 C  C2  . GOL F 4 .   ? -10.109 6.368   16.905  1.00 47.53 ? 1179 GOL A C2  1 
HETATM 1344 O  O2  . GOL F 4 .   ? -10.036 6.047   15.532  1.00 48.01 ? 1179 GOL A O2  1 
HETATM 1345 C  C3  . GOL F 4 .   ? -10.464 5.155   17.751  1.00 47.29 ? 1179 GOL A C3  1 
HETATM 1346 O  O3  . GOL F 4 .   ? -11.427 4.370   17.089  1.00 47.89 ? 1179 GOL A O3  1 
HETATM 1347 O  O   . HOH G 5 .   ? -6.834  -17.123 7.835   1.00 52.80 ? 2001 HOH A O   1 
HETATM 1348 O  O   . HOH G 5 .   ? -1.707  -11.333 8.931   1.00 42.48 ? 2002 HOH A O   1 
HETATM 1349 O  O   . HOH G 5 .   ? -2.532  -12.848 -8.398  1.00 42.52 ? 2003 HOH A O   1 
HETATM 1350 O  O   . HOH G 5 .   ? 1.685   -11.493 -13.166 1.00 37.38 ? 2004 HOH A O   1 
HETATM 1351 O  O   . HOH G 5 .   ? -14.210 18.455  16.155  0.50 35.23 ? 2005 HOH A O   1 
HETATM 1352 O  O   . HOH G 5 .   ? 11.782  9.077   -5.821  1.00 40.67 ? 2006 HOH A O   1 
HETATM 1353 O  O   . HOH G 5 .   ? 12.136  8.018   -3.311  1.00 44.53 ? 2007 HOH A O   1 
HETATM 1354 O  O   . HOH G 5 .   ? -3.600  6.047   -10.364 1.00 26.81 ? 2008 HOH A O   1 
HETATM 1355 O  O   . HOH G 5 .   ? -1.176  9.981   -8.728  0.50 20.24 ? 2009 HOH A O   1 
HETATM 1356 O  O   . HOH G 5 .   ? 3.180   -14.911 -16.217 1.00 45.67 ? 2010 HOH A O   1 
HETATM 1357 O  O   . HOH G 5 .   ? 2.410   -14.602 -12.298 1.00 18.20 ? 2011 HOH A O   1 
HETATM 1358 O  O   . HOH G 5 .   ? -11.597 16.691  14.322  1.00 31.12 ? 2012 HOH A O   1 
HETATM 1359 O  O   . HOH G 5 .   ? -15.513 16.675  11.451  1.00 30.45 ? 2013 HOH A O   1 
HETATM 1360 O  O   . HOH G 5 .   ? 9.435   -14.203 -16.152 1.00 36.94 ? 2014 HOH A O   1 
HETATM 1361 O  O   . HOH G 5 .   ? 4.195   -12.432 -16.570 1.00 29.00 ? 2015 HOH A O   1 
HETATM 1362 O  O   . HOH G 5 .   ? -7.966  15.732  16.678  1.00 50.49 ? 2016 HOH A O   1 
HETATM 1363 O  O   . HOH G 5 .   ? -1.387  -10.608 -9.244  1.00 15.54 ? 2017 HOH A O   1 
HETATM 1364 O  O   . HOH G 5 .   ? -0.809  -10.593 -12.035 1.00 30.97 ? 2018 HOH A O   1 
HETATM 1365 O  O   . HOH G 5 .   ? 3.095   21.020  -2.478  1.00 46.91 ? 2019 HOH A O   1 
HETATM 1366 O  O   . HOH G 5 .   ? 0.609   16.133  -5.860  1.00 20.00 ? 2020 HOH A O   1 
HETATM 1367 O  O   . HOH G 5 .   ? 1.608   13.814  -7.031  1.00 16.72 ? 2021 HOH A O   1 
HETATM 1368 O  O   . HOH G 5 .   ? 5.371   11.572  -7.247  1.00 16.69 ? 2022 HOH A O   1 
HETATM 1369 O  O   . HOH G 5 .   ? 9.400   11.424  -4.449  1.00 40.73 ? 2023 HOH A O   1 
HETATM 1370 O  O   . HOH G 5 .   ? 10.355  7.903   -1.111  1.00 28.76 ? 2024 HOH A O   1 
HETATM 1371 O  O   . HOH G 5 .   ? 11.254  4.320   -2.221  1.00 35.24 ? 2025 HOH A O   1 
HETATM 1372 O  O   . HOH G 5 .   ? 10.520  7.552   -7.933  1.00 19.16 ? 2026 HOH A O   1 
HETATM 1373 O  O   . HOH G 5 .   ? 12.487  5.109   -4.954  1.00 41.68 ? 2027 HOH A O   1 
HETATM 1374 O  O   . HOH G 5 .   ? 14.762  -2.270  -8.655  1.00 11.54 ? 2028 HOH A O   1 
HETATM 1375 O  O   . HOH G 5 .   ? 14.958  1.282   -0.663  1.00 39.39 ? 2029 HOH A O   1 
HETATM 1376 O  O   . HOH G 5 .   ? -3.373  6.605   -7.695  1.00 11.31 ? 2030 HOH A O   1 
HETATM 1377 O  O   . HOH G 5 .   ? -1.294  4.719   -10.346 1.00 17.84 ? 2031 HOH A O   1 
HETATM 1378 O  O   . HOH G 5 .   ? -2.036  -10.055 -15.487 1.00 43.31 ? 2032 HOH A O   1 
HETATM 1379 O  O   . HOH G 5 .   ? -10.124 0.825   -18.769 1.00 44.12 ? 2033 HOH A O   1 
HETATM 1380 O  O   . HOH G 5 .   ? -3.535  9.238   -6.495  1.00 14.89 ? 2034 HOH A O   1 
HETATM 1381 O  O   . HOH G 5 .   ? -7.982  10.139  -5.332  1.00 9.93  ? 2035 HOH A O   1 
HETATM 1382 O  O   . HOH G 5 .   ? -13.602 1.150   -12.123 0.50 23.03 ? 2036 HOH A O   1 
HETATM 1383 O  O   . HOH G 5 .   ? -5.719  11.014  -6.858  1.00 10.17 ? 2037 HOH A O   1 
HETATM 1384 O  O   . HOH G 5 .   ? -7.680  -4.497  4.865   1.00 46.76 ? 2038 HOH A O   1 
HETATM 1385 O  O   . HOH G 5 .   ? -14.081 8.924   2.380   0.50 16.26 ? 2039 HOH A O   1 
HETATM 1386 O  O   . HOH G 5 .   ? -11.803 6.052   -0.263  1.00 13.75 ? 2040 HOH A O   1 
HETATM 1387 O  O   . HOH G 5 .   ? -9.657  8.443   2.209   1.00 16.11 ? 2041 HOH A O   1 
HETATM 1388 O  O   . HOH G 5 .   ? -5.577  16.590  4.746   1.00 10.42 ? 2042 HOH A O   1 
HETATM 1389 O  O   . HOH G 5 .   ? -10.744 20.321  2.723   1.00 11.04 ? 2043 HOH A O   1 
HETATM 1390 O  O   . HOH G 5 .   ? -9.616  13.664  16.468  1.00 46.75 ? 2044 HOH A O   1 
HETATM 1391 O  O   . HOH G 5 .   ? -13.467 14.906  5.675   1.00 12.95 ? 2045 HOH A O   1 
HETATM 1392 O  O   . HOH G 5 .   ? -15.509 21.931  1.720   1.00 23.52 ? 2046 HOH A O   1 
HETATM 1393 O  O   . HOH G 5 .   ? -11.747 15.536  8.517   1.00 10.86 ? 2047 HOH A O   1 
HETATM 1394 O  O   . HOH G 5 .   ? -18.395 23.171  0.389   1.00 25.56 ? 2048 HOH A O   1 
HETATM 1395 O  O   . HOH G 5 .   ? -13.095 21.705  2.964   1.00 13.30 ? 2049 HOH A O   1 
HETATM 1396 O  O   . HOH G 5 .   ? -12.821 16.482  12.238  1.00 19.34 ? 2050 HOH A O   1 
HETATM 1397 O  O   . HOH G 5 .   ? -19.821 21.590  2.202   1.00 42.55 ? 2051 HOH A O   1 
HETATM 1398 O  O   . HOH G 5 .   ? -9.025  17.368  14.799  1.00 29.64 ? 2052 HOH A O   1 
HETATM 1399 O  O   . HOH G 5 .   ? -6.189  16.874  15.279  1.00 26.17 ? 2053 HOH A O   1 
HETATM 1400 O  O   . HOH G 5 .   ? 2.029   23.024  8.974   1.00 31.81 ? 2054 HOH A O   1 
HETATM 1401 O  O   . HOH G 5 .   ? -0.918  23.567  5.198   1.00 33.08 ? 2055 HOH A O   1 
HETATM 1402 O  O   . HOH G 5 .   ? -3.855  18.655  16.669  1.00 31.01 ? 2056 HOH A O   1 
HETATM 1403 O  O   . HOH G 5 .   ? 3.158   18.193  8.376   1.00 19.33 ? 2057 HOH A O   1 
HETATM 1404 O  O   . HOH G 5 .   ? 4.118   18.232  1.815   1.00 34.18 ? 2058 HOH A O   1 
HETATM 1405 O  O   . HOH G 5 .   ? 5.228   8.973   8.927   1.00 34.83 ? 2059 HOH A O   1 
HETATM 1406 O  O   . HOH G 5 .   ? 5.821   13.235  9.530   1.00 30.95 ? 2060 HOH A O   1 
HETATM 1407 O  O   . HOH G 5 .   ? 19.283  -3.950  2.199   0.33 47.17 ? 2061 HOH A O   1 
HETATM 1408 O  O   . HOH G 5 .   ? 11.798  3.365   6.395   1.00 22.47 ? 2062 HOH A O   1 
HETATM 1409 O  O   . HOH G 5 .   ? 12.684  2.681   1.876   1.00 43.27 ? 2063 HOH A O   1 
HETATM 1410 O  O   . HOH G 5 .   ? 14.710  0.518   4.977   1.00 28.70 ? 2064 HOH A O   1 
HETATM 1411 O  O   . HOH G 5 .   ? -0.598  19.266  -2.993  1.00 11.41 ? 2065 HOH A O   1 
HETATM 1412 O  O   . HOH G 5 .   ? 2.241   19.678  0.253   1.00 23.93 ? 2066 HOH A O   1 
HETATM 1413 O  O   . HOH G 5 .   ? -1.825  13.944  -0.797  1.00 9.07  ? 2067 HOH A O   1 
HETATM 1414 O  O   . HOH G 5 .   ? -1.216  16.372  -4.002  1.00 10.87 ? 2068 HOH A O   1 
HETATM 1415 O  O   . HOH G 5 .   ? 10.609  5.252   6.065   1.00 32.50 ? 2069 HOH A O   1 
HETATM 1416 O  O   . HOH G 5 .   ? 7.732   11.637  0.706   1.00 19.33 ? 2070 HOH A O   1 
HETATM 1417 O  O   . HOH G 5 .   ? 4.432   17.827  6.134   1.00 33.19 ? 2071 HOH A O   1 
HETATM 1418 O  O   . HOH G 5 .   ? 13.569  3.422   8.419   1.00 18.04 ? 2072 HOH A O   1 
HETATM 1419 O  O   . HOH G 5 .   ? 3.166   12.082  -5.651  1.00 15.69 ? 2073 HOH A O   1 
HETATM 1420 O  O   . HOH G 5 .   ? 5.869   14.660  -6.975  0.50 30.22 ? 2074 HOH A O   1 
HETATM 1421 O  O   . HOH G 5 .   ? 7.241   10.165  -5.753  1.00 13.09 ? 2075 HOH A O   1 
HETATM 1422 O  O   . HOH G 5 .   ? 7.643   14.316  -0.252  1.00 28.79 ? 2076 HOH A O   1 
HETATM 1423 O  O   . HOH G 5 .   ? 3.957   16.926  -3.564  1.00 52.61 ? 2077 HOH A O   1 
HETATM 1424 O  O   . HOH G 5 .   ? -4.883  10.928  22.922  1.00 22.35 ? 2078 HOH A O   1 
HETATM 1425 O  O   . HOH G 5 .   ? -4.838  -0.713  14.780  1.00 42.11 ? 2079 HOH A O   1 
HETATM 1426 O  O   . HOH G 5 .   ? -8.475  13.997  20.780  1.00 44.69 ? 2080 HOH A O   1 
HETATM 1427 O  O   . HOH G 5 .   ? 9.179   10.297  -1.520  1.00 31.03 ? 2081 HOH A O   1 
HETATM 1428 O  O   . HOH G 5 .   ? 9.028   5.569   -0.894  1.00 19.18 ? 2082 HOH A O   1 
HETATM 1429 O  O   . HOH G 5 .   ? 6.347   9.072   3.783   1.00 28.50 ? 2083 HOH A O   1 
HETATM 1430 O  O   . HOH G 5 .   ? -1.053  -1.336  21.597  1.00 39.43 ? 2084 HOH A O   1 
HETATM 1431 O  O   . HOH G 5 .   ? -1.128  10.243  -7.232  0.50 5.85  ? 2085 HOH A O   1 
HETATM 1432 O  O   . HOH G 5 .   ? 8.037   8.514   -7.982  1.00 23.41 ? 2086 HOH A O   1 
HETATM 1433 O  O   . HOH G 5 .   ? -0.653  6.598   -8.328  1.00 15.58 ? 2087 HOH A O   1 
HETATM 1434 O  O   . HOH G 5 .   ? 2.710   8.336   -9.874  1.00 19.82 ? 2088 HOH A O   1 
HETATM 1435 O  O   . HOH G 5 .   ? 4.887   6.517   -9.642  1.00 14.53 ? 2089 HOH A O   1 
HETATM 1436 O  O   . HOH G 5 .   ? 10.913  5.003   -7.164  1.00 12.53 ? 2090 HOH A O   1 
HETATM 1437 O  O   . HOH G 5 .   ? 5.279   4.393   1.203   1.00 25.72 ? 2091 HOH A O   1 
HETATM 1438 O  O   . HOH G 5 .   ? 11.893  3.826   -9.406  1.00 15.29 ? 2092 HOH A O   1 
HETATM 1439 O  O   . HOH G 5 .   ? 11.584  7.814   -10.503 1.00 15.44 ? 2093 HOH A O   1 
HETATM 1440 O  O   . HOH G 5 .   ? 13.829  2.772   -3.136  1.00 41.56 ? 2094 HOH A O   1 
HETATM 1441 O  O   . HOH G 5 .   ? 14.392  -2.705  -6.101  1.00 15.66 ? 2095 HOH A O   1 
HETATM 1442 O  O   . HOH G 5 .   ? 13.725  -0.538  -2.277  1.00 18.24 ? 2096 HOH A O   1 
HETATM 1443 O  O   . HOH G 5 .   ? 16.441  0.187   -5.267  1.00 30.11 ? 2097 HOH A O   1 
HETATM 1444 O  O   . HOH G 5 .   ? 9.932   1.080   -3.178  1.00 35.12 ? 2098 HOH A O   1 
HETATM 1445 O  O   . HOH G 5 .   ? 12.714  -1.134  -10.025 1.00 10.95 ? 2099 HOH A O   1 
HETATM 1446 O  O   . HOH G 5 .   ? 12.933  1.543   -10.737 1.00 13.65 ? 2100 HOH A O   1 
HETATM 1447 O  O   . HOH G 5 .   ? 8.864   -7.614  -18.974 1.00 11.36 ? 2101 HOH A O   1 
HETATM 1448 O  O   . HOH G 5 .   ? 14.197  -2.487  -12.218 1.00 12.43 ? 2102 HOH A O   1 
HETATM 1449 O  O   . HOH G 5 .   ? 13.571  -10.638 -17.472 1.00 23.18 ? 2103 HOH A O   1 
HETATM 1450 O  O   . HOH G 5 .   ? 13.322  -13.060 -16.382 1.00 47.70 ? 2104 HOH A O   1 
HETATM 1451 O  O   . HOH G 5 .   ? 5.134   -10.037 -19.850 1.00 40.43 ? 2105 HOH A O   1 
HETATM 1452 O  O   . HOH G 5 .   ? 8.300   -13.366 -19.127 1.00 54.28 ? 2106 HOH A O   1 
HETATM 1453 O  O   . HOH G 5 .   ? -0.741  -7.543  -15.955 1.00 30.20 ? 2107 HOH A O   1 
HETATM 1454 O  O   . HOH G 5 .   ? 3.243   -10.151 -15.041 1.00 17.54 ? 2108 HOH A O   1 
HETATM 1455 O  O   . HOH G 5 .   ? -4.303  -10.355 -13.320 1.00 42.01 ? 2109 HOH A O   1 
HETATM 1456 O  O   . HOH G 5 .   ? -3.370  -8.964  -8.829  1.00 20.03 ? 2110 HOH A O   1 
HETATM 1457 O  O   . HOH G 5 .   ? -8.351  -1.544  -18.454 1.00 27.80 ? 2111 HOH A O   1 
HETATM 1458 O  O   . HOH G 5 .   ? -12.343 -1.829  -12.607 1.00 34.37 ? 2112 HOH A O   1 
HETATM 1459 O  O   . HOH G 5 .   ? -1.939  -2.988  -18.194 1.00 13.38 ? 2113 HOH A O   1 
HETATM 1460 O  O   . HOH G 5 .   ? -2.414  -6.045  -17.666 1.00 31.61 ? 2114 HOH A O   1 
HETATM 1461 O  O   . HOH G 5 .   ? -9.960  -3.951  -15.868 1.00 41.55 ? 2115 HOH A O   1 
HETATM 1462 O  O   . HOH G 5 .   ? -10.862 1.657   -6.591  0.50 10.84 ? 2116 HOH A O   1 
HETATM 1463 O  O   . HOH G 5 .   ? -11.198 2.391   -11.992 0.50 32.60 ? 2117 HOH A O   1 
HETATM 1464 O  O   . HOH G 5 .   ? -11.330 -4.407  -6.060  1.00 39.20 ? 2118 HOH A O   1 
HETATM 1465 O  O   . HOH G 5 .   ? -6.235  -9.311  -7.056  0.80 36.88 ? 2119 HOH A O   1 
HETATM 1466 O  O   . HOH G 5 .   ? -8.343  -7.161  -15.666 1.00 32.73 ? 2120 HOH A O   1 
HETATM 1467 O  O   . HOH G 5 .   ? -8.213  -9.922  -8.834  1.00 41.98 ? 2121 HOH A O   1 
HETATM 1468 O  O   . HOH G 5 .   ? -10.294 -7.382  -5.419  1.00 39.75 ? 2122 HOH A O   1 
HETATM 1469 O  O   . HOH G 5 .   ? -8.686  -4.328  2.502   1.00 46.61 ? 2123 HOH A O   1 
HETATM 1470 O  O   . HOH G 5 .   ? -7.560  -9.048  -6.050  0.20 2.22  ? 2124 HOH A O   1 
HETATM 1471 O  O   . HOH G 5 .   ? -10.525 -0.799  -5.301  1.00 18.61 ? 2125 HOH A O   1 
HETATM 1472 O  O   . HOH G 5 .   ? -11.359 -4.381  -3.380  1.00 37.47 ? 2126 HOH A O   1 
HETATM 1473 O  O   . HOH G 5 .   ? -13.565 2.291   2.075   1.00 47.32 ? 2127 HOH A O   1 
HETATM 1474 O  O   . HOH G 5 .   ? -13.445 0.071   -4.298  1.00 31.89 ? 2128 HOH A O   1 
HETATM 1475 O  O   . HOH G 5 .   ? -16.031 1.456   0.787   1.00 49.83 ? 2129 HOH A O   1 
HETATM 1476 O  O   . HOH G 5 .   ? -10.227 7.021   -2.296  1.00 10.70 ? 2130 HOH A O   1 
HETATM 1477 O  O   . HOH G 5 .   ? -12.185 2.832   -7.010  0.50 10.18 ? 2131 HOH A O   1 
HETATM 1478 O  O   . HOH G 5 .   ? -18.951 8.100   1.027   1.00 31.39 ? 2132 HOH A O   1 
HETATM 1479 O  O   . HOH G 5 .   ? -15.916 8.801   2.351   0.50 19.59 ? 2133 HOH A O   1 
HETATM 1480 O  O   . HOH G 5 .   ? -18.967 5.077   -1.990  1.00 33.98 ? 2134 HOH A O   1 
HETATM 1481 O  O   . HOH G 5 .   ? -17.324 13.192  -3.426  1.00 22.04 ? 2135 HOH A O   1 
HETATM 1482 O  O   . HOH G 5 .   ? -21.107 15.915  3.602   1.00 57.99 ? 2136 HOH A O   1 
HETATM 1483 O  O   . HOH G 5 .   ? -13.850 11.781  2.606   1.00 13.91 ? 2137 HOH A O   1 
HETATM 1484 O  O   . HOH G 5 .   ? -19.542 15.952  1.420   1.00 17.81 ? 2138 HOH A O   1 
HETATM 1485 O  O   . HOH G 5 .   ? -18.132 18.229  8.507   1.00 35.98 ? 2139 HOH A O   1 
HETATM 1486 O  O   . HOH G 5 .   ? -15.823 17.330  8.946   1.00 34.46 ? 2140 HOH A O   1 
HETATM 1487 O  O   . HOH G 5 .   ? -19.006 10.207  6.321   1.00 38.65 ? 2141 HOH A O   1 
HETATM 1488 O  O   . HOH G 5 .   ? -19.956 17.801  5.137   1.00 48.05 ? 2142 HOH A O   1 
HETATM 1489 O  O   . HOH G 5 .   ? -12.990 4.500   3.579   1.00 42.49 ? 2143 HOH A O   1 
HETATM 1490 O  O   . HOH G 5 .   ? -10.377 8.532   4.736   1.00 13.36 ? 2144 HOH A O   1 
HETATM 1491 O  O   . HOH G 5 .   ? -18.609 8.279   7.924   1.00 28.59 ? 2145 HOH A O   1 
HETATM 1492 O  O   . HOH G 5 .   ? -11.573 13.855  14.799  1.00 11.94 ? 2146 HOH A O   1 
HETATM 1493 O  O   . HOH G 5 .   ? -18.462 11.315  9.991   1.00 17.22 ? 2147 HOH A O   1 
HETATM 1494 O  O   . HOH G 5 .   ? -14.906 5.346   9.805   1.00 36.73 ? 2148 HOH A O   1 
HETATM 1495 O  O   . HOH G 5 .   ? -12.272 5.450   9.138   1.00 20.18 ? 2149 HOH A O   1 
HETATM 1496 O  O   . HOH G 5 .   ? -7.441  1.820   12.041  1.00 30.12 ? 2150 HOH A O   1 
HETATM 1497 O  O   . HOH G 5 .   ? -10.274 -1.765  2.131   1.00 22.02 ? 2151 HOH A O   1 
HETATM 1498 O  O   . HOH G 5 .   ? -11.317 4.128   1.579   1.00 19.26 ? 2152 HOH A O   1 
HETATM 1499 O  O   . HOH G 5 .   ? -8.885  -2.157  4.163   1.00 36.00 ? 2153 HOH A O   1 
HETATM 1500 O  O   . HOH G 5 .   ? -6.207  -3.300  7.042   1.00 36.07 ? 2154 HOH A O   1 
HETATM 1501 O  O   . HOH G 5 .   ? -10.036 1.397   12.266  1.00 56.00 ? 2155 HOH A O   1 
HETATM 1502 O  O   . HOH G 5 .   ? 3.533   6.467   2.125   1.00 13.85 ? 2156 HOH A O   1 
HETATM 1503 O  O   . HOH G 5 .   ? 2.324   -4.549  10.371  1.00 35.63 ? 2157 HOH A O   1 
HETATM 1504 O  O   . HOH G 5 .   ? 4.141   1.209   0.792   1.00 16.39 ? 2158 HOH A O   1 
HETATM 1505 O  O   . HOH G 5 .   ? 10.133  -12.762 6.862   1.00 34.88 ? 2159 HOH A O   1 
HETATM 1506 O  O   . HOH G 5 .   ? 2.895   -16.060 2.802   1.00 28.99 ? 2160 HOH A O   1 
HETATM 1507 O  O   . HOH G 5 .   ? 9.067   -18.605 2.123   1.00 27.72 ? 2161 HOH A O   1 
HETATM 1508 O  O   . HOH G 5 .   ? 9.741   -14.837 4.765   1.00 32.14 ? 2162 HOH A O   1 
HETATM 1509 O  O   . HOH G 5 .   ? 4.592   -15.386 7.006   1.00 29.56 ? 2163 HOH A O   1 
HETATM 1510 O  O   . HOH G 5 .   ? 15.523  -14.625 -1.622  1.00 41.14 ? 2164 HOH A O   1 
HETATM 1511 O  O   . HOH G 5 .   ? 12.426  -12.772 3.973   1.00 22.32 ? 2165 HOH A O   1 
HETATM 1512 O  O   . HOH G 5 .   ? 10.381  -17.365 4.213   1.00 43.34 ? 2166 HOH A O   1 
HETATM 1513 O  O   . HOH G 5 .   ? 7.758   -22.192 -5.519  1.00 44.04 ? 2167 HOH A O   1 
HETATM 1514 O  O   . HOH G 5 .   ? 6.006   -19.289 0.533   1.00 48.64 ? 2168 HOH A O   1 
HETATM 1515 O  O   . HOH G 5 .   ? 13.144  -15.879 -9.156  1.00 51.14 ? 2169 HOH A O   1 
HETATM 1516 O  O   . HOH G 5 .   ? 7.101   -21.006 -7.757  1.00 46.73 ? 2170 HOH A O   1 
HETATM 1517 O  O   . HOH G 5 .   ? 18.659  -13.779 -6.388  1.00 23.23 ? 2171 HOH A O   1 
HETATM 1518 O  O   . HOH G 5 .   ? 18.386  -17.317 -6.291  1.00 47.25 ? 2172 HOH A O   1 
HETATM 1519 O  O   . HOH G 5 .   ? 17.385  -10.450 -0.164  1.00 22.50 ? 2173 HOH A O   1 
HETATM 1520 O  O   . HOH G 5 .   ? 15.747  -4.186  -4.218  1.00 10.85 ? 2174 HOH A O   1 
HETATM 1521 O  O   . HOH G 5 .   ? 16.627  -13.011 0.247   1.00 43.99 ? 2175 HOH A O   1 
HETATM 1522 O  O   . HOH G 5 .   ? 14.638  -11.615 4.220   1.00 34.75 ? 2176 HOH A O   1 
HETATM 1523 O  O   . HOH G 5 .   ? 16.425  -9.701  1.747   1.00 14.11 ? 2177 HOH A O   1 
HETATM 1524 O  O   . HOH G 5 .   ? 16.759  -11.947 2.712   1.00 38.52 ? 2178 HOH A O   1 
HETATM 1525 O  O   . HOH G 5 .   ? 19.404  -4.758  -1.670  1.00 24.37 ? 2179 HOH A O   1 
HETATM 1526 O  O   . HOH G 5 .   ? 16.285  -3.234  1.378   1.00 32.61 ? 2180 HOH A O   1 
HETATM 1527 O  O   . HOH G 5 .   ? 15.587  -2.612  -1.944  1.00 19.70 ? 2181 HOH A O   1 
HETATM 1528 O  O   . HOH G 5 .   ? 18.747  -9.394  3.130   0.33 27.00 ? 2182 HOH A O   1 
HETATM 1529 O  O   . HOH G 5 .   ? 18.995  -6.894  2.662   0.33 45.85 ? 2183 HOH A O   1 
HETATM 1530 O  O   . HOH G 5 .   ? 17.321  -7.431  2.784   0.67 33.22 ? 2184 HOH A O   1 
HETATM 1531 O  O   . HOH G 5 .   ? 11.203  -0.736  -1.348  1.00 16.36 ? 2185 HOH A O   1 
HETATM 1532 O  O   . HOH G 5 .   ? 15.446  -8.663  3.663   1.00 18.36 ? 2186 HOH A O   1 
HETATM 1533 O  O   . HOH G 5 .   ? 12.508  1.660   4.429   1.00 22.39 ? 2187 HOH A O   1 
HETATM 1534 O  O   . HOH G 5 .   ? 6.052   1.422   2.557   1.00 17.70 ? 2188 HOH A O   1 
HETATM 1535 O  O   . HOH G 5 .   ? 3.411   -8.958  9.132   1.00 43.62 ? 2189 HOH A O   1 
HETATM 1536 O  O   . HOH G 5 .   ? 10.409  0.460   10.809  1.00 12.30 ? 2190 HOH A O   1 
HETATM 1537 O  O   . HOH G 5 .   ? 14.396  -2.300  5.771   1.00 17.10 ? 2191 HOH A O   1 
HETATM 1538 O  O   . HOH G 5 .   ? 10.687  1.408   0.425   1.00 22.54 ? 2192 HOH A O   1 
HETATM 1539 O  O   . HOH G 5 .   ? 8.125   5.636   6.808   1.00 38.41 ? 2193 HOH A O   1 
HETATM 1540 O  O   . HOH G 5 .   ? 5.277   3.569   4.017   1.00 40.14 ? 2194 HOH A O   1 
HETATM 1541 O  O   . HOH G 5 .   ? 4.175   -6.133  10.859  1.00 34.22 ? 2195 HOH A O   1 
HETATM 1542 O  O   . HOH G 5 .   ? 9.907   -4.630  7.829   1.00 14.34 ? 2196 HOH A O   1 
HETATM 1543 O  O   . HOH G 5 .   ? 14.456  5.494   9.437   1.00 29.20 ? 2197 HOH A O   1 
HETATM 1544 O  O   . HOH G 5 .   ? 11.711  7.315   7.345   1.00 38.01 ? 2198 HOH A O   1 
HETATM 1545 O  O   . HOH G 5 .   ? 5.333   6.589   4.334   1.00 21.94 ? 2199 HOH A O   1 
HETATM 1546 O  O   . HOH G 5 .   ? 7.345   7.720   8.192   1.00 46.84 ? 2200 HOH A O   1 
HETATM 1547 O  O   . HOH G 5 .   ? -5.599  12.419  16.624  1.00 15.24 ? 2201 HOH A O   1 
HETATM 1548 O  O   . HOH G 5 .   ? -4.890  14.581  15.138  1.00 12.74 ? 2202 HOH A O   1 
HETATM 1549 O  O   . HOH G 5 .   ? -7.538  6.885   19.295  1.00 10.37 ? 2203 HOH A O   1 
HETATM 1550 O  O   . HOH G 5 .   ? -6.842  10.385  20.994  1.00 35.58 ? 2204 HOH A O   1 
HETATM 1551 O  O   . HOH G 5 .   ? -9.144  2.633   16.994  0.50 17.29 ? 2205 HOH A O   1 
HETATM 1552 O  O   . HOH G 5 .   ? -2.197  4.997   24.290  1.00 26.10 ? 2206 HOH A O   1 
HETATM 1553 O  O   . HOH G 5 .   ? -3.245  8.830   24.255  1.00 29.37 ? 2207 HOH A O   1 
HETATM 1554 O  O   . HOH G 5 .   ? 2.352   4.663   18.168  1.00 10.12 ? 2208 HOH A O   1 
HETATM 1555 O  O   . HOH G 5 .   ? -8.344  1.464   17.153  0.50 16.95 ? 2209 HOH A O   1 
HETATM 1556 O  O   . HOH G 5 .   ? -6.304  0.593   16.516  1.00 38.76 ? 2210 HOH A O   1 
HETATM 1557 O  O   . HOH G 5 .   ? -2.567  1.362   21.722  1.00 25.98 ? 2211 HOH A O   1 
HETATM 1558 O  O   . HOH G 5 .   ? -2.164  -1.018  14.464  1.00 33.63 ? 2212 HOH A O   1 
HETATM 1559 O  O   . HOH G 5 .   ? 1.570   -1.305  20.327  1.00 32.15 ? 2213 HOH A O   1 
HETATM 1560 O  O   . HOH G 5 .   ? -3.636  -3.581  15.398  1.00 54.69 ? 2214 HOH A O   1 
HETATM 1561 O  O   . HOH G 5 .   ? 2.620   -3.457  19.473  1.00 41.41 ? 2215 HOH A O   1 
HETATM 1562 O  O   . HOH G 5 .   ? 15.543  7.699   -16.965 1.00 17.04 ? 2216 HOH A O   1 
HETATM 1563 O  O   . HOH G 5 .   ? 17.967  6.712   -15.624 1.00 43.11 ? 2217 HOH A O   1 
HETATM 1564 O  O   . HOH G 5 .   ? 13.878  5.486   -9.529  1.00 38.20 ? 2218 HOH A O   1 
HETATM 1565 O  O   . HOH G 5 .   ? 10.201  -7.257  8.699   1.00 12.35 ? 2219 HOH A O   1 
HETATM 1566 O  O   . HOH G 5 .   ? 9.961   -8.095  15.261  1.00 16.66 ? 2220 HOH A O   1 
HETATM 1567 O  O   . HOH G 5 .   ? -8.248  7.954   14.730  1.00 15.98 ? 2221 HOH A O   1 
HETATM 1568 O  O   . HOH G 5 .   ? -7.678  10.633  16.092  1.00 19.21 ? 2222 HOH A O   1 
HETATM 1569 O  O   . HOH G 5 .   ? -9.587  10.563  18.043  1.00 29.15 ? 2223 HOH A O   1 
# 
